data_5M67
#
_entry.id   5M67
#
_cell.length_a   107.484
_cell.length_b   174.532
_cell.length_c   96.620
_cell.angle_alpha   90.00
_cell.angle_beta   90.00
_cell.angle_gamma   90.00
#
_symmetry.space_group_name_H-M   'P 21 21 2'
#
loop_
_entity.id
_entity.type
_entity.pdbx_description
1 polymer Adenosylhomocysteinase
2 non-polymer 'SODIUM ION'
3 non-polymer NICOTINAMIDE-ADENINE-DINUCLEOTIDE
4 non-polymer ADENINE
5 non-polymer DI(HYDROXYETHYL)ETHER
6 non-polymer 'ACETATE ION'
7 non-polymer (2R,3S,5R)-5-(6-amino-9H-purin-9-yl)-tetrahydro-2-(hydroxymethyl)furan-3-ol
8 water water
#
_entity_poly.entity_id   1
_entity_poly.type   'polypeptide(L)'
_entity_poly.pdbx_seq_one_letter_code
;GIDPFTMNAKPGFTDYIVKDIALADFGRKEISLAETEMPGLMATREEYGPKQPLKGARIAGSLHMTIQTAVLIETLAALG
ADIRWVSCNIYSTQDHAAAAIAAAGIPVFAVKGETLTEYWDYTAKLFDWHGGGTPNMILDDGGDATMLVHAGYRAEQGDT
AFLDKPGSEEEEIFYALVKRLLKEKPKGWFAEIAKNIKGVSEETTTGVHRLYEMANKGTLLFPAINVNDSVTKSKFDNLY
GCRESLVDGIRRGTDVMLSGKVAMVAGFGDVGKGSAASLRQAGCRVMVSEVDPICALQAAMEGYEVVTMEDAAPRADIFV
TATGNKDIITIEHMRAMKDRAIVCNIGHFDNEIQIASLRNLKWTNIKPQVDEIEFPDKHRIIMLSEGRLVNLGNAMGHPS
FVMSASFTNQTLAQIELFANNKDSKYAKKVYVLPKTLDEKVARLHLAKIGVKLTELRKDQADYIGVKQEGPYKSDHYRY
;
_entity_poly.pdbx_strand_id   A,B,C,D
#
loop_
_chem_comp.id
_chem_comp.type
_chem_comp.name
_chem_comp.formula
3D1 non-polymer (2R,3S,5R)-5-(6-amino-9H-purin-9-yl)-tetrahydro-2-(hydroxymethyl)furan-3-ol 'C10 H13 N5 O3'
ACT non-polymer 'ACETATE ION' 'C2 H3 O2 -1'
ADE non-polymer ADENINE 'C5 H5 N5'
NA non-polymer 'SODIUM ION' 'Na 1'
NAD non-polymer NICOTINAMIDE-ADENINE-DINUCLEOTIDE 'C21 H27 N7 O14 P2'
PEG non-polymer DI(HYDROXYETHYL)ETHER 'C4 H10 O3'
#
# COMPACT_ATOMS: atom_id res chain seq x y z
N GLY A 12 -29.86 25.41 -38.08
CA GLY A 12 -31.11 24.71 -38.34
C GLY A 12 -31.18 23.24 -37.91
N PHE A 13 -30.16 22.76 -37.17
CA PHE A 13 -30.14 21.40 -36.65
C PHE A 13 -30.89 21.33 -35.31
N THR A 14 -31.87 20.43 -35.24
CA THR A 14 -32.79 20.29 -34.14
C THR A 14 -32.96 18.85 -33.68
N ASP A 15 -32.24 17.89 -34.29
CA ASP A 15 -32.53 16.46 -34.08
C ASP A 15 -31.74 15.94 -32.89
N TYR A 16 -32.12 16.42 -31.70
CA TYR A 16 -31.39 16.09 -30.48
C TYR A 16 -32.25 16.43 -29.28
N ILE A 17 -31.92 15.82 -28.15
CA ILE A 17 -32.53 16.17 -26.84
C ILE A 17 -31.39 16.15 -25.84
N VAL A 18 -31.07 17.32 -25.29
CA VAL A 18 -30.01 17.44 -24.28
C VAL A 18 -30.53 18.42 -23.23
N LYS A 19 -29.84 18.46 -22.09
CA LYS A 19 -30.33 19.32 -21.01
C LYS A 19 -30.20 20.80 -21.38
N ASP A 20 -29.07 21.20 -21.95
CA ASP A 20 -28.85 22.62 -22.20
C ASP A 20 -27.77 22.71 -23.27
N ILE A 21 -28.18 23.08 -24.48
CA ILE A 21 -27.24 23.19 -25.60
C ILE A 21 -26.13 24.20 -25.33
N ALA A 22 -26.36 25.18 -24.44
CA ALA A 22 -25.37 26.21 -24.15
C ALA A 22 -24.16 25.66 -23.38
N LEU A 23 -24.24 24.42 -22.92
CA LEU A 23 -23.08 23.76 -22.31
C LEU A 23 -22.06 23.24 -23.34
N ALA A 24 -22.32 23.42 -24.61
CA ALA A 24 -21.47 22.82 -25.64
C ALA A 24 -20.05 23.33 -25.59
N ASP A 25 -19.85 24.64 -25.35
CA ASP A 25 -18.47 25.14 -25.35
C ASP A 25 -17.66 24.49 -24.24
N PHE A 26 -18.29 24.30 -23.07
CA PHE A 26 -17.61 23.65 -21.94
C PHE A 26 -17.32 22.21 -22.30
N GLY A 27 -18.29 21.54 -22.91
CA GLY A 27 -18.04 20.18 -23.37
C GLY A 27 -16.87 20.10 -24.34
N ARG A 28 -16.76 21.08 -25.27
CA ARG A 28 -15.69 20.99 -26.23
C ARG A 28 -14.33 21.18 -25.57
N LYS A 29 -14.27 22.05 -24.55
CA LYS A 29 -13.00 22.23 -23.85
C LYS A 29 -12.58 20.96 -23.14
N GLU A 30 -13.56 20.23 -22.58
CA GLU A 30 -13.15 19.01 -21.88
C GLU A 30 -12.94 17.85 -22.83
N ILE A 31 -13.63 17.86 -23.97
CA ILE A 31 -13.30 16.89 -25.02
C ILE A 31 -11.87 17.07 -25.50
N SER A 32 -11.46 18.30 -25.75
CA SER A 32 -10.07 18.55 -26.18
C SER A 32 -9.08 18.01 -25.18
N LEU A 33 -9.34 18.24 -23.89
CA LEU A 33 -8.42 17.76 -22.85
C LEU A 33 -8.41 16.25 -22.82
N ALA A 34 -9.56 15.61 -23.00
CA ALA A 34 -9.62 14.14 -23.02
C ALA A 34 -8.88 13.57 -24.21
N GLU A 35 -8.86 14.29 -25.34
CA GLU A 35 -8.15 13.76 -26.50
C GLU A 35 -6.69 13.49 -26.17
N THR A 36 -6.04 14.40 -25.43
CA THR A 36 -4.64 14.21 -25.04
C THR A 36 -4.48 12.99 -24.17
N GLU A 37 -5.53 12.69 -23.41
CA GLU A 37 -5.51 11.56 -22.50
C GLU A 37 -5.94 10.28 -23.17
N MET A 38 -6.32 10.30 -24.45
CA MET A 38 -6.85 9.10 -25.12
C MET A 38 -6.02 8.79 -26.35
N PRO A 39 -4.75 8.39 -26.17
CA PRO A 39 -3.84 8.26 -27.35
C PRO A 39 -4.23 7.12 -28.26
N GLY A 40 -4.89 6.08 -27.71
CA GLY A 40 -5.38 4.99 -28.54
C GLY A 40 -6.44 5.40 -29.54
N LEU A 41 -7.45 6.16 -29.08
CA LEU A 41 -8.45 6.67 -30.02
C LEU A 41 -7.84 7.63 -31.02
N MET A 42 -6.95 8.53 -30.56
CA MET A 42 -6.42 9.50 -31.51
C MET A 42 -5.52 8.83 -32.54
N ALA A 43 -4.76 7.82 -32.09
CA ALA A 43 -3.93 7.10 -33.05
C ALA A 43 -4.78 6.31 -34.03
N THR A 44 -5.90 5.76 -33.57
CA THR A 44 -6.82 5.08 -34.47
C THR A 44 -7.36 6.05 -35.53
N ARG A 45 -7.71 7.28 -35.15
CA ARG A 45 -8.15 8.24 -36.18
C ARG A 45 -7.05 8.47 -37.21
N GLU A 46 -5.80 8.58 -36.76
CA GLU A 46 -4.73 8.87 -37.72
C GLU A 46 -4.48 7.70 -38.64
N GLU A 47 -4.60 6.47 -38.13
CA GLU A 47 -4.33 5.28 -38.94
C GLU A 47 -5.44 5.07 -39.96
N TYR A 48 -6.68 5.10 -39.51
CA TYR A 48 -7.80 4.70 -40.34
C TYR A 48 -8.50 5.85 -41.02
N GLY A 49 -8.25 7.08 -40.57
CA GLY A 49 -8.86 8.24 -41.18
C GLY A 49 -8.80 8.23 -42.69
N PRO A 50 -7.60 8.06 -43.25
CA PRO A 50 -7.48 8.07 -44.71
C PRO A 50 -8.26 6.97 -45.41
N LYS A 51 -8.42 5.78 -44.80
CA LYS A 51 -9.10 4.65 -45.44
C LYS A 51 -10.61 4.70 -45.29
N GLN A 52 -11.14 5.52 -44.38
CA GLN A 52 -12.57 5.65 -44.16
C GLN A 52 -13.28 4.30 -44.06
N PRO A 53 -12.84 3.42 -43.16
CA PRO A 53 -13.44 2.07 -43.13
C PRO A 53 -14.86 2.08 -42.69
N LEU A 54 -15.34 3.13 -42.04
CA LEU A 54 -16.73 3.20 -41.61
C LEU A 54 -17.59 4.08 -42.51
N LYS A 55 -17.08 4.46 -43.69
CA LYS A 55 -17.93 5.13 -44.67
C LYS A 55 -19.12 4.26 -45.03
N GLY A 56 -20.33 4.82 -44.88
CA GLY A 56 -21.51 4.01 -45.12
C GLY A 56 -22.07 3.35 -43.88
N ALA A 57 -21.34 3.34 -42.77
CA ALA A 57 -21.89 2.83 -41.52
C ALA A 57 -22.84 3.85 -40.93
N ARG A 58 -23.92 3.32 -40.34
CA ARG A 58 -24.94 4.07 -39.64
C ARG A 58 -24.98 3.45 -38.26
N ILE A 59 -24.23 4.01 -37.31
CA ILE A 59 -24.00 3.37 -36.01
C ILE A 59 -24.99 3.94 -35.01
N ALA A 60 -25.82 3.07 -34.45
CA ALA A 60 -26.69 3.43 -33.31
C ALA A 60 -25.94 3.04 -32.04
N GLY A 61 -25.58 4.03 -31.23
CA GLY A 61 -24.82 3.83 -30.00
C GLY A 61 -25.70 4.01 -28.78
N SER A 62 -25.60 3.05 -27.84
CA SER A 62 -26.29 3.17 -26.54
C SER A 62 -25.21 2.97 -25.47
N LEU A 63 -24.70 4.07 -24.92
CA LEU A 63 -23.50 3.98 -24.07
C LEU A 63 -23.37 5.32 -23.37
N HIS A 64 -23.23 5.30 -22.03
CA HIS A 64 -23.09 6.48 -21.20
C HIS A 64 -22.53 7.69 -21.93
N MET A 65 -23.33 8.76 -22.00
CA MET A 65 -22.97 9.90 -22.86
C MET A 65 -22.04 10.83 -22.06
N THR A 66 -20.79 10.38 -21.93
CA THR A 66 -19.77 11.09 -21.17
C THR A 66 -18.82 11.82 -22.14
N ILE A 67 -17.88 12.58 -21.55
CA ILE A 67 -16.82 13.20 -22.36
C ILE A 67 -16.02 12.13 -23.10
N GLN A 68 -15.74 10.99 -22.42
CA GLN A 68 -14.99 9.93 -23.07
C GLN A 68 -15.72 9.36 -24.25
N THR A 69 -17.06 9.15 -24.09
CA THR A 69 -17.86 8.66 -25.21
C THR A 69 -17.87 9.68 -26.32
N ALA A 70 -17.80 10.97 -26.01
CA ALA A 70 -17.78 11.94 -27.10
C ALA A 70 -16.52 11.77 -27.95
N VAL A 71 -15.37 11.46 -27.32
CA VAL A 71 -14.15 11.22 -28.10
C VAL A 71 -14.33 9.97 -28.97
N LEU A 72 -15.01 8.93 -28.45
CA LEU A 72 -15.33 7.75 -29.26
C LEU A 72 -16.23 8.13 -30.43
N ILE A 73 -17.32 8.87 -30.16
CA ILE A 73 -18.24 9.25 -31.23
C ILE A 73 -17.47 9.97 -32.32
N GLU A 74 -16.65 10.94 -31.95
CA GLU A 74 -15.93 11.71 -32.98
C GLU A 74 -14.87 10.88 -33.68
N THR A 75 -14.36 9.82 -33.02
CA THR A 75 -13.47 8.89 -33.73
C THR A 75 -14.21 8.11 -34.79
N LEU A 76 -15.39 7.57 -34.43
CA LEU A 76 -16.18 6.86 -35.42
C LEU A 76 -16.52 7.77 -36.58
N ALA A 77 -16.90 9.03 -36.29
CA ALA A 77 -17.23 9.94 -37.37
C ALA A 77 -16.02 10.24 -38.26
N ALA A 78 -14.86 10.38 -37.64
CA ALA A 78 -13.63 10.64 -38.40
C ALA A 78 -13.30 9.50 -39.33
N LEU A 79 -13.79 8.31 -39.02
CA LEU A 79 -13.56 7.16 -39.87
C LEU A 79 -14.66 6.99 -40.89
N GLY A 80 -15.63 7.91 -40.93
CA GLY A 80 -16.66 7.90 -41.96
C GLY A 80 -18.06 7.60 -41.47
N ALA A 81 -18.26 7.27 -40.20
CA ALA A 81 -19.58 6.82 -39.74
C ALA A 81 -20.60 7.93 -39.60
N ASP A 82 -21.85 7.60 -39.93
CA ASP A 82 -23.04 8.37 -39.59
C ASP A 82 -23.55 7.80 -38.27
N ILE A 83 -23.98 8.65 -37.35
CA ILE A 83 -24.20 8.23 -35.97
C ILE A 83 -25.49 8.80 -35.37
N ARG A 84 -26.12 7.98 -34.51
CA ARG A 84 -27.13 8.46 -33.59
C ARG A 84 -26.77 7.88 -32.24
N TRP A 85 -27.01 8.63 -31.15
CA TRP A 85 -26.54 8.18 -29.84
C TRP A 85 -27.55 8.40 -28.73
N VAL A 86 -27.52 7.51 -27.73
CA VAL A 86 -28.22 7.71 -26.46
C VAL A 86 -27.32 7.22 -25.32
N SER A 87 -27.65 7.60 -24.10
CA SER A 87 -26.96 7.01 -22.94
C SER A 87 -27.58 5.67 -22.59
N CYS A 88 -26.81 4.78 -21.95
CA CYS A 88 -27.38 3.52 -21.49
C CYS A 88 -27.70 3.54 -20.00
N ASN A 89 -27.77 4.73 -19.41
CA ASN A 89 -28.25 4.82 -18.03
C ASN A 89 -28.84 6.20 -17.81
N ILE A 90 -29.89 6.29 -16.99
CA ILE A 90 -30.56 7.56 -16.84
C ILE A 90 -29.76 8.60 -16.06
N TYR A 91 -28.70 8.21 -15.31
CA TYR A 91 -27.94 9.24 -14.58
C TYR A 91 -26.49 9.38 -15.05
N SER A 92 -26.11 8.73 -16.13
CA SER A 92 -24.67 8.69 -16.44
C SER A 92 -24.25 9.76 -17.45
N THR A 93 -25.20 10.43 -18.12
CA THR A 93 -24.85 11.46 -19.07
C THR A 93 -24.08 12.57 -18.39
N GLN A 94 -23.09 13.09 -19.10
CA GLN A 94 -22.46 14.35 -18.72
C GLN A 94 -23.05 15.36 -19.68
N ASP A 95 -23.84 16.29 -19.12
CA ASP A 95 -24.65 17.14 -20.03
C ASP A 95 -23.80 18.00 -20.97
N HIS A 96 -22.60 18.41 -20.54
CA HIS A 96 -21.77 19.22 -21.44
C HIS A 96 -21.24 18.40 -22.59
N ALA A 97 -20.94 17.11 -22.36
CA ALA A 97 -20.54 16.23 -23.47
C ALA A 97 -21.68 16.03 -24.44
N ALA A 98 -22.89 15.79 -23.90
CA ALA A 98 -24.06 15.62 -24.78
C ALA A 98 -24.26 16.87 -25.60
N ALA A 99 -24.14 18.04 -24.97
CA ALA A 99 -24.36 19.29 -25.72
C ALA A 99 -23.33 19.45 -26.83
N ALA A 100 -22.06 19.12 -26.57
CA ALA A 100 -21.03 19.27 -27.58
C ALA A 100 -21.32 18.36 -28.76
N ILE A 101 -21.80 17.14 -28.49
CA ILE A 101 -22.13 16.25 -29.59
C ILE A 101 -23.30 16.80 -30.42
N ALA A 102 -24.34 17.29 -29.74
CA ALA A 102 -25.48 17.89 -30.43
C ALA A 102 -25.02 19.10 -31.25
N ALA A 103 -24.14 19.91 -30.69
CA ALA A 103 -23.65 21.09 -31.40
C ALA A 103 -22.79 20.73 -32.60
N ALA A 104 -22.22 19.53 -32.60
CA ALA A 104 -21.49 19.02 -33.76
C ALA A 104 -22.43 18.47 -34.83
N GLY A 105 -23.75 18.52 -34.61
CA GLY A 105 -24.71 18.06 -35.61
C GLY A 105 -24.92 16.57 -35.62
N ILE A 106 -24.64 15.91 -34.52
CA ILE A 106 -24.81 14.47 -34.38
C ILE A 106 -26.03 14.24 -33.50
N PRO A 107 -27.04 13.52 -33.96
CA PRO A 107 -28.25 13.31 -33.12
C PRO A 107 -27.92 12.56 -31.84
N VAL A 108 -28.28 13.14 -30.70
CA VAL A 108 -28.04 12.52 -29.40
C VAL A 108 -29.24 12.81 -28.53
N PHE A 109 -29.65 11.84 -27.74
CA PHE A 109 -30.86 11.96 -26.89
C PHE A 109 -30.39 11.45 -25.55
N ALA A 110 -29.98 12.39 -24.71
CA ALA A 110 -29.29 12.01 -23.47
C ALA A 110 -29.26 13.18 -22.50
N VAL A 111 -29.90 13.02 -21.32
CA VAL A 111 -29.96 14.06 -20.30
C VAL A 111 -29.66 13.39 -18.97
N LYS A 112 -28.80 13.99 -18.17
CA LYS A 112 -28.54 13.42 -16.85
C LYS A 112 -29.78 13.61 -16.00
N GLY A 113 -30.34 12.52 -15.51
CA GLY A 113 -31.56 12.63 -14.72
C GLY A 113 -32.83 12.50 -15.56
N GLU A 114 -32.72 12.09 -16.82
CA GLU A 114 -33.93 11.77 -17.59
C GLU A 114 -34.76 10.67 -16.90
N THR A 115 -36.05 10.62 -17.20
CA THR A 115 -36.90 9.61 -16.59
C THR A 115 -36.72 8.29 -17.32
N LEU A 116 -37.18 7.21 -16.69
CA LEU A 116 -37.09 5.89 -17.34
C LEU A 116 -37.93 5.83 -18.60
N THR A 117 -39.10 6.50 -18.59
CA THR A 117 -39.90 6.58 -19.81
C THR A 117 -39.14 7.30 -20.91
N GLU A 118 -38.54 8.45 -20.59
CA GLU A 118 -37.69 9.13 -21.58
C GLU A 118 -36.58 8.24 -22.07
N TYR A 119 -35.88 7.56 -21.13
CA TYR A 119 -34.76 6.70 -21.49
C TYR A 119 -35.15 5.71 -22.58
N TRP A 120 -36.33 5.08 -22.44
CA TRP A 120 -36.70 4.04 -23.39
C TRP A 120 -37.21 4.66 -24.67
N ASP A 121 -37.90 5.81 -24.59
CA ASP A 121 -38.32 6.50 -25.82
C ASP A 121 -37.10 6.95 -26.61
N TYR A 122 -36.03 7.38 -25.92
CA TYR A 122 -34.82 7.82 -26.62
C TYR A 122 -34.14 6.64 -27.29
N THR A 123 -34.08 5.48 -26.60
CA THR A 123 -33.47 4.30 -27.21
C THR A 123 -34.16 3.99 -28.53
N ALA A 124 -35.50 4.09 -28.55
CA ALA A 124 -36.22 3.80 -29.80
C ALA A 124 -35.86 4.77 -30.91
N LYS A 125 -35.52 6.03 -30.54
CA LYS A 125 -35.17 7.05 -31.52
C LYS A 125 -33.85 6.75 -32.25
N LEU A 126 -33.02 5.88 -31.68
CA LEU A 126 -31.85 5.40 -32.41
C LEU A 126 -32.23 4.81 -33.75
N PHE A 127 -33.40 4.17 -33.83
CA PHE A 127 -33.68 3.34 -34.97
C PHE A 127 -34.46 4.07 -36.04
N ASP A 128 -34.95 5.26 -35.75
CA ASP A 128 -35.55 6.12 -36.76
C ASP A 128 -34.44 6.98 -37.31
N TRP A 129 -33.73 6.44 -38.28
CA TRP A 129 -32.55 7.13 -38.75
C TRP A 129 -32.93 8.45 -39.39
N HIS A 130 -32.03 9.44 -39.26
CA HIS A 130 -32.31 10.74 -39.89
C HIS A 130 -32.27 10.59 -41.41
N GLY A 131 -33.24 11.21 -42.11
CA GLY A 131 -33.43 10.96 -43.50
C GLY A 131 -34.32 9.77 -43.78
N GLY A 132 -34.62 8.98 -42.77
CA GLY A 132 -35.39 7.76 -42.93
C GLY A 132 -34.49 6.54 -42.86
N GLY A 133 -35.12 5.37 -42.84
CA GLY A 133 -34.33 4.16 -42.81
C GLY A 133 -33.91 3.77 -41.40
N THR A 134 -33.00 2.83 -41.32
CA THR A 134 -32.55 2.30 -40.04
C THR A 134 -31.03 2.41 -39.90
N PRO A 135 -30.51 2.09 -38.69
CA PRO A 135 -29.05 1.90 -38.54
C PRO A 135 -28.63 0.66 -39.27
N ASN A 136 -27.32 0.51 -39.47
CA ASN A 136 -26.80 -0.78 -39.90
C ASN A 136 -25.70 -1.32 -38.98
N MET A 137 -25.51 -0.70 -37.81
CA MET A 137 -24.57 -1.16 -36.80
C MET A 137 -25.11 -0.76 -35.44
N ILE A 138 -24.86 -1.58 -34.41
CA ILE A 138 -25.16 -1.18 -33.04
C ILE A 138 -23.88 -1.22 -32.21
N LEU A 139 -23.67 -0.19 -31.39
CA LEU A 139 -22.61 -0.16 -30.39
C LEU A 139 -23.32 -0.04 -29.06
N ASP A 140 -23.19 -1.04 -28.21
CA ASP A 140 -24.10 -1.20 -27.07
C ASP A 140 -23.27 -1.41 -25.80
N ASP A 141 -23.81 -0.92 -24.69
CA ASP A 141 -23.20 -1.06 -23.37
C ASP A 141 -24.37 -1.46 -22.48
N GLY A 142 -24.46 -2.73 -22.18
CA GLY A 142 -25.52 -3.20 -21.33
C GLY A 142 -26.62 -3.93 -22.07
N GLY A 143 -26.64 -3.81 -23.40
CA GLY A 143 -27.56 -4.64 -24.16
C GLY A 143 -28.97 -4.09 -24.30
N ASP A 144 -29.25 -2.86 -23.85
CA ASP A 144 -30.64 -2.40 -23.95
C ASP A 144 -31.07 -2.15 -25.41
N ALA A 145 -30.22 -1.55 -26.24
CA ALA A 145 -30.62 -1.33 -27.62
C ALA A 145 -30.79 -2.65 -28.36
N THR A 146 -29.86 -3.59 -28.10
CA THR A 146 -29.96 -4.94 -28.66
C THR A 146 -31.23 -5.64 -28.20
N MET A 147 -31.57 -5.50 -26.92
CA MET A 147 -32.79 -6.10 -26.39
C MET A 147 -34.02 -5.50 -27.07
N LEU A 148 -34.03 -4.19 -27.31
CA LEU A 148 -35.22 -3.62 -27.94
C LEU A 148 -35.46 -4.28 -29.28
N VAL A 149 -34.38 -4.50 -30.04
CA VAL A 149 -34.53 -5.08 -31.38
C VAL A 149 -35.05 -6.50 -31.27
N HIS A 150 -34.44 -7.28 -30.38
CA HIS A 150 -34.79 -8.69 -30.28
C HIS A 150 -36.18 -8.90 -29.70
N ALA A 151 -36.56 -8.11 -28.71
CA ALA A 151 -37.90 -8.27 -28.13
C ALA A 151 -38.97 -7.83 -29.12
N GLY A 152 -38.69 -6.74 -29.84
CA GLY A 152 -39.64 -6.30 -30.85
C GLY A 152 -39.80 -7.33 -31.95
N TYR A 153 -38.69 -7.93 -32.37
CA TYR A 153 -38.72 -8.96 -33.39
C TYR A 153 -39.55 -10.15 -32.92
N ARG A 154 -39.27 -10.61 -31.69
CA ARG A 154 -40.04 -11.71 -31.12
C ARG A 154 -41.54 -11.46 -31.16
N ALA A 155 -41.96 -10.29 -30.69
CA ALA A 155 -43.39 -9.94 -30.67
C ALA A 155 -43.95 -9.75 -32.07
N GLU A 156 -43.16 -9.15 -32.96
CA GLU A 156 -43.59 -8.91 -34.33
C GLU A 156 -43.90 -10.20 -35.07
N GLN A 157 -43.14 -11.26 -34.75
CA GLN A 157 -43.33 -12.62 -35.29
C GLN A 157 -44.50 -13.36 -34.65
N GLY A 158 -45.20 -12.75 -33.69
CA GLY A 158 -46.42 -13.30 -33.14
C GLY A 158 -46.35 -13.69 -31.69
N ASP A 159 -45.16 -13.74 -31.07
CA ASP A 159 -45.03 -14.18 -29.69
C ASP A 159 -45.10 -12.95 -28.79
N THR A 160 -46.33 -12.56 -28.44
CA THR A 160 -46.60 -11.32 -27.72
C THR A 160 -46.92 -11.51 -26.25
N ALA A 161 -47.13 -12.75 -25.79
CA ALA A 161 -47.70 -12.92 -24.46
C ALA A 161 -46.79 -12.34 -23.40
N PHE A 162 -45.47 -12.46 -23.58
CA PHE A 162 -44.51 -11.96 -22.59
C PHE A 162 -44.68 -10.47 -22.34
N LEU A 163 -45.23 -9.72 -23.30
CA LEU A 163 -45.43 -8.29 -23.14
C LEU A 163 -46.44 -7.94 -22.06
N ASP A 164 -47.23 -8.90 -21.58
CA ASP A 164 -48.26 -8.68 -20.58
C ASP A 164 -47.84 -9.09 -19.17
N LYS A 165 -46.62 -9.59 -19.00
CA LYS A 165 -46.13 -10.03 -17.71
C LYS A 165 -44.88 -9.24 -17.35
N PRO A 166 -45.03 -7.93 -17.11
CA PRO A 166 -43.87 -7.14 -16.68
C PRO A 166 -43.48 -7.46 -15.24
N GLY A 167 -42.22 -7.77 -15.02
CA GLY A 167 -41.76 -8.04 -13.68
C GLY A 167 -41.24 -6.86 -12.87
N SER A 168 -41.15 -5.66 -13.46
CA SER A 168 -40.75 -4.47 -12.73
C SER A 168 -41.39 -3.26 -13.39
N GLU A 169 -41.21 -2.10 -12.75
CA GLU A 169 -41.69 -0.87 -13.37
C GLU A 169 -40.93 -0.58 -14.66
N GLU A 170 -39.64 -0.90 -14.69
CA GLU A 170 -38.84 -0.75 -15.91
C GLU A 170 -39.34 -1.67 -16.99
N GLU A 171 -39.59 -2.93 -16.64
CA GLU A 171 -40.11 -3.89 -17.60
C GLU A 171 -41.47 -3.45 -18.13
N GLU A 172 -42.25 -2.77 -17.31
CA GLU A 172 -43.54 -2.27 -17.76
C GLU A 172 -43.38 -1.15 -18.80
N ILE A 173 -42.46 -0.22 -18.54
CA ILE A 173 -42.19 0.84 -19.50
C ILE A 173 -41.64 0.25 -20.79
N PHE A 174 -40.72 -0.71 -20.67
CA PHE A 174 -40.16 -1.31 -21.87
C PHE A 174 -41.21 -2.09 -22.67
N TYR A 175 -42.06 -2.87 -22.01
CA TYR A 175 -43.07 -3.59 -22.78
C TYR A 175 -44.09 -2.63 -23.38
N ALA A 176 -44.41 -1.55 -22.69
CA ALA A 176 -45.30 -0.56 -23.28
C ALA A 176 -44.65 0.05 -24.52
N LEU A 177 -43.34 0.27 -24.47
CA LEU A 177 -42.64 0.83 -25.63
C LEU A 177 -42.75 -0.11 -26.82
N VAL A 178 -42.51 -1.41 -26.60
CA VAL A 178 -42.60 -2.38 -27.69
C VAL A 178 -44.00 -2.38 -28.29
N LYS A 179 -45.03 -2.36 -27.44
CA LYS A 179 -46.39 -2.32 -27.95
C LYS A 179 -46.63 -1.06 -28.77
N ARG A 180 -46.11 0.08 -28.28
CA ARG A 180 -46.31 1.34 -28.99
C ARG A 180 -45.64 1.28 -30.38
N LEU A 181 -44.41 0.74 -30.43
CA LEU A 181 -43.69 0.68 -31.71
C LEU A 181 -44.38 -0.27 -32.68
N LEU A 182 -45.03 -1.33 -32.17
CA LEU A 182 -45.72 -2.25 -33.07
C LEU A 182 -46.91 -1.59 -33.73
N LYS A 183 -47.45 -0.54 -33.11
CA LYS A 183 -48.59 0.21 -33.66
C LYS A 183 -48.13 1.44 -34.47
N GLU A 184 -47.07 2.08 -34.04
CA GLU A 184 -46.71 3.35 -34.63
C GLU A 184 -45.64 3.26 -35.70
N LYS A 185 -44.91 2.19 -35.78
CA LYS A 185 -43.91 1.93 -36.80
C LYS A 185 -44.46 0.96 -37.83
N PRO A 186 -43.93 1.00 -39.06
CA PRO A 186 -44.48 0.17 -40.14
C PRO A 186 -44.49 -1.31 -39.80
N LYS A 187 -45.43 -2.03 -40.39
CA LYS A 187 -45.44 -3.48 -40.33
C LYS A 187 -44.07 -4.04 -40.72
N GLY A 188 -43.53 -4.90 -39.86
CA GLY A 188 -42.26 -5.52 -40.17
C GLY A 188 -41.04 -4.69 -39.84
N TRP A 189 -41.23 -3.63 -39.07
CA TRP A 189 -40.14 -2.71 -38.76
C TRP A 189 -38.99 -3.39 -38.02
N PHE A 190 -39.33 -4.28 -37.08
CA PHE A 190 -38.27 -4.92 -36.33
C PHE A 190 -37.49 -5.91 -37.20
N ALA A 191 -38.17 -6.63 -38.09
CA ALA A 191 -37.43 -7.49 -39.01
C ALA A 191 -36.58 -6.65 -39.98
N GLU A 192 -37.07 -5.48 -40.37
CA GLU A 192 -36.29 -4.64 -41.27
C GLU A 192 -35.01 -4.16 -40.57
N ILE A 193 -35.13 -3.74 -39.30
CA ILE A 193 -33.92 -3.38 -38.55
C ILE A 193 -32.99 -4.59 -38.47
N ALA A 194 -33.53 -5.74 -38.10
CA ALA A 194 -32.68 -6.92 -37.88
C ALA A 194 -31.96 -7.29 -39.16
N LYS A 195 -32.65 -7.19 -40.29
CA LYS A 195 -32.01 -7.40 -41.59
C LYS A 195 -30.84 -6.45 -41.80
N ASN A 196 -31.03 -5.18 -41.45
CA ASN A 196 -30.06 -4.14 -41.81
C ASN A 196 -28.88 -4.06 -40.85
N ILE A 197 -29.03 -4.53 -39.61
CA ILE A 197 -27.90 -4.47 -38.66
C ILE A 197 -26.86 -5.50 -39.05
N LYS A 198 -25.65 -5.04 -39.41
CA LYS A 198 -24.57 -5.96 -39.80
C LYS A 198 -23.88 -6.56 -38.58
N GLY A 199 -24.00 -5.93 -37.41
CA GLY A 199 -23.32 -6.46 -36.24
C GLY A 199 -23.54 -5.54 -35.06
N VAL A 200 -23.24 -6.08 -33.87
CA VAL A 200 -23.28 -5.32 -32.62
C VAL A 200 -21.98 -5.57 -31.89
N SER A 201 -21.40 -4.52 -31.33
CA SER A 201 -20.29 -4.70 -30.40
C SER A 201 -20.74 -4.27 -29.02
N GLU A 202 -20.44 -5.08 -28.00
CA GLU A 202 -21.01 -4.93 -26.68
C GLU A 202 -19.90 -4.79 -25.63
N GLU A 203 -20.02 -3.75 -24.82
CA GLU A 203 -18.97 -3.23 -23.93
C GLU A 203 -18.87 -3.91 -22.56
N THR A 204 -19.96 -4.37 -21.96
CA THR A 204 -19.87 -4.63 -20.52
C THR A 204 -20.34 -6.05 -20.19
N THR A 205 -19.89 -6.54 -19.02
CA THR A 205 -20.09 -7.94 -18.64
C THR A 205 -21.55 -8.34 -18.71
N THR A 206 -22.44 -7.48 -18.22
CA THR A 206 -23.87 -7.80 -18.23
C THR A 206 -24.41 -7.90 -19.65
N GLY A 207 -24.00 -7.01 -20.54
CA GLY A 207 -24.50 -7.08 -21.90
C GLY A 207 -24.02 -8.33 -22.60
N VAL A 208 -22.74 -8.69 -22.35
CA VAL A 208 -22.19 -9.88 -22.98
C VAL A 208 -22.89 -11.15 -22.50
N HIS A 209 -23.20 -11.23 -21.19
CA HIS A 209 -24.00 -12.34 -20.71
C HIS A 209 -25.30 -12.47 -21.49
N ARG A 210 -26.00 -11.32 -21.72
CA ARG A 210 -27.25 -11.37 -22.47
C ARG A 210 -27.01 -11.85 -23.90
N LEU A 211 -25.87 -11.46 -24.50
CA LEU A 211 -25.56 -11.90 -25.87
C LEU A 211 -25.38 -13.40 -25.96
N TYR A 212 -24.52 -13.93 -25.08
CA TYR A 212 -24.32 -15.38 -25.08
C TYR A 212 -25.63 -16.14 -24.79
N GLU A 213 -26.53 -15.60 -23.94
CA GLU A 213 -27.85 -16.24 -23.74
C GLU A 213 -28.58 -16.40 -25.07
N MET A 214 -28.68 -15.31 -25.82
CA MET A 214 -29.34 -15.35 -27.13
C MET A 214 -28.61 -16.25 -28.12
N ALA A 215 -27.28 -16.16 -28.17
CA ALA A 215 -26.50 -16.99 -29.09
C ALA A 215 -26.77 -18.47 -28.81
N ASN A 216 -26.66 -18.87 -27.55
CA ASN A 216 -26.90 -20.26 -27.18
C ASN A 216 -28.31 -20.72 -27.51
N LYS A 217 -29.30 -19.83 -27.43
CA LYS A 217 -30.67 -20.23 -27.76
C LYS A 217 -30.98 -20.10 -29.24
N GLY A 218 -30.04 -19.61 -30.05
CA GLY A 218 -30.28 -19.40 -31.46
C GLY A 218 -31.18 -18.25 -31.81
N THR A 219 -31.40 -17.30 -30.89
CA THR A 219 -32.25 -16.16 -31.20
C THR A 219 -31.45 -14.91 -31.59
N LEU A 220 -30.14 -14.91 -31.40
CA LEU A 220 -29.32 -13.75 -31.76
C LEU A 220 -29.48 -13.46 -33.25
N LEU A 221 -29.80 -12.19 -33.58
CA LEU A 221 -30.22 -11.81 -34.93
C LEU A 221 -29.08 -11.35 -35.83
N PHE A 222 -27.90 -11.08 -35.29
CA PHE A 222 -26.80 -10.62 -36.13
C PHE A 222 -25.49 -10.91 -35.41
N PRO A 223 -24.37 -10.88 -36.12
CA PRO A 223 -23.06 -11.14 -35.48
C PRO A 223 -22.81 -10.20 -34.33
N ALA A 224 -22.08 -10.69 -33.31
CA ALA A 224 -21.71 -9.84 -32.18
C ALA A 224 -20.24 -9.98 -31.81
N ILE A 225 -19.62 -8.86 -31.46
CA ILE A 225 -18.31 -8.90 -30.83
C ILE A 225 -18.43 -8.54 -29.35
N ASN A 226 -17.97 -9.43 -28.50
CA ASN A 226 -17.81 -9.22 -27.06
C ASN A 226 -16.55 -8.42 -26.82
N VAL A 227 -16.69 -7.11 -26.57
CA VAL A 227 -15.54 -6.25 -26.32
C VAL A 227 -15.13 -6.35 -24.86
N ASN A 228 -16.09 -6.64 -23.96
CA ASN A 228 -15.70 -6.75 -22.55
C ASN A 228 -14.53 -7.68 -22.34
N ASP A 229 -14.50 -8.81 -23.06
CA ASP A 229 -13.47 -9.81 -22.81
C ASP A 229 -12.20 -9.65 -23.66
N SER A 230 -12.02 -8.52 -24.34
CA SER A 230 -10.66 -8.13 -24.67
C SER A 230 -9.86 -8.02 -23.37
N VAL A 231 -8.62 -8.53 -23.38
CA VAL A 231 -7.76 -8.36 -22.20
C VAL A 231 -7.62 -6.88 -21.86
N THR A 232 -7.42 -6.03 -22.90
CA THR A 232 -7.25 -4.60 -22.69
C THR A 232 -8.57 -3.87 -22.42
N LYS A 233 -9.67 -4.59 -22.19
CA LYS A 233 -10.88 -4.00 -21.64
C LYS A 233 -11.09 -4.56 -20.23
N SER A 234 -11.45 -5.84 -20.09
CA SER A 234 -11.79 -6.42 -18.78
C SER A 234 -10.73 -6.24 -17.71
N LYS A 235 -9.43 -6.36 -18.06
CA LYS A 235 -8.40 -6.26 -17.04
C LYS A 235 -7.85 -4.85 -16.88
N PHE A 236 -8.49 -3.87 -17.53
CA PHE A 236 -8.09 -2.47 -17.38
C PHE A 236 -9.30 -1.64 -16.98
N ASP A 237 -10.28 -1.46 -17.87
CA ASP A 237 -11.50 -0.70 -17.53
C ASP A 237 -12.17 -1.24 -16.26
N ASN A 238 -12.50 -2.54 -16.24
CA ASN A 238 -13.33 -2.99 -15.12
C ASN A 238 -12.55 -2.92 -13.82
N LEU A 239 -11.24 -3.14 -13.90
CA LEU A 239 -10.39 -3.20 -12.71
C LEU A 239 -9.90 -1.79 -12.33
N TYR A 240 -9.01 -1.21 -13.16
CA TYR A 240 -8.44 0.07 -12.80
C TYR A 240 -9.45 1.20 -12.92
N GLY A 241 -10.38 1.12 -13.87
CA GLY A 241 -11.41 2.15 -13.95
C GLY A 241 -12.19 2.28 -12.67
N CYS A 242 -12.67 1.14 -12.16
CA CYS A 242 -13.40 1.22 -10.90
C CYS A 242 -12.49 1.59 -9.73
N ARG A 243 -11.22 1.18 -9.79
CA ARG A 243 -10.31 1.55 -8.73
C ARG A 243 -10.23 3.05 -8.64
N GLU A 244 -10.29 3.75 -9.77
CA GLU A 244 -10.25 5.21 -9.74
C GLU A 244 -11.62 5.82 -9.51
N SER A 245 -12.69 5.23 -10.05
CA SER A 245 -13.89 6.04 -10.08
C SER A 245 -14.90 5.65 -9.01
N LEU A 246 -14.76 4.50 -8.31
CA LEU A 246 -15.77 4.20 -7.25
C LEU A 246 -15.66 5.20 -6.09
N VAL A 247 -14.45 5.38 -5.54
CA VAL A 247 -14.31 6.31 -4.43
C VAL A 247 -14.59 7.74 -4.93
N ASP A 248 -14.28 8.05 -6.19
CA ASP A 248 -14.66 9.37 -6.72
C ASP A 248 -16.18 9.60 -6.57
N GLY A 249 -17.00 8.61 -6.95
CA GLY A 249 -18.42 8.76 -6.80
C GLY A 249 -18.85 8.89 -5.36
N ILE A 250 -18.28 8.09 -4.47
CA ILE A 250 -18.69 8.15 -3.06
C ILE A 250 -18.27 9.48 -2.45
N ARG A 251 -17.04 9.96 -2.75
CA ARG A 251 -16.63 11.26 -2.21
C ARG A 251 -17.53 12.38 -2.71
N ARG A 252 -17.83 12.42 -4.01
CA ARG A 252 -18.61 13.57 -4.47
C ARG A 252 -20.03 13.51 -3.95
N GLY A 253 -20.55 12.30 -3.72
CA GLY A 253 -21.90 12.20 -3.21
C GLY A 253 -22.02 12.52 -1.74
N THR A 254 -21.00 12.20 -0.95
CA THR A 254 -21.17 12.24 0.51
C THR A 254 -20.11 13.07 1.23
N ASP A 255 -18.96 13.31 0.60
CA ASP A 255 -17.83 14.00 1.25
C ASP A 255 -17.46 13.41 2.60
N VAL A 256 -17.61 12.09 2.78
CA VAL A 256 -17.26 11.48 4.09
C VAL A 256 -15.76 11.18 4.13
N MET A 257 -15.27 11.07 5.35
CA MET A 257 -13.90 10.59 5.56
CA MET A 257 -13.89 10.59 5.57
C MET A 257 -13.85 9.09 5.38
N LEU A 258 -12.96 8.60 4.51
CA LEU A 258 -12.93 7.15 4.30
C LEU A 258 -11.98 6.44 5.24
N SER A 259 -10.90 7.12 5.71
CA SER A 259 -10.01 6.51 6.70
C SER A 259 -10.79 6.28 7.98
N GLY A 260 -10.73 5.08 8.50
CA GLY A 260 -11.46 4.76 9.71
C GLY A 260 -12.78 4.05 9.43
N LYS A 261 -13.25 4.08 8.18
CA LYS A 261 -14.55 3.48 7.85
CA LYS A 261 -14.55 3.44 7.98
C LYS A 261 -14.35 2.03 7.46
N VAL A 262 -15.39 1.22 7.65
CA VAL A 262 -15.47 -0.17 7.21
C VAL A 262 -16.37 -0.21 5.97
N ALA A 263 -15.88 -0.83 4.91
CA ALA A 263 -16.64 -0.90 3.67
C ALA A 263 -16.88 -2.36 3.36
N MET A 264 -18.02 -2.65 2.73
CA MET A 264 -18.36 -4.02 2.32
C MET A 264 -18.56 -3.97 0.81
N VAL A 265 -17.87 -4.84 0.05
CA VAL A 265 -18.03 -4.94 -1.41
C VAL A 265 -18.60 -6.31 -1.71
N ALA A 266 -19.76 -6.38 -2.36
CA ALA A 266 -20.29 -7.68 -2.79
C ALA A 266 -19.75 -7.99 -4.19
N GLY A 267 -18.99 -9.06 -4.27
CA GLY A 267 -18.40 -9.50 -5.55
C GLY A 267 -16.90 -9.19 -5.57
N PHE A 268 -16.14 -10.12 -6.18
CA PHE A 268 -14.70 -9.93 -6.31
C PHE A 268 -14.29 -10.46 -7.66
N GLY A 269 -15.11 -10.15 -8.65
CA GLY A 269 -14.68 -10.30 -10.04
C GLY A 269 -13.87 -9.10 -10.43
N ASP A 270 -13.91 -8.72 -11.70
CA ASP A 270 -13.04 -7.60 -12.13
C ASP A 270 -13.46 -6.28 -11.48
N VAL A 271 -14.76 -5.99 -11.50
CA VAL A 271 -15.26 -4.76 -10.89
C VAL A 271 -15.09 -4.79 -9.38
N GLY A 272 -15.38 -5.94 -8.74
CA GLY A 272 -15.22 -6.01 -7.28
C GLY A 272 -13.78 -5.89 -6.84
N LYS A 273 -12.87 -6.48 -7.59
CA LYS A 273 -11.43 -6.28 -7.31
C LYS A 273 -11.08 -4.80 -7.37
N GLY A 274 -11.53 -4.12 -8.43
CA GLY A 274 -11.19 -2.71 -8.55
C GLY A 274 -11.87 -1.87 -7.50
N SER A 275 -13.08 -2.24 -7.12
CA SER A 275 -13.86 -1.50 -6.13
C SER A 275 -13.26 -1.67 -4.74
N ALA A 276 -12.93 -2.90 -4.37
CA ALA A 276 -12.31 -3.12 -3.06
C ALA A 276 -10.99 -2.36 -2.96
N ALA A 277 -10.17 -2.38 -4.02
CA ALA A 277 -8.94 -1.60 -4.06
C ALA A 277 -9.21 -0.11 -3.95
N SER A 278 -10.28 0.38 -4.63
CA SER A 278 -10.61 1.81 -4.55
C SER A 278 -10.78 2.20 -3.09
N LEU A 279 -11.56 1.41 -2.36
CA LEU A 279 -11.89 1.72 -0.97
C LEU A 279 -10.69 1.53 -0.06
N ARG A 280 -9.95 0.42 -0.22
CA ARG A 280 -8.80 0.21 0.66
C ARG A 280 -7.73 1.28 0.42
N GLN A 281 -7.48 1.61 -0.84
CA GLN A 281 -6.45 2.61 -1.12
C GLN A 281 -6.86 3.93 -0.53
N ALA A 282 -8.17 4.18 -0.44
CA ALA A 282 -8.61 5.44 0.12
C ALA A 282 -8.71 5.42 1.64
N GLY A 283 -8.43 4.29 2.28
CA GLY A 283 -8.28 4.28 3.75
C GLY A 283 -9.28 3.39 4.45
N CYS A 284 -10.24 2.85 3.73
CA CYS A 284 -11.23 2.00 4.39
C CYS A 284 -10.65 0.64 4.75
N ARG A 285 -11.23 0.02 5.78
CA ARG A 285 -11.04 -1.39 6.02
CA ARG A 285 -11.06 -1.40 6.05
C ARG A 285 -12.14 -2.15 5.29
N VAL A 286 -11.75 -3.00 4.34
CA VAL A 286 -12.70 -3.53 3.34
C VAL A 286 -12.96 -5.02 3.55
N MET A 287 -14.23 -5.38 3.54
CA MET A 287 -14.72 -6.75 3.61
C MET A 287 -15.38 -7.01 2.26
N VAL A 288 -15.45 -8.29 1.90
CA VAL A 288 -15.91 -8.70 0.58
C VAL A 288 -16.86 -9.88 0.74
N SER A 289 -17.90 -9.97 -0.11
CA SER A 289 -18.59 -11.24 -0.23
C SER A 289 -18.37 -11.86 -1.61
N GLU A 290 -18.53 -13.19 -1.67
CA GLU A 290 -18.35 -13.91 -2.94
C GLU A 290 -19.09 -15.21 -2.86
N VAL A 291 -19.52 -15.67 -4.02
CA VAL A 291 -20.08 -16.99 -4.18
C VAL A 291 -19.11 -17.94 -4.88
N ASP A 292 -18.06 -17.41 -5.52
CA ASP A 292 -17.15 -18.25 -6.28
C ASP A 292 -15.93 -18.51 -5.39
N PRO A 293 -15.62 -19.75 -5.08
CA PRO A 293 -14.53 -20.00 -4.10
C PRO A 293 -13.19 -19.54 -4.58
N ILE A 294 -12.95 -19.54 -5.90
CA ILE A 294 -11.65 -19.01 -6.37
C ILE A 294 -11.55 -17.51 -6.13
N CYS A 295 -12.58 -16.76 -6.53
CA CYS A 295 -12.56 -15.31 -6.28
C CYS A 295 -12.52 -15.03 -4.81
N ALA A 296 -13.22 -15.85 -3.98
CA ALA A 296 -13.16 -15.66 -2.53
C ALA A 296 -11.74 -15.87 -2.02
N LEU A 297 -11.06 -16.90 -2.52
CA LEU A 297 -9.70 -17.14 -2.06
C LEU A 297 -8.77 -16.02 -2.54
N GLN A 298 -8.98 -15.50 -3.73
CA GLN A 298 -8.21 -14.31 -4.14
C GLN A 298 -8.39 -13.18 -3.13
N ALA A 299 -9.63 -12.90 -2.75
CA ALA A 299 -9.88 -11.78 -1.88
C ALA A 299 -9.17 -11.99 -0.54
N ALA A 300 -9.25 -13.21 -0.01
CA ALA A 300 -8.61 -13.48 1.27
C ALA A 300 -7.10 -13.33 1.14
N MET A 301 -6.51 -13.75 0.00
CA MET A 301 -5.07 -13.62 -0.19
CA MET A 301 -5.06 -13.62 -0.10
C MET A 301 -4.62 -12.18 -0.35
N GLU A 302 -5.55 -11.30 -0.79
CA GLU A 302 -5.26 -9.88 -0.91
C GLU A 302 -5.52 -9.16 0.40
N GLY A 303 -5.91 -9.88 1.46
CA GLY A 303 -6.00 -9.32 2.78
C GLY A 303 -7.39 -8.90 3.20
N TYR A 304 -8.38 -9.12 2.34
CA TYR A 304 -9.75 -8.75 2.68
C TYR A 304 -10.44 -9.84 3.49
N GLU A 305 -11.20 -9.41 4.51
CA GLU A 305 -12.06 -10.35 5.24
C GLU A 305 -13.26 -10.72 4.36
N VAL A 306 -13.52 -12.02 4.17
CA VAL A 306 -14.60 -12.45 3.29
C VAL A 306 -15.75 -12.95 4.17
N VAL A 307 -16.93 -12.25 4.06
CA VAL A 307 -18.04 -12.43 4.99
C VAL A 307 -19.32 -12.44 4.17
N THR A 308 -20.41 -12.82 4.84
CA THR A 308 -21.71 -12.67 4.18
C THR A 308 -22.25 -11.26 4.37
N MET A 309 -23.23 -10.92 3.51
CA MET A 309 -23.90 -9.65 3.66
C MET A 309 -24.66 -9.57 4.98
N GLU A 310 -25.16 -10.71 5.49
CA GLU A 310 -25.83 -10.69 6.79
C GLU A 310 -24.86 -10.35 7.93
N ASP A 311 -23.64 -10.88 7.85
CA ASP A 311 -22.59 -10.53 8.82
C ASP A 311 -22.25 -9.04 8.71
N ALA A 312 -22.06 -8.55 7.48
CA ALA A 312 -21.67 -7.16 7.29
C ALA A 312 -22.77 -6.15 7.59
N ALA A 313 -24.06 -6.51 7.42
CA ALA A 313 -25.12 -5.52 7.39
C ALA A 313 -25.12 -4.60 8.59
N PRO A 314 -25.01 -5.09 9.83
CA PRO A 314 -25.13 -4.15 10.94
C PRO A 314 -23.88 -3.38 11.23
N ARG A 315 -22.76 -3.64 10.56
CA ARG A 315 -21.53 -3.07 11.03
C ARG A 315 -20.71 -2.28 10.00
N ALA A 316 -20.92 -2.44 8.70
CA ALA A 316 -20.15 -1.64 7.77
C ALA A 316 -20.75 -0.23 7.64
N ASP A 317 -19.87 0.74 7.32
CA ASP A 317 -20.25 2.13 7.09
C ASP A 317 -20.67 2.39 5.67
N ILE A 318 -20.15 1.60 4.74
CA ILE A 318 -20.29 1.81 3.29
C ILE A 318 -20.55 0.44 2.67
N PHE A 319 -21.54 0.36 1.76
CA PHE A 319 -21.84 -0.87 1.04
C PHE A 319 -21.82 -0.63 -0.44
N VAL A 320 -21.14 -1.50 -1.18
CA VAL A 320 -21.05 -1.40 -2.65
C VAL A 320 -21.39 -2.74 -3.26
N THR A 321 -22.35 -2.77 -4.17
CA THR A 321 -22.64 -4.00 -4.91
C THR A 321 -21.92 -3.98 -6.24
N ALA A 322 -21.21 -5.10 -6.51
CA ALA A 322 -20.38 -5.19 -7.71
C ALA A 322 -20.52 -6.56 -8.37
N THR A 323 -21.74 -7.09 -8.44
CA THR A 323 -21.88 -8.50 -8.82
C THR A 323 -22.40 -8.72 -10.20
N GLY A 324 -23.15 -7.78 -10.79
CA GLY A 324 -23.93 -8.15 -11.96
C GLY A 324 -25.11 -9.08 -11.69
N ASN A 325 -25.42 -9.40 -10.45
CA ASN A 325 -26.49 -10.30 -10.04
C ASN A 325 -27.61 -9.47 -9.44
N LYS A 326 -28.65 -10.12 -8.90
CA LYS A 326 -29.74 -9.35 -8.35
C LYS A 326 -29.94 -9.69 -6.87
N ASP A 327 -30.64 -8.77 -6.18
CA ASP A 327 -31.08 -9.02 -4.79
C ASP A 327 -29.91 -9.30 -3.86
N ILE A 328 -28.87 -8.44 -3.96
CA ILE A 328 -27.67 -8.56 -3.17
C ILE A 328 -27.81 -7.83 -1.85
N ILE A 329 -28.36 -6.62 -1.86
CA ILE A 329 -28.66 -5.90 -0.62
C ILE A 329 -30.17 -5.75 -0.57
N THR A 330 -30.78 -6.34 0.43
CA THR A 330 -32.22 -6.46 0.57
C THR A 330 -32.75 -5.49 1.61
N ILE A 331 -34.07 -5.37 1.64
CA ILE A 331 -34.71 -4.55 2.67
C ILE A 331 -34.32 -5.03 4.06
N GLU A 332 -34.16 -6.35 4.25
CA GLU A 332 -33.73 -6.83 5.56
C GLU A 332 -32.32 -6.35 5.91
N HIS A 333 -31.42 -6.36 4.93
CA HIS A 333 -30.08 -5.84 5.20
C HIS A 333 -30.16 -4.37 5.58
N MET A 334 -30.95 -3.60 4.80
CA MET A 334 -30.98 -2.17 5.03
C MET A 334 -31.63 -1.84 6.37
N ARG A 335 -32.60 -2.65 6.81
CA ARG A 335 -33.21 -2.41 8.12
C ARG A 335 -32.20 -2.57 9.25
N ALA A 336 -31.19 -3.43 9.05
CA ALA A 336 -30.20 -3.80 10.05
C ALA A 336 -28.98 -2.88 10.06
N MET A 337 -28.88 -1.98 9.07
CA MET A 337 -27.69 -1.16 8.91
C MET A 337 -27.64 -0.10 10.00
N LYS A 338 -26.42 0.38 10.25
CA LYS A 338 -26.27 1.50 11.17
C LYS A 338 -26.86 2.78 10.57
N ASP A 339 -27.22 3.69 11.45
CA ASP A 339 -27.75 4.96 11.00
C ASP A 339 -26.73 5.71 10.11
N ARG A 340 -27.22 6.13 8.95
CA ARG A 340 -26.46 6.87 7.96
C ARG A 340 -25.35 6.05 7.33
N ALA A 341 -25.49 4.73 7.31
CA ALA A 341 -24.66 3.95 6.40
C ALA A 341 -24.90 4.41 4.95
N ILE A 342 -23.86 4.27 4.13
CA ILE A 342 -23.91 4.62 2.71
C ILE A 342 -24.07 3.36 1.88
N VAL A 343 -25.02 3.37 0.93
CA VAL A 343 -25.30 2.23 0.06
C VAL A 343 -25.23 2.64 -1.39
N CYS A 344 -24.57 1.83 -2.21
CA CYS A 344 -24.44 2.18 -3.63
C CYS A 344 -24.13 0.93 -4.43
N ASN A 345 -24.23 1.08 -5.75
CA ASN A 345 -24.07 -0.05 -6.66
C ASN A 345 -23.16 0.41 -7.79
N ILE A 346 -22.18 -0.41 -8.13
CA ILE A 346 -21.35 -0.13 -9.30
C ILE A 346 -21.50 -1.20 -10.38
N GLY A 347 -22.41 -2.18 -10.21
CA GLY A 347 -22.78 -3.07 -11.28
C GLY A 347 -23.69 -2.34 -12.29
N HIS A 348 -23.85 -2.94 -13.48
CA HIS A 348 -24.54 -2.22 -14.57
C HIS A 348 -26.00 -1.83 -14.26
N PHE A 349 -26.77 -2.68 -13.55
CA PHE A 349 -28.20 -2.44 -13.35
C PHE A 349 -28.50 -2.26 -11.88
N ASP A 350 -29.56 -1.48 -11.60
CA ASP A 350 -29.94 -1.11 -10.23
C ASP A 350 -30.54 -2.24 -9.35
N ASN A 351 -30.98 -3.37 -9.88
CA ASN A 351 -31.63 -4.40 -9.05
C ASN A 351 -30.64 -5.20 -8.16
N GLU A 352 -29.34 -4.81 -8.11
CA GLU A 352 -28.46 -5.40 -7.10
C GLU A 352 -28.93 -5.02 -5.72
N ILE A 353 -29.50 -3.83 -5.59
CA ILE A 353 -30.07 -3.33 -4.34
C ILE A 353 -31.58 -3.35 -4.54
N GLN A 354 -32.31 -3.72 -3.49
CA GLN A 354 -33.77 -3.77 -3.56
C GLN A 354 -34.39 -2.37 -3.40
N ILE A 355 -34.15 -1.50 -4.40
CA ILE A 355 -34.61 -0.11 -4.35
C ILE A 355 -36.14 -0.04 -4.28
N ALA A 356 -36.82 -0.91 -5.04
CA ALA A 356 -38.27 -0.86 -5.07
C ALA A 356 -38.85 -1.22 -3.71
N SER A 357 -38.14 -2.05 -2.94
CA SER A 357 -38.63 -2.43 -1.63
C SER A 357 -38.66 -1.26 -0.68
N LEU A 358 -37.94 -0.18 -1.00
CA LEU A 358 -37.88 1.02 -0.19
C LEU A 358 -38.95 2.03 -0.54
N ARG A 359 -39.87 1.71 -1.45
CA ARG A 359 -40.56 2.92 -1.91
C ARG A 359 -41.73 3.32 -1.01
N ASN A 360 -42.02 2.62 0.08
CA ASN A 360 -42.96 3.15 1.08
C ASN A 360 -42.28 3.81 2.26
N LEU A 361 -40.94 3.94 2.24
CA LEU A 361 -40.25 4.68 3.27
C LEU A 361 -40.17 6.16 2.91
N LYS A 362 -39.74 6.97 3.88
CA LYS A 362 -39.57 8.40 3.65
C LYS A 362 -38.24 8.66 2.96
N TRP A 363 -38.29 9.29 1.79
CA TRP A 363 -37.09 9.68 1.04
C TRP A 363 -36.93 11.19 1.11
N THR A 364 -35.74 11.66 1.46
CA THR A 364 -35.46 13.10 1.46
C THR A 364 -34.28 13.32 0.51
N ASN A 365 -34.50 14.10 -0.54
CA ASN A 365 -33.40 14.36 -1.47
C ASN A 365 -32.42 15.33 -0.84
N ILE A 366 -31.13 14.98 -0.89
CA ILE A 366 -30.06 15.87 -0.42
C ILE A 366 -29.55 16.75 -1.53
N LYS A 367 -29.18 16.13 -2.64
CA LYS A 367 -28.79 16.86 -3.84
C LYS A 367 -28.94 15.86 -4.97
N PRO A 368 -28.69 16.22 -6.23
CA PRO A 368 -28.89 15.24 -7.30
C PRO A 368 -28.09 13.97 -7.02
N GLN A 369 -28.77 12.83 -7.15
CA GLN A 369 -28.21 11.50 -6.99
C GLN A 369 -27.81 11.23 -5.55
N VAL A 370 -28.34 11.97 -4.56
CA VAL A 370 -28.07 11.62 -3.15
C VAL A 370 -29.37 11.72 -2.39
N ASP A 371 -29.79 10.64 -1.74
CA ASP A 371 -31.05 10.64 -0.99
C ASP A 371 -30.84 10.00 0.35
N GLU A 372 -31.56 10.54 1.35
CA GLU A 372 -31.61 9.94 2.68
C GLU A 372 -32.94 9.22 2.83
N ILE A 373 -32.89 7.95 3.22
CA ILE A 373 -34.09 7.13 3.32
C ILE A 373 -34.28 6.80 4.80
N GLU A 374 -35.45 7.07 5.33
CA GLU A 374 -35.68 6.95 6.78
C GLU A 374 -36.63 5.79 7.05
N PHE A 375 -36.25 4.91 8.01
CA PHE A 375 -37.10 3.77 8.38
C PHE A 375 -38.04 4.16 9.50
N PRO A 376 -39.07 3.35 9.78
CA PRO A 376 -39.99 3.69 10.87
C PRO A 376 -39.31 3.87 12.22
N ASP A 377 -38.25 3.11 12.51
CA ASP A 377 -37.53 3.25 13.77
C ASP A 377 -36.56 4.45 13.77
N LYS A 378 -36.60 5.32 12.76
CA LYS A 378 -35.84 6.56 12.64
C LYS A 378 -34.40 6.34 12.15
N HIS A 379 -33.93 5.10 11.98
CA HIS A 379 -32.59 5.05 11.40
C HIS A 379 -32.69 5.36 9.91
N ARG A 380 -31.57 5.80 9.37
CA ARG A 380 -31.53 6.33 8.02
C ARG A 380 -30.46 5.60 7.25
N ILE A 381 -30.60 5.58 5.94
CA ILE A 381 -29.44 5.21 5.10
C ILE A 381 -29.28 6.29 4.04
N ILE A 382 -28.06 6.40 3.53
CA ILE A 382 -27.77 7.33 2.44
C ILE A 382 -27.61 6.53 1.16
N MET A 383 -28.50 6.74 0.19
CA MET A 383 -28.51 6.02 -1.06
C MET A 383 -27.96 6.90 -2.17
N LEU A 384 -27.02 6.36 -2.93
CA LEU A 384 -26.38 7.08 -4.05
C LEU A 384 -27.01 6.65 -5.38
N SER A 385 -27.38 7.64 -6.19
CA SER A 385 -27.91 7.48 -7.56
C SER A 385 -29.08 6.49 -7.62
N GLU A 386 -29.92 6.47 -6.58
CA GLU A 386 -31.06 5.54 -6.52
C GLU A 386 -30.64 4.12 -6.91
N GLY A 387 -29.43 3.73 -6.50
CA GLY A 387 -28.95 2.40 -6.77
C GLY A 387 -28.43 2.16 -8.17
N ARG A 388 -28.31 3.18 -9.02
CA ARG A 388 -27.70 2.98 -10.33
CA ARG A 388 -27.73 3.13 -10.36
C ARG A 388 -26.20 3.31 -10.28
N LEU A 389 -25.49 2.91 -11.34
CA LEU A 389 -24.01 2.99 -11.36
C LEU A 389 -23.44 4.27 -10.73
N VAL A 390 -22.79 4.08 -9.58
CA VAL A 390 -22.43 5.19 -8.70
C VAL A 390 -21.28 6.00 -9.29
N ASN A 391 -20.33 5.35 -9.96
CA ASN A 391 -19.20 6.10 -10.49
C ASN A 391 -19.65 7.09 -11.55
N LEU A 392 -20.60 6.66 -12.39
CA LEU A 392 -21.12 7.55 -13.43
C LEU A 392 -22.21 8.47 -12.93
N GLY A 393 -22.98 8.06 -11.91
CA GLY A 393 -24.11 8.87 -11.49
C GLY A 393 -23.65 9.98 -10.56
N ASN A 394 -22.73 9.68 -9.65
CA ASN A 394 -22.30 10.64 -8.65
C ASN A 394 -20.98 11.32 -9.02
N ALA A 395 -20.27 10.81 -10.02
CA ALA A 395 -19.05 11.51 -10.43
C ALA A 395 -19.00 11.51 -11.94
N MET A 396 -17.87 11.14 -12.54
CA MET A 396 -17.65 11.34 -13.98
C MET A 396 -17.26 10.04 -14.65
N GLY A 397 -17.62 8.90 -14.02
CA GLY A 397 -17.22 7.62 -14.56
C GLY A 397 -15.71 7.40 -14.54
N HIS A 398 -15.28 6.39 -15.29
CA HIS A 398 -13.84 6.15 -15.36
C HIS A 398 -13.15 7.34 -16.01
N PRO A 399 -11.88 7.56 -15.70
CA PRO A 399 -11.13 8.62 -16.38
C PRO A 399 -10.79 8.25 -17.82
N SER A 400 -10.45 9.29 -18.57
CA SER A 400 -10.31 9.10 -20.01
C SER A 400 -9.27 8.05 -20.39
N PHE A 401 -8.07 8.07 -19.76
CA PHE A 401 -7.03 7.19 -20.29
C PHE A 401 -7.49 5.73 -20.35
N VAL A 402 -8.13 5.23 -19.30
CA VAL A 402 -8.53 3.84 -19.40
C VAL A 402 -9.68 3.66 -20.36
N MET A 403 -10.53 4.65 -20.51
CA MET A 403 -11.59 4.48 -21.50
C MET A 403 -11.04 4.48 -22.92
N SER A 404 -9.84 5.03 -23.14
CA SER A 404 -9.22 4.97 -24.46
C SER A 404 -8.94 3.52 -24.88
N ALA A 405 -8.52 2.70 -23.92
CA ALA A 405 -8.33 1.28 -24.18
C ALA A 405 -9.66 0.61 -24.52
N SER A 406 -10.69 0.80 -23.69
CA SER A 406 -11.99 0.20 -23.99
C SER A 406 -12.49 0.63 -25.36
N PHE A 407 -12.38 1.94 -25.62
CA PHE A 407 -13.01 2.50 -26.81
C PHE A 407 -12.18 2.31 -28.07
N THR A 408 -10.87 2.04 -27.94
CA THR A 408 -10.13 1.62 -29.12
C THR A 408 -10.59 0.22 -29.51
N ASN A 409 -10.84 -0.64 -28.50
CA ASN A 409 -11.42 -1.97 -28.76
C ASN A 409 -12.76 -1.84 -29.48
N GLN A 410 -13.63 -0.94 -29.00
CA GLN A 410 -14.92 -0.77 -29.64
C GLN A 410 -14.79 -0.30 -31.07
N THR A 411 -13.84 0.62 -31.35
CA THR A 411 -13.70 1.10 -32.73
C THR A 411 -13.24 -0.03 -33.63
N LEU A 412 -12.24 -0.78 -33.17
CA LEU A 412 -11.74 -1.91 -33.95
C LEU A 412 -12.83 -2.97 -34.16
N ALA A 413 -13.69 -3.17 -33.15
CA ALA A 413 -14.81 -4.12 -33.31
C ALA A 413 -15.81 -3.63 -34.33
N GLN A 414 -16.14 -2.34 -34.31
CA GLN A 414 -17.02 -1.82 -35.35
C GLN A 414 -16.41 -2.00 -36.75
N ILE A 415 -15.10 -1.71 -36.89
CA ILE A 415 -14.43 -1.94 -38.17
C ILE A 415 -14.54 -3.41 -38.57
N GLU A 416 -14.32 -4.32 -37.61
CA GLU A 416 -14.38 -5.74 -37.94
C GLU A 416 -15.74 -6.13 -38.50
N LEU A 417 -16.82 -5.76 -37.80
CA LEU A 417 -18.15 -6.20 -38.21
C LEU A 417 -18.63 -5.45 -39.46
N PHE A 418 -18.26 -4.18 -39.58
CA PHE A 418 -18.78 -3.40 -40.69
C PHE A 418 -17.97 -3.62 -41.96
N ALA A 419 -16.65 -3.77 -41.84
CA ALA A 419 -15.78 -3.72 -42.99
C ALA A 419 -15.03 -5.02 -43.26
N ASN A 420 -14.83 -5.89 -42.26
CA ASN A 420 -14.03 -7.10 -42.41
CA ASN A 420 -14.04 -7.10 -42.43
C ASN A 420 -14.89 -8.38 -42.30
N ASN A 421 -16.15 -8.31 -42.72
CA ASN A 421 -17.00 -9.49 -42.73
C ASN A 421 -17.45 -9.86 -44.13
N LYS A 422 -16.65 -9.51 -45.15
CA LYS A 422 -17.09 -9.79 -46.52
C LYS A 422 -17.21 -11.29 -46.78
N ASP A 423 -16.42 -12.07 -46.04
CA ASP A 423 -16.35 -13.52 -46.16
C ASP A 423 -17.15 -14.25 -45.10
N SER A 424 -18.02 -13.54 -44.37
CA SER A 424 -18.83 -14.14 -43.31
C SER A 424 -17.97 -14.83 -42.28
N LYS A 425 -16.77 -14.30 -42.01
CA LYS A 425 -16.01 -14.82 -40.87
C LYS A 425 -16.78 -14.65 -39.56
N TYR A 426 -17.75 -13.74 -39.51
CA TYR A 426 -18.56 -13.54 -38.31
C TYR A 426 -19.98 -13.95 -38.67
N ALA A 427 -20.40 -15.08 -38.10
CA ALA A 427 -21.75 -15.60 -38.22
C ALA A 427 -22.61 -15.03 -37.10
N LYS A 428 -23.84 -15.53 -36.91
CA LYS A 428 -24.71 -14.99 -35.86
C LYS A 428 -24.39 -15.64 -34.51
N LYS A 429 -23.18 -15.32 -34.03
CA LYS A 429 -22.64 -15.82 -32.79
C LYS A 429 -21.83 -14.69 -32.16
N VAL A 430 -21.24 -14.97 -31.00
CA VAL A 430 -20.45 -14.00 -30.27
C VAL A 430 -18.96 -14.29 -30.50
N TYR A 431 -18.18 -13.26 -30.78
CA TYR A 431 -16.74 -13.40 -31.03
C TYR A 431 -15.98 -12.45 -30.13
N VAL A 432 -14.67 -12.69 -29.96
CA VAL A 432 -13.79 -11.71 -29.32
C VAL A 432 -12.74 -11.32 -30.31
N LEU A 433 -12.17 -10.12 -30.12
CA LEU A 433 -11.09 -9.69 -31.01
C LEU A 433 -9.85 -10.57 -30.81
N PRO A 434 -9.04 -10.73 -31.85
CA PRO A 434 -7.88 -11.60 -31.75
C PRO A 434 -6.82 -10.95 -30.91
N LYS A 435 -5.93 -11.79 -30.36
CA LYS A 435 -4.92 -11.29 -29.43
C LYS A 435 -4.00 -10.26 -30.10
N THR A 436 -3.72 -10.40 -31.41
CA THR A 436 -2.94 -9.39 -32.11
C THR A 436 -3.53 -8.01 -31.94
N LEU A 437 -4.87 -7.88 -32.03
CA LEU A 437 -5.48 -6.55 -31.85
C LEU A 437 -5.43 -6.11 -30.40
N ASP A 438 -5.65 -7.05 -29.48
CA ASP A 438 -5.54 -6.78 -28.06
C ASP A 438 -4.16 -6.21 -27.73
N GLU A 439 -3.09 -6.87 -28.21
CA GLU A 439 -1.73 -6.37 -28.01
C GLU A 439 -1.55 -5.01 -28.64
N LYS A 440 -2.07 -4.80 -29.85
CA LYS A 440 -1.99 -3.48 -30.50
C LYS A 440 -2.62 -2.38 -29.66
N VAL A 441 -3.82 -2.63 -29.11
CA VAL A 441 -4.44 -1.63 -28.26
C VAL A 441 -3.50 -1.25 -27.10
N ALA A 442 -2.91 -2.25 -26.42
CA ALA A 442 -2.00 -1.89 -25.33
C ALA A 442 -0.82 -1.06 -25.84
N ARG A 443 -0.20 -1.50 -26.93
CA ARG A 443 0.94 -0.80 -27.52
C ARG A 443 0.65 0.66 -27.76
N LEU A 444 -0.59 0.98 -28.20
CA LEU A 444 -0.95 2.38 -28.56
C LEU A 444 -0.91 3.28 -27.33
N HIS A 445 -0.95 2.71 -26.12
CA HIS A 445 -1.07 3.49 -24.91
C HIS A 445 0.25 3.61 -24.16
N LEU A 446 1.32 3.01 -24.66
CA LEU A 446 2.56 2.93 -23.88
C LEU A 446 3.34 4.24 -23.88
N ALA A 447 3.41 4.92 -25.04
CA ALA A 447 4.27 6.11 -25.09
C ALA A 447 3.75 7.22 -24.17
N LYS A 448 2.43 7.37 -24.08
CA LYS A 448 1.90 8.51 -23.35
CA LYS A 448 1.85 8.48 -23.34
C LYS A 448 2.25 8.44 -21.87
N ILE A 449 2.37 7.24 -21.32
CA ILE A 449 2.73 7.08 -19.91
C ILE A 449 4.20 6.67 -19.77
N GLY A 450 5.00 6.84 -20.81
CA GLY A 450 6.43 6.73 -20.61
C GLY A 450 6.98 5.32 -20.48
N VAL A 451 6.25 4.30 -20.90
CA VAL A 451 6.74 2.93 -20.87
C VAL A 451 7.77 2.76 -21.96
N LYS A 452 8.90 2.14 -21.64
CA LYS A 452 9.90 1.76 -22.64
C LYS A 452 9.84 0.25 -22.77
N LEU A 453 9.28 -0.23 -23.87
CA LEU A 453 9.17 -1.68 -24.09
C LEU A 453 10.51 -2.28 -24.51
N THR A 454 10.84 -3.46 -23.98
CA THR A 454 11.99 -4.24 -24.42
C THR A 454 11.62 -5.00 -25.68
N GLU A 455 12.62 -5.18 -26.57
CA GLU A 455 12.44 -6.02 -27.74
C GLU A 455 13.16 -7.34 -27.53
N LEU A 456 12.47 -8.43 -27.83
CA LEU A 456 13.14 -9.74 -27.79
C LEU A 456 14.30 -9.72 -28.76
N ARG A 457 15.47 -10.13 -28.30
CA ARG A 457 16.49 -10.46 -29.27
C ARG A 457 15.97 -11.60 -30.12
N LYS A 458 16.51 -11.74 -31.32
CA LYS A 458 16.09 -12.89 -32.11
C LYS A 458 16.27 -14.25 -31.38
N ASP A 459 17.43 -14.46 -30.73
CA ASP A 459 17.68 -15.73 -30.00
C ASP A 459 16.62 -15.96 -28.92
N GLN A 460 16.22 -14.90 -28.23
CA GLN A 460 15.25 -15.05 -27.15
C GLN A 460 13.88 -15.38 -27.69
N ALA A 461 13.49 -14.73 -28.79
CA ALA A 461 12.19 -15.05 -29.38
C ALA A 461 12.15 -16.51 -29.77
N ASP A 462 13.22 -17.01 -30.40
CA ASP A 462 13.30 -18.43 -30.74
C ASP A 462 13.22 -19.29 -29.49
N TYR A 463 14.08 -19.00 -28.50
CA TYR A 463 14.08 -19.76 -27.24
C TYR A 463 12.69 -19.98 -26.68
N ILE A 464 11.85 -18.95 -26.64
CA ILE A 464 10.52 -19.11 -26.06
C ILE A 464 9.47 -19.40 -27.13
N GLY A 465 9.87 -19.45 -28.41
CA GLY A 465 8.93 -19.78 -29.46
C GLY A 465 7.85 -18.75 -29.69
N VAL A 466 8.22 -17.46 -29.75
CA VAL A 466 7.31 -16.44 -30.24
C VAL A 466 8.05 -15.61 -31.29
N LYS A 467 7.26 -14.88 -32.08
CA LYS A 467 7.80 -13.86 -32.97
C LYS A 467 8.15 -12.62 -32.16
N GLN A 468 9.23 -11.92 -32.55
CA GLN A 468 9.61 -10.66 -31.92
C GLN A 468 8.45 -9.69 -31.88
N GLU A 469 7.57 -9.75 -32.89
CA GLU A 469 6.43 -8.85 -32.93
C GLU A 469 5.19 -9.40 -32.25
N GLY A 470 5.29 -10.58 -31.61
CA GLY A 470 4.13 -11.17 -30.98
C GLY A 470 3.28 -11.93 -31.95
N PRO A 471 2.18 -12.53 -31.46
CA PRO A 471 1.69 -12.37 -30.08
C PRO A 471 2.56 -13.13 -29.10
N TYR A 472 2.52 -12.68 -27.85
CA TYR A 472 3.52 -13.16 -26.88
C TYR A 472 2.99 -14.22 -25.94
N LYS A 473 1.68 -14.42 -25.88
CA LYS A 473 1.07 -15.35 -24.93
C LYS A 473 0.12 -16.30 -25.67
N SER A 474 -0.09 -17.47 -25.06
CA SER A 474 -1.06 -18.44 -25.58
C SER A 474 -2.48 -17.88 -25.49
N ASP A 475 -3.41 -18.52 -26.22
CA ASP A 475 -4.75 -17.97 -26.17
C ASP A 475 -5.43 -18.22 -24.82
N HIS A 476 -4.92 -19.13 -24.02
CA HIS A 476 -5.52 -19.34 -22.73
C HIS A 476 -4.83 -18.56 -21.61
N TYR A 477 -3.85 -17.71 -21.93
CA TYR A 477 -3.16 -16.95 -20.89
C TYR A 477 -4.11 -15.98 -20.19
N ARG A 478 -4.01 -15.88 -18.84
CA ARG A 478 -4.98 -15.10 -18.10
C ARG A 478 -4.45 -13.74 -17.68
N TYR A 479 -3.18 -13.46 -17.87
CA TYR A 479 -2.62 -12.16 -17.45
C TYR A 479 -2.86 -11.86 -15.97
N GLY B 12 15.90 -51.98 7.43
CA GLY B 12 17.28 -52.01 6.97
C GLY B 12 17.55 -51.09 5.77
N PHE B 13 16.71 -50.07 5.66
CA PHE B 13 16.53 -49.29 4.46
C PHE B 13 17.65 -48.24 4.29
N THR B 14 18.38 -48.27 3.14
CA THR B 14 19.36 -47.24 2.77
CA THR B 14 19.35 -47.23 2.78
C THR B 14 19.20 -46.75 1.33
N ASP B 15 18.08 -47.05 0.69
CA ASP B 15 17.90 -46.68 -0.72
C ASP B 15 17.49 -45.21 -0.79
N TYR B 16 18.45 -44.34 -0.49
CA TYR B 16 18.24 -42.90 -0.49
C TYR B 16 19.60 -42.23 -0.37
N ILE B 17 19.63 -40.92 -0.65
CA ILE B 17 20.83 -40.12 -0.43
C ILE B 17 20.35 -38.80 0.13
N VAL B 18 20.67 -38.53 1.40
CA VAL B 18 20.31 -37.24 2.01
C VAL B 18 21.55 -36.73 2.75
N LYS B 19 21.62 -35.42 2.97
CA LYS B 19 22.82 -34.84 3.56
C LYS B 19 23.09 -35.34 4.97
N ASP B 20 22.03 -35.46 5.78
CA ASP B 20 22.21 -35.69 7.23
C ASP B 20 20.91 -36.35 7.73
N ILE B 21 20.93 -37.69 7.75
CA ILE B 21 19.74 -38.41 8.15
C ILE B 21 19.35 -38.07 9.60
N ALA B 22 20.31 -37.58 10.42
CA ALA B 22 19.99 -37.16 11.78
C ALA B 22 19.04 -35.97 11.85
N LEU B 23 18.80 -35.26 10.75
CA LEU B 23 17.84 -34.17 10.71
C LEU B 23 16.40 -34.67 10.65
N ALA B 24 16.16 -35.96 10.65
CA ALA B 24 14.82 -36.45 10.36
C ALA B 24 13.79 -36.00 11.41
N ASP B 25 14.20 -35.96 12.69
CA ASP B 25 13.26 -35.58 13.74
C ASP B 25 12.85 -34.11 13.58
N PHE B 26 13.82 -33.25 13.24
CA PHE B 26 13.54 -31.85 12.95
C PHE B 26 12.63 -31.74 11.75
N GLY B 27 12.90 -32.50 10.69
CA GLY B 27 12.01 -32.47 9.53
C GLY B 27 10.60 -32.87 9.89
N ARG B 28 10.45 -33.93 10.72
CA ARG B 28 9.11 -34.36 11.09
C ARG B 28 8.37 -33.30 11.88
N LYS B 29 9.06 -32.56 12.76
CA LYS B 29 8.37 -31.49 13.48
C LYS B 29 7.87 -30.41 12.53
N GLU B 30 8.72 -30.04 11.54
CA GLU B 30 8.25 -29.00 10.63
C GLU B 30 7.22 -29.55 9.64
N ILE B 31 7.29 -30.84 9.27
CA ILE B 31 6.20 -31.39 8.46
C ILE B 31 4.88 -31.34 9.21
N SER B 32 4.90 -31.71 10.49
CA SER B 32 3.67 -31.61 11.29
C SER B 32 3.09 -30.21 11.27
N LEU B 33 3.94 -29.20 11.49
CA LEU B 33 3.47 -27.81 11.45
C LEU B 33 2.90 -27.47 10.10
N ALA B 34 3.55 -27.93 9.01
CA ALA B 34 3.08 -27.61 7.66
C ALA B 34 1.75 -28.27 7.37
N GLU B 35 1.52 -29.46 7.93
CA GLU B 35 0.22 -30.11 7.74
C GLU B 35 -0.93 -29.20 8.18
N THR B 36 -0.78 -28.53 9.35
CA THR B 36 -1.81 -27.61 9.81
C THR B 36 -2.05 -26.48 8.80
N GLU B 37 -0.98 -26.07 8.11
CA GLU B 37 -1.03 -25.01 7.13
C GLU B 37 -1.39 -25.47 5.73
N MET B 38 -1.67 -26.76 5.52
CA MET B 38 -1.94 -27.29 4.16
C MET B 38 -3.30 -28.02 4.12
N PRO B 39 -4.38 -27.29 4.35
CA PRO B 39 -5.69 -27.94 4.52
C PRO B 39 -6.17 -28.63 3.25
N GLY B 40 -5.72 -28.19 2.07
CA GLY B 40 -6.15 -28.88 0.86
C GLY B 40 -5.53 -30.25 0.72
N LEU B 41 -4.22 -30.36 0.94
CA LEU B 41 -3.58 -31.66 0.95
C LEU B 41 -4.18 -32.54 1.98
N MET B 42 -4.39 -32.03 3.20
CA MET B 42 -4.87 -32.92 4.22
C MET B 42 -6.27 -33.37 3.93
N ALA B 43 -7.13 -32.46 3.39
CA ALA B 43 -8.51 -32.86 3.04
C ALA B 43 -8.47 -33.89 1.92
N THR B 44 -7.49 -33.77 1.01
CA THR B 44 -7.38 -34.74 -0.07
C THR B 44 -6.98 -36.12 0.47
N ARG B 45 -6.04 -36.17 1.44
CA ARG B 45 -5.79 -37.42 2.13
C ARG B 45 -7.03 -37.98 2.78
N GLU B 46 -7.79 -37.14 3.46
CA GLU B 46 -8.99 -37.63 4.13
C GLU B 46 -9.99 -38.23 3.15
N GLU B 47 -10.22 -37.58 2.00
CA GLU B 47 -11.26 -38.04 1.07
C GLU B 47 -10.78 -39.25 0.29
N TYR B 48 -9.54 -39.18 -0.23
CA TYR B 48 -9.08 -40.21 -1.16
C TYR B 48 -8.27 -41.31 -0.49
N GLY B 49 -7.70 -41.10 0.70
CA GLY B 49 -7.00 -42.17 1.39
C GLY B 49 -7.75 -43.49 1.39
N PRO B 50 -9.02 -43.49 1.82
CA PRO B 50 -9.75 -44.75 1.90
C PRO B 50 -10.13 -45.31 0.54
N LYS B 51 -10.06 -44.50 -0.51
CA LYS B 51 -10.33 -44.94 -1.88
C LYS B 51 -9.09 -45.55 -2.54
N GLN B 52 -7.90 -45.28 -2.03
CA GLN B 52 -6.65 -45.78 -2.60
C GLN B 52 -6.58 -45.65 -4.11
N PRO B 53 -6.83 -44.46 -4.66
CA PRO B 53 -6.83 -44.28 -6.13
C PRO B 53 -5.47 -44.48 -6.73
N LEU B 54 -4.39 -44.35 -5.96
CA LEU B 54 -3.05 -44.49 -6.52
C LEU B 54 -2.42 -45.83 -6.16
N LYS B 55 -3.22 -46.75 -5.64
CA LYS B 55 -2.71 -48.12 -5.47
C LYS B 55 -2.31 -48.68 -6.83
N GLY B 56 -1.05 -49.14 -6.93
CA GLY B 56 -0.48 -49.59 -8.19
C GLY B 56 0.31 -48.51 -8.89
N ALA B 57 0.20 -47.28 -8.45
CA ALA B 57 1.00 -46.22 -9.07
C ALA B 57 2.42 -46.31 -8.56
N ARG B 58 3.38 -46.13 -9.47
CA ARG B 58 4.79 -46.03 -9.15
C ARG B 58 5.27 -44.65 -9.66
N ILE B 59 5.27 -43.65 -8.79
CA ILE B 59 5.44 -42.25 -9.16
C ILE B 59 6.90 -41.90 -8.98
N ALA B 60 7.53 -41.46 -10.07
CA ALA B 60 8.85 -40.83 -10.05
C ALA B 60 8.61 -39.33 -9.98
N GLY B 61 8.96 -38.72 -8.85
CA GLY B 61 8.77 -37.28 -8.63
C GLY B 61 10.11 -36.56 -8.77
N SER B 62 10.08 -35.42 -9.46
CA SER B 62 11.24 -34.52 -9.56
C SER B 62 10.75 -33.12 -9.22
N LEU B 63 10.93 -32.72 -7.97
CA LEU B 63 10.29 -31.50 -7.48
C LEU B 63 11.01 -31.13 -6.21
N HIS B 64 11.40 -29.85 -6.10
CA HIS B 64 12.13 -29.28 -4.96
C HIS B 64 11.80 -30.02 -3.66
N MET B 65 12.79 -30.64 -3.03
CA MET B 65 12.53 -31.51 -1.86
C MET B 65 12.49 -30.66 -0.59
N THR B 66 11.38 -29.95 -0.44
CA THR B 66 11.11 -29.04 0.69
C THR B 66 10.16 -29.71 1.67
N ILE B 67 9.94 -29.02 2.80
CA ILE B 67 8.92 -29.48 3.78
C ILE B 67 7.56 -29.57 3.11
N GLN B 68 7.25 -28.63 2.22
CA GLN B 68 5.97 -28.70 1.54
C GLN B 68 5.87 -29.89 0.61
N THR B 69 6.95 -30.18 -0.13
CA THR B 69 6.95 -31.38 -0.95
C THR B 69 6.85 -32.63 -0.10
N ALA B 70 7.41 -32.65 1.12
CA ALA B 70 7.23 -33.85 1.92
C ALA B 70 5.77 -34.11 2.19
N VAL B 71 4.98 -33.05 2.45
CA VAL B 71 3.55 -33.26 2.72
C VAL B 71 2.85 -33.80 1.48
N LEU B 72 3.25 -33.31 0.30
CA LEU B 72 2.73 -33.91 -0.95
C LEU B 72 3.13 -35.38 -1.07
N ILE B 73 4.41 -35.70 -0.81
CA ILE B 73 4.83 -37.08 -0.96
C ILE B 73 4.00 -37.99 -0.05
N GLU B 74 3.84 -37.58 1.21
CA GLU B 74 3.13 -38.46 2.16
C GLU B 74 1.65 -38.50 1.82
N THR B 75 1.15 -37.48 1.12
CA THR B 75 -0.23 -37.55 0.63
C THR B 75 -0.36 -38.59 -0.48
N LEU B 76 0.55 -38.54 -1.49
CA LEU B 76 0.54 -39.56 -2.53
C LEU B 76 0.61 -40.97 -1.93
N ALA B 77 1.48 -41.14 -0.91
CA ALA B 77 1.63 -42.46 -0.31
C ALA B 77 0.35 -42.86 0.41
N ALA B 78 -0.29 -41.91 1.09
CA ALA B 78 -1.56 -42.23 1.76
C ALA B 78 -2.66 -42.59 0.79
N LEU B 79 -2.52 -42.20 -0.47
CA LEU B 79 -3.47 -42.57 -1.51
C LEU B 79 -3.09 -43.91 -2.15
N GLY B 80 -2.01 -44.55 -1.68
CA GLY B 80 -1.63 -45.86 -2.19
C GLY B 80 -0.36 -45.88 -3.03
N ALA B 81 0.25 -44.71 -3.33
CA ALA B 81 1.32 -44.73 -4.32
C ALA B 81 2.62 -45.30 -3.74
N ASP B 82 3.38 -45.95 -4.61
CA ASP B 82 4.79 -46.29 -4.38
C ASP B 82 5.58 -45.18 -5.08
N ILE B 83 6.68 -44.70 -4.45
CA ILE B 83 7.28 -43.41 -4.80
C ILE B 83 8.81 -43.52 -4.82
N ARG B 84 9.44 -42.80 -5.75
CA ARG B 84 10.86 -42.47 -5.67
C ARG B 84 10.95 -40.99 -5.99
N TRP B 85 11.86 -40.26 -5.34
CA TRP B 85 11.85 -38.81 -5.43
C TRP B 85 13.24 -38.20 -5.60
N VAL B 86 13.32 -37.10 -6.35
CA VAL B 86 14.52 -36.24 -6.39
C VAL B 86 14.09 -34.77 -6.35
N SER B 87 15.04 -33.89 -6.09
CA SER B 87 14.75 -32.46 -6.23
C SER B 87 14.90 -32.06 -7.69
N CYS B 88 14.24 -30.98 -8.08
CA CYS B 88 14.46 -30.48 -9.42
C CYS B 88 15.40 -29.27 -9.48
N ASN B 89 16.08 -28.96 -8.38
CA ASN B 89 17.11 -27.94 -8.43
C ASN B 89 18.18 -28.32 -7.43
N ILE B 90 19.43 -27.92 -7.75
CA ILE B 90 20.53 -28.36 -6.90
C ILE B 90 20.59 -27.62 -5.57
N TYR B 91 19.94 -26.45 -5.43
CA TYR B 91 20.02 -25.73 -4.16
C TYR B 91 18.68 -25.65 -3.44
N SER B 92 17.61 -26.28 -3.95
CA SER B 92 16.29 -26.03 -3.32
C SER B 92 15.92 -27.04 -2.22
N THR B 93 16.61 -28.17 -2.11
CA THR B 93 16.29 -29.12 -1.08
C THR B 93 16.37 -28.47 0.29
N GLN B 94 15.48 -28.92 1.17
CA GLN B 94 15.58 -28.61 2.61
C GLN B 94 16.00 -29.91 3.24
N ASP B 95 17.24 -29.95 3.74
CA ASP B 95 17.81 -31.24 4.14
C ASP B 95 16.99 -31.93 5.23
N HIS B 96 16.32 -31.17 6.11
CA HIS B 96 15.56 -31.89 7.14
C HIS B 96 14.31 -32.52 6.57
N ALA B 97 13.71 -31.90 5.54
CA ALA B 97 12.60 -32.52 4.84
C ALA B 97 13.03 -33.78 4.12
N ALA B 98 14.16 -33.72 3.40
CA ALA B 98 14.67 -34.95 2.75
C ALA B 98 14.91 -36.07 3.76
N ALA B 99 15.53 -35.73 4.90
CA ALA B 99 15.84 -36.76 5.89
C ALA B 99 14.56 -37.36 6.44
N ALA B 100 13.52 -36.55 6.62
CA ALA B 100 12.28 -37.14 7.14
C ALA B 100 11.67 -38.11 6.12
N ILE B 101 11.73 -37.75 4.84
CA ILE B 101 11.15 -38.66 3.84
C ILE B 101 11.96 -39.94 3.79
N ALA B 102 13.29 -39.84 3.84
CA ALA B 102 14.13 -41.04 3.89
C ALA B 102 13.76 -41.91 5.08
N ALA B 103 13.55 -41.27 6.24
CA ALA B 103 13.27 -42.03 7.47
C ALA B 103 11.92 -42.74 7.40
N ALA B 104 11.00 -42.20 6.58
CA ALA B 104 9.68 -42.74 6.36
C ALA B 104 9.73 -43.91 5.39
N GLY B 105 10.91 -44.24 4.87
CA GLY B 105 11.06 -45.40 4.01
C GLY B 105 10.81 -45.13 2.55
N ILE B 106 10.82 -43.89 2.12
CA ILE B 106 10.59 -43.54 0.72
C ILE B 106 11.93 -43.17 0.07
N PRO B 107 12.31 -43.79 -1.05
CA PRO B 107 13.59 -43.42 -1.70
C PRO B 107 13.57 -41.99 -2.13
N VAL B 108 14.55 -41.24 -1.67
CA VAL B 108 14.71 -39.84 -2.05
C VAL B 108 16.20 -39.59 -2.23
N PHE B 109 16.55 -38.83 -3.27
CA PHE B 109 17.95 -38.51 -3.58
C PHE B 109 18.03 -37.01 -3.76
N ALA B 110 18.39 -36.32 -2.69
CA ALA B 110 18.23 -34.85 -2.69
C ALA B 110 19.07 -34.24 -1.58
N VAL B 111 20.01 -33.35 -1.98
CA VAL B 111 20.93 -32.71 -1.04
C VAL B 111 20.99 -31.25 -1.41
N LYS B 112 20.86 -30.36 -0.42
CA LYS B 112 21.05 -28.94 -0.73
C LYS B 112 22.51 -28.74 -1.06
N GLY B 113 22.79 -28.27 -2.28
CA GLY B 113 24.16 -28.09 -2.71
C GLY B 113 24.74 -29.24 -3.47
N GLU B 114 23.93 -30.23 -3.83
CA GLU B 114 24.43 -31.26 -4.73
C GLU B 114 24.95 -30.61 -6.03
N THR B 115 25.89 -31.29 -6.68
CA THR B 115 26.42 -30.75 -7.94
C THR B 115 25.52 -31.13 -9.10
N LEU B 116 25.75 -30.50 -10.25
CA LEU B 116 25.02 -30.89 -11.46
C LEU B 116 25.25 -32.37 -11.80
N THR B 117 26.47 -32.88 -11.61
CA THR B 117 26.72 -34.30 -11.87
C THR B 117 25.84 -35.16 -10.97
N GLU B 118 25.84 -34.84 -9.67
CA GLU B 118 24.98 -35.60 -8.76
C GLU B 118 23.51 -35.48 -9.15
N TYR B 119 23.08 -34.26 -9.47
CA TYR B 119 21.70 -34.00 -9.83
C TYR B 119 21.22 -34.97 -10.88
N TRP B 120 21.97 -35.07 -11.98
CA TRP B 120 21.52 -35.95 -13.07
C TRP B 120 21.66 -37.43 -12.71
N ASP B 121 22.74 -37.83 -12.00
CA ASP B 121 22.78 -39.20 -11.49
C ASP B 121 21.57 -39.52 -10.62
N TYR B 122 21.15 -38.57 -9.76
CA TYR B 122 19.99 -38.87 -8.92
C TYR B 122 18.72 -38.99 -9.75
N THR B 123 18.51 -38.09 -10.73
CA THR B 123 17.33 -38.21 -11.58
C THR B 123 17.26 -39.59 -12.21
N ALA B 124 18.39 -40.12 -12.65
CA ALA B 124 18.36 -41.46 -13.24
C ALA B 124 17.91 -42.52 -12.23
N LYS B 125 18.22 -42.34 -10.96
CA LYS B 125 17.82 -43.33 -9.98
C LYS B 125 16.30 -43.41 -9.83
N LEU B 126 15.55 -42.39 -10.26
CA LEU B 126 14.10 -42.51 -10.25
C LEU B 126 13.63 -43.74 -11.01
N PHE B 127 14.38 -44.12 -12.06
CA PHE B 127 13.82 -45.03 -13.05
C PHE B 127 14.21 -46.48 -12.78
N ASP B 128 15.15 -46.70 -11.86
CA ASP B 128 15.52 -48.04 -11.41
CA ASP B 128 15.54 -48.03 -11.40
C ASP B 128 14.64 -48.35 -10.22
N TRP B 129 13.44 -48.85 -10.52
CA TRP B 129 12.47 -48.98 -9.42
C TRP B 129 12.93 -50.05 -8.41
N HIS B 130 12.68 -49.77 -7.13
CA HIS B 130 13.02 -50.76 -6.10
C HIS B 130 12.22 -52.06 -6.26
N GLY B 131 12.93 -53.18 -6.24
CA GLY B 131 12.34 -54.47 -6.49
C GLY B 131 12.30 -54.86 -7.95
N GLY B 132 12.69 -53.96 -8.84
CA GLY B 132 12.79 -54.16 -10.28
C GLY B 132 11.73 -53.35 -11.04
N GLY B 133 11.99 -53.14 -12.33
CA GLY B 133 11.03 -52.49 -13.20
C GLY B 133 11.28 -50.99 -13.22
N THR B 134 10.28 -50.26 -13.71
CA THR B 134 10.36 -48.82 -13.97
C THR B 134 9.17 -48.16 -13.30
N PRO B 135 9.17 -46.81 -13.22
CA PRO B 135 7.96 -46.09 -12.78
C PRO B 135 6.81 -46.27 -13.77
N ASN B 136 5.61 -45.83 -13.37
CA ASN B 136 4.51 -45.76 -14.35
C ASN B 136 3.81 -44.41 -14.27
N MET B 137 4.36 -43.45 -13.52
CA MET B 137 3.86 -42.07 -13.45
C MET B 137 5.06 -41.16 -13.25
N ILE B 138 5.00 -39.94 -13.81
CA ILE B 138 5.97 -38.88 -13.50
C ILE B 138 5.24 -37.68 -12.93
N LEU B 139 5.80 -37.11 -11.87
CA LEU B 139 5.34 -35.85 -11.30
C LEU B 139 6.55 -34.92 -11.41
N ASP B 140 6.49 -33.91 -12.28
CA ASP B 140 7.69 -33.16 -12.70
C ASP B 140 7.49 -31.68 -12.44
N ASP B 141 8.58 -30.98 -12.16
CA ASP B 141 8.58 -29.53 -11.97
C ASP B 141 9.79 -29.07 -12.77
N GLY B 142 9.52 -28.55 -13.98
CA GLY B 142 10.58 -28.07 -14.83
C GLY B 142 10.89 -28.99 -15.97
N GLY B 143 10.36 -30.22 -15.97
CA GLY B 143 10.49 -31.12 -17.10
C GLY B 143 11.78 -31.93 -17.20
N ASP B 144 12.64 -31.93 -16.16
CA ASP B 144 13.90 -32.67 -16.30
C ASP B 144 13.71 -34.18 -16.35
N ALA B 145 12.87 -34.77 -15.50
CA ALA B 145 12.66 -36.22 -15.56
C ALA B 145 12.04 -36.58 -16.91
N THR B 146 11.10 -35.76 -17.36
CA THR B 146 10.43 -35.99 -18.65
C THR B 146 11.44 -35.94 -19.76
N MET B 147 12.35 -34.97 -19.68
CA MET B 147 13.36 -34.79 -20.74
C MET B 147 14.32 -35.98 -20.78
N LEU B 148 14.73 -36.50 -19.61
CA LEU B 148 15.59 -37.69 -19.60
C LEU B 148 14.96 -38.84 -20.40
N VAL B 149 13.68 -39.11 -20.17
CA VAL B 149 13.03 -40.19 -20.90
C VAL B 149 13.05 -39.90 -22.40
N HIS B 150 12.69 -38.67 -22.79
CA HIS B 150 12.52 -38.39 -24.20
C HIS B 150 13.86 -38.36 -24.93
N ALA B 151 14.91 -37.82 -24.27
CA ALA B 151 16.22 -37.77 -24.92
C ALA B 151 16.77 -39.16 -25.07
N GLY B 152 16.65 -39.98 -24.04
CA GLY B 152 17.10 -41.36 -24.16
C GLY B 152 16.34 -42.12 -25.23
N TYR B 153 15.01 -41.94 -25.29
CA TYR B 153 14.19 -42.58 -26.32
C TYR B 153 14.66 -42.17 -27.71
N ARG B 154 14.89 -40.87 -27.92
CA ARG B 154 15.36 -40.37 -29.21
C ARG B 154 16.65 -41.05 -29.63
N ALA B 155 17.60 -41.12 -28.69
CA ALA B 155 18.91 -41.71 -29.01
C ALA B 155 18.78 -43.20 -29.22
N GLU B 156 17.94 -43.84 -28.43
CA GLU B 156 17.79 -45.27 -28.54
C GLU B 156 17.18 -45.66 -29.89
N GLN B 157 16.32 -44.83 -30.49
CA GLN B 157 15.79 -45.05 -31.82
C GLN B 157 16.81 -44.72 -32.90
N GLY B 158 18.10 -44.59 -32.54
CA GLY B 158 19.19 -44.44 -33.49
C GLY B 158 19.75 -43.04 -33.66
N ASP B 159 19.06 -42.01 -33.14
CA ASP B 159 19.45 -40.62 -33.39
C ASP B 159 20.37 -40.16 -32.27
N THR B 160 21.65 -40.55 -32.36
CA THR B 160 22.60 -40.29 -31.27
C THR B 160 23.56 -39.11 -31.50
N ALA B 161 23.56 -38.48 -32.69
CA ALA B 161 24.57 -37.45 -32.94
C ALA B 161 24.33 -36.21 -32.09
N PHE B 162 23.07 -35.89 -31.74
CA PHE B 162 22.85 -34.70 -30.94
C PHE B 162 23.56 -34.78 -29.61
N LEU B 163 23.83 -35.99 -29.11
CA LEU B 163 24.43 -36.12 -27.78
C LEU B 163 25.89 -35.69 -27.78
N ASP B 164 26.47 -35.48 -28.96
CA ASP B 164 27.85 -35.05 -29.05
C ASP B 164 27.94 -33.55 -29.21
N LYS B 165 26.79 -32.84 -29.09
CA LYS B 165 26.73 -31.42 -29.41
C LYS B 165 26.02 -30.62 -28.32
N PRO B 166 26.54 -30.63 -27.08
CA PRO B 166 25.87 -29.84 -26.02
C PRO B 166 26.15 -28.34 -26.14
N GLY B 167 25.26 -27.55 -25.53
CA GLY B 167 25.34 -26.10 -25.56
C GLY B 167 25.77 -25.45 -24.26
N SER B 168 25.84 -26.21 -23.17
CA SER B 168 26.14 -25.67 -21.85
C SER B 168 26.79 -26.76 -21.01
N GLU B 169 27.39 -26.35 -19.90
CA GLU B 169 27.97 -27.34 -19.00
C GLU B 169 26.90 -28.31 -18.51
N GLU B 170 25.72 -27.81 -18.17
CA GLU B 170 24.68 -28.73 -17.71
C GLU B 170 24.27 -29.68 -18.81
N GLU B 171 24.16 -29.18 -20.06
CA GLU B 171 23.73 -30.10 -21.11
C GLU B 171 24.79 -31.17 -21.40
N GLU B 172 26.07 -30.81 -21.26
CA GLU B 172 27.09 -31.84 -21.43
CA GLU B 172 27.15 -31.78 -21.38
C GLU B 172 26.96 -32.91 -20.36
N ILE B 173 26.66 -32.53 -19.11
CA ILE B 173 26.45 -33.52 -18.05
C ILE B 173 25.22 -34.36 -18.36
N PHE B 174 24.15 -33.73 -18.81
CA PHE B 174 22.93 -34.47 -19.16
C PHE B 174 23.19 -35.46 -20.29
N TYR B 175 23.85 -35.00 -21.35
CA TYR B 175 24.13 -35.89 -22.48
C TYR B 175 25.09 -37.00 -22.06
N ALA B 176 26.06 -36.72 -21.20
CA ALA B 176 26.93 -37.80 -20.74
C ALA B 176 26.12 -38.83 -19.97
N LEU B 177 25.13 -38.36 -19.20
CA LEU B 177 24.27 -39.31 -18.51
C LEU B 177 23.51 -40.19 -19.47
N VAL B 178 22.91 -39.60 -20.48
CA VAL B 178 22.15 -40.40 -21.44
C VAL B 178 23.07 -41.43 -22.07
N LYS B 179 24.29 -41.02 -22.46
CA LYS B 179 25.22 -41.99 -23.05
C LYS B 179 25.54 -43.10 -22.07
N ARG B 180 25.73 -42.76 -20.79
CA ARG B 180 26.09 -43.77 -19.80
C ARG B 180 24.95 -44.77 -19.62
N LEU B 181 23.70 -44.28 -19.60
CA LEU B 181 22.56 -45.18 -19.45
C LEU B 181 22.37 -46.06 -20.69
N LEU B 182 22.57 -45.49 -21.89
CA LEU B 182 22.47 -46.35 -23.08
C LEU B 182 23.53 -47.45 -23.06
N LYS B 183 24.69 -47.16 -22.47
CA LYS B 183 25.77 -48.15 -22.39
C LYS B 183 25.50 -49.22 -21.33
N GLU B 184 24.96 -48.82 -20.18
CA GLU B 184 24.80 -49.72 -19.04
C GLU B 184 23.48 -50.47 -19.03
N LYS B 185 22.36 -49.84 -19.42
CA LYS B 185 21.04 -50.43 -19.26
C LYS B 185 20.74 -51.41 -20.39
N PRO B 186 19.78 -52.32 -20.18
CA PRO B 186 19.41 -53.28 -21.24
C PRO B 186 18.96 -52.55 -22.48
N LYS B 187 19.21 -53.17 -23.63
CA LYS B 187 18.81 -52.56 -24.89
C LYS B 187 17.30 -52.35 -24.87
N GLY B 188 16.87 -51.16 -25.24
CA GLY B 188 15.46 -50.86 -25.25
C GLY B 188 14.92 -50.29 -23.96
N TRP B 189 15.80 -49.94 -23.02
CA TRP B 189 15.36 -49.48 -21.70
C TRP B 189 14.52 -48.23 -21.78
N PHE B 190 14.92 -47.25 -22.60
CA PHE B 190 14.11 -46.04 -22.66
C PHE B 190 12.74 -46.30 -23.27
N ALA B 191 12.66 -47.17 -24.28
CA ALA B 191 11.34 -47.51 -24.83
C ALA B 191 10.49 -48.24 -23.78
N GLU B 192 11.11 -49.09 -22.96
CA GLU B 192 10.40 -49.77 -21.88
C GLU B 192 9.85 -48.75 -20.87
N ILE B 193 10.67 -47.76 -20.45
CA ILE B 193 10.16 -46.71 -19.58
C ILE B 193 8.99 -45.98 -20.25
N ALA B 194 9.19 -45.53 -21.50
CA ALA B 194 8.15 -44.73 -22.18
C ALA B 194 6.84 -45.49 -22.28
N LYS B 195 6.93 -46.79 -22.54
CA LYS B 195 5.74 -47.64 -22.65
C LYS B 195 4.99 -47.71 -21.33
N ASN B 196 5.72 -47.64 -20.23
CA ASN B 196 5.08 -47.87 -18.92
C ASN B 196 4.58 -46.58 -18.27
N ILE B 197 5.04 -45.41 -18.74
CA ILE B 197 4.62 -44.16 -18.11
C ILE B 197 3.21 -43.85 -18.61
N LYS B 198 2.26 -43.84 -17.69
CA LYS B 198 0.87 -43.55 -18.01
C LYS B 198 0.62 -42.06 -18.23
N GLY B 199 1.45 -41.20 -17.65
CA GLY B 199 1.28 -39.77 -17.83
C GLY B 199 2.23 -39.01 -16.95
N VAL B 200 2.33 -37.71 -17.23
CA VAL B 200 3.13 -36.81 -16.40
C VAL B 200 2.29 -35.62 -15.98
N SER B 201 2.41 -35.18 -14.73
CA SER B 201 1.85 -33.88 -14.36
C SER B 201 2.98 -32.91 -14.14
N GLU B 202 2.83 -31.69 -14.69
CA GLU B 202 3.93 -30.75 -14.75
C GLU B 202 3.54 -29.43 -14.08
N GLU B 203 4.39 -29.00 -13.14
CA GLU B 203 4.11 -27.98 -12.14
C GLU B 203 4.32 -26.55 -12.66
N THR B 204 5.33 -26.28 -13.49
CA THR B 204 5.79 -24.89 -13.59
C THR B 204 5.81 -24.43 -15.04
N THR B 205 5.75 -23.11 -15.20
CA THR B 205 5.62 -22.52 -16.53
C THR B 205 6.67 -23.05 -17.49
N THR B 206 7.95 -23.10 -17.06
CA THR B 206 9.00 -23.56 -17.99
C THR B 206 8.79 -25.00 -18.41
N GLY B 207 8.38 -25.87 -17.47
CA GLY B 207 8.14 -27.27 -17.82
C GLY B 207 6.97 -27.42 -18.78
N VAL B 208 5.95 -26.59 -18.58
CA VAL B 208 4.80 -26.68 -19.49
C VAL B 208 5.20 -26.17 -20.87
N HIS B 209 6.03 -25.12 -20.92
CA HIS B 209 6.54 -24.70 -22.22
C HIS B 209 7.25 -25.86 -22.93
N ARG B 210 8.06 -26.64 -22.19
CA ARG B 210 8.74 -27.80 -22.78
C ARG B 210 7.75 -28.86 -23.28
N LEU B 211 6.65 -29.07 -22.57
CA LEU B 211 5.67 -30.07 -22.97
C LEU B 211 4.99 -29.67 -24.25
N TYR B 212 4.61 -28.40 -24.36
CA TYR B 212 3.89 -27.98 -25.56
C TYR B 212 4.83 -28.01 -26.78
N GLU B 213 6.13 -27.71 -26.57
CA GLU B 213 7.15 -27.91 -27.62
C GLU B 213 7.14 -29.34 -28.15
N MET B 214 7.18 -30.31 -27.22
CA MET B 214 7.18 -31.71 -27.62
C MET B 214 5.85 -32.11 -28.28
N ALA B 215 4.74 -31.66 -27.69
CA ALA B 215 3.43 -31.95 -28.30
C ALA B 215 3.33 -31.37 -29.70
N ASN B 216 3.83 -30.15 -29.90
CA ASN B 216 3.70 -29.57 -31.25
C ASN B 216 4.66 -30.21 -32.26
N LYS B 217 5.84 -30.62 -31.83
CA LYS B 217 6.76 -31.35 -32.70
C LYS B 217 6.34 -32.81 -32.87
N GLY B 218 5.31 -33.27 -32.14
CA GLY B 218 4.83 -34.64 -32.22
C GLY B 218 5.68 -35.68 -31.52
N THR B 219 6.48 -35.28 -30.53
CA THR B 219 7.44 -36.20 -29.93
C THR B 219 7.05 -36.57 -28.51
N LEU B 220 5.99 -35.97 -27.96
CA LEU B 220 5.58 -36.25 -26.58
C LEU B 220 5.08 -37.69 -26.48
N LEU B 221 5.62 -38.45 -25.51
CA LEU B 221 5.47 -39.89 -25.51
C LEU B 221 4.29 -40.36 -24.66
N PHE B 222 3.65 -39.49 -23.89
CA PHE B 222 2.54 -39.92 -23.03
C PHE B 222 1.70 -38.70 -22.69
N PRO B 223 0.49 -38.88 -22.19
CA PRO B 223 -0.36 -37.73 -21.85
C PRO B 223 0.28 -36.92 -20.74
N ALA B 224 -0.07 -35.62 -20.70
CA ALA B 224 0.44 -34.74 -19.67
C ALA B 224 -0.67 -33.84 -19.17
N ILE B 225 -0.67 -33.54 -17.87
CA ILE B 225 -1.52 -32.49 -17.32
C ILE B 225 -0.67 -31.29 -17.00
N ASN B 226 -1.07 -30.16 -17.53
CA ASN B 226 -0.47 -28.85 -17.28
C ASN B 226 -1.09 -28.37 -15.96
N VAL B 227 -0.38 -28.57 -14.85
CA VAL B 227 -0.88 -28.15 -13.55
C VAL B 227 -0.66 -26.65 -13.42
N ASN B 228 0.37 -26.11 -14.07
CA ASN B 228 0.68 -24.69 -13.85
C ASN B 228 -0.54 -23.83 -14.16
N ASP B 229 -1.28 -24.17 -15.22
CA ASP B 229 -2.38 -23.31 -15.63
C ASP B 229 -3.73 -23.68 -15.01
N SER B 230 -3.77 -24.52 -13.99
CA SER B 230 -4.90 -24.39 -13.07
C SER B 230 -4.95 -22.96 -12.57
N VAL B 231 -6.17 -22.39 -12.44
CA VAL B 231 -6.25 -21.06 -11.87
C VAL B 231 -5.65 -21.04 -10.49
N THR B 232 -5.96 -22.09 -9.67
CA THR B 232 -5.51 -22.15 -8.28
C THR B 232 -4.06 -22.60 -8.16
N LYS B 233 -3.33 -22.65 -9.27
CA LYS B 233 -1.87 -22.73 -9.24
C LYS B 233 -1.32 -21.42 -9.78
N SER B 234 -1.47 -21.13 -11.08
CA SER B 234 -0.82 -19.94 -11.66
C SER B 234 -1.17 -18.63 -10.95
N LYS B 235 -2.43 -18.43 -10.55
CA LYS B 235 -2.80 -17.14 -9.97
C LYS B 235 -2.59 -17.09 -8.47
N PHE B 236 -2.02 -18.14 -7.90
CA PHE B 236 -1.78 -18.20 -6.44
C PHE B 236 -0.31 -18.49 -6.14
N ASP B 237 0.19 -19.69 -6.43
CA ASP B 237 1.61 -20.00 -6.25
C ASP B 237 2.49 -18.99 -6.97
N ASN B 238 2.32 -18.79 -8.28
CA ASN B 238 3.30 -17.99 -9.00
C ASN B 238 3.26 -16.55 -8.50
N LEU B 239 2.05 -16.07 -8.14
CA LEU B 239 1.83 -14.66 -7.80
C LEU B 239 2.08 -14.42 -6.32
N TYR B 240 1.20 -14.95 -5.44
CA TYR B 240 1.35 -14.72 -4.01
C TYR B 240 2.57 -15.47 -3.43
N GLY B 241 2.87 -16.65 -3.94
CA GLY B 241 4.04 -17.36 -3.43
C GLY B 241 5.29 -16.54 -3.61
N CYS B 242 5.55 -16.03 -4.81
CA CYS B 242 6.71 -15.16 -5.01
C CYS B 242 6.57 -13.86 -4.23
N ARG B 243 5.36 -13.34 -4.08
CA ARG B 243 5.22 -12.13 -3.27
C ARG B 243 5.75 -12.34 -1.86
N GLU B 244 5.57 -13.55 -1.32
CA GLU B 244 6.04 -13.87 0.05
C GLU B 244 7.52 -14.28 0.04
N SER B 245 7.95 -15.00 -0.95
CA SER B 245 9.25 -15.66 -0.81
C SER B 245 10.40 -15.00 -1.53
N LEU B 246 10.15 -14.09 -2.48
CA LEU B 246 11.29 -13.44 -3.13
C LEU B 246 12.08 -12.60 -2.11
N VAL B 247 11.41 -11.67 -1.45
CA VAL B 247 12.08 -10.81 -0.46
C VAL B 247 12.64 -11.65 0.69
N ASP B 248 11.99 -12.78 1.05
CA ASP B 248 12.58 -13.67 2.07
C ASP B 248 13.94 -14.15 1.65
N GLY B 249 14.07 -14.59 0.41
CA GLY B 249 15.37 -15.01 -0.09
C GLY B 249 16.42 -13.91 -0.05
N ILE B 250 16.04 -12.72 -0.54
CA ILE B 250 16.99 -11.61 -0.57
C ILE B 250 17.40 -11.20 0.84
N ARG B 251 16.43 -11.14 1.76
CA ARG B 251 16.79 -10.79 3.13
C ARG B 251 17.73 -11.80 3.76
N ARG B 252 17.42 -13.09 3.63
CA ARG B 252 18.30 -14.04 4.28
C ARG B 252 19.70 -14.06 3.64
N GLY B 253 19.78 -13.82 2.33
CA GLY B 253 21.10 -13.82 1.69
C GLY B 253 21.96 -12.60 2.02
N THR B 254 21.34 -11.42 2.18
CA THR B 254 22.08 -10.16 2.22
C THR B 254 21.82 -9.29 3.46
N ASP B 255 20.67 -9.45 4.13
CA ASP B 255 20.27 -8.63 5.27
C ASP B 255 20.33 -7.15 4.95
N VAL B 256 20.03 -6.76 3.70
CA VAL B 256 20.05 -5.34 3.37
C VAL B 256 18.73 -4.70 3.75
N MET B 257 18.80 -3.38 3.98
CA MET B 257 17.63 -2.53 4.08
CA MET B 257 17.61 -2.56 4.09
C MET B 257 16.97 -2.37 2.72
N LEU B 258 15.69 -2.74 2.61
CA LEU B 258 14.99 -2.59 1.32
C LEU B 258 14.36 -1.22 1.16
N SER B 259 13.94 -0.58 2.26
CA SER B 259 13.47 0.81 2.17
C SER B 259 14.64 1.72 1.79
N GLY B 260 14.42 2.54 0.79
CA GLY B 260 15.51 3.36 0.26
C GLY B 260 16.17 2.79 -0.98
N LYS B 261 15.94 1.53 -1.31
CA LYS B 261 16.59 0.94 -2.46
CA LYS B 261 16.59 0.90 -2.44
C LYS B 261 15.68 0.92 -3.68
N VAL B 262 16.31 0.84 -4.82
CA VAL B 262 15.64 0.70 -6.12
C VAL B 262 15.85 -0.73 -6.56
N ALA B 263 14.79 -1.38 -7.02
CA ALA B 263 14.86 -2.74 -7.50
C ALA B 263 14.39 -2.84 -8.92
N MET B 264 14.99 -3.71 -9.70
CA MET B 264 14.55 -3.93 -11.08
C MET B 264 14.06 -5.37 -11.24
N VAL B 265 12.85 -5.58 -11.76
CA VAL B 265 12.30 -6.92 -12.02
C VAL B 265 12.13 -7.10 -13.52
N ALA B 266 12.78 -8.11 -14.07
CA ALA B 266 12.62 -8.40 -15.49
C ALA B 266 11.48 -9.38 -15.64
N GLY B 267 10.38 -8.92 -16.29
CA GLY B 267 9.18 -9.73 -16.54
C GLY B 267 8.05 -9.30 -15.62
N PHE B 268 6.84 -9.30 -16.18
CA PHE B 268 5.65 -8.95 -15.40
C PHE B 268 4.52 -9.88 -15.78
N GLY B 269 4.87 -11.19 -15.89
CA GLY B 269 3.89 -12.27 -15.93
C GLY B 269 3.52 -12.62 -14.50
N ASP B 270 3.13 -13.87 -14.24
CA ASP B 270 2.63 -14.15 -12.89
C ASP B 270 3.73 -14.03 -11.84
N VAL B 271 4.92 -14.57 -12.14
CA VAL B 271 6.03 -14.48 -11.18
C VAL B 271 6.55 -13.06 -11.07
N GLY B 272 6.64 -12.31 -12.21
CA GLY B 272 7.12 -10.93 -12.13
C GLY B 272 6.17 -10.04 -11.36
N LYS B 273 4.86 -10.26 -11.53
CA LYS B 273 3.90 -9.51 -10.75
C LYS B 273 4.11 -9.77 -9.27
N GLY B 274 4.25 -11.04 -8.91
CA GLY B 274 4.44 -11.36 -7.48
C GLY B 274 5.76 -10.79 -6.96
N SER B 275 6.80 -10.87 -7.80
CA SER B 275 8.15 -10.41 -7.45
C SER B 275 8.19 -8.89 -7.26
N ALA B 276 7.59 -8.15 -8.20
CA ALA B 276 7.54 -6.71 -8.05
C ALA B 276 6.79 -6.35 -6.79
N ALA B 277 5.68 -7.05 -6.51
CA ALA B 277 4.94 -6.73 -5.31
C ALA B 277 5.76 -7.06 -4.08
N SER B 278 6.46 -8.20 -4.06
CA SER B 278 7.31 -8.54 -2.91
C SER B 278 8.24 -7.39 -2.55
N LEU B 279 8.91 -6.84 -3.57
CA LEU B 279 9.88 -5.79 -3.34
C LEU B 279 9.21 -4.49 -2.97
N ARG B 280 8.16 -4.07 -3.69
CA ARG B 280 7.54 -2.81 -3.32
CA ARG B 280 7.47 -2.83 -3.34
C ARG B 280 6.94 -2.89 -1.93
N GLN B 281 6.28 -4.01 -1.59
CA GLN B 281 5.66 -4.05 -0.27
C GLN B 281 6.71 -4.00 0.82
N ALA B 282 7.95 -4.47 0.53
CA ALA B 282 9.06 -4.47 1.48
C ALA B 282 9.77 -3.12 1.54
N GLY B 283 9.38 -2.21 0.65
CA GLY B 283 9.87 -0.82 0.71
C GLY B 283 10.70 -0.36 -0.46
N CYS B 284 11.03 -1.21 -1.40
CA CYS B 284 11.80 -0.77 -2.57
C CYS B 284 10.93 0.07 -3.50
N ARG B 285 11.63 0.91 -4.29
CA ARG B 285 11.04 1.54 -5.47
CA ARG B 285 11.05 1.55 -5.48
C ARG B 285 11.37 0.63 -6.65
N VAL B 286 10.34 0.11 -7.31
CA VAL B 286 10.51 -1.03 -8.22
C VAL B 286 10.30 -0.58 -9.65
N MET B 287 11.27 -0.90 -10.50
CA MET B 287 11.14 -0.78 -11.95
C MET B 287 10.99 -2.17 -12.56
N VAL B 288 10.40 -2.22 -13.75
CA VAL B 288 10.05 -3.50 -14.38
C VAL B 288 10.45 -3.44 -15.86
N SER B 289 10.94 -4.54 -16.44
CA SER B 289 11.01 -4.61 -17.91
C SER B 289 10.00 -5.63 -18.42
N GLU B 290 9.56 -5.44 -19.67
CA GLU B 290 8.65 -6.36 -20.31
C GLU B 290 8.86 -6.27 -21.81
N VAL B 291 8.55 -7.38 -22.49
CA VAL B 291 8.46 -7.40 -23.93
C VAL B 291 7.01 -7.43 -24.40
N ASP B 292 6.06 -7.76 -23.51
CA ASP B 292 4.67 -7.92 -23.93
C ASP B 292 3.93 -6.64 -23.61
N PRO B 293 3.35 -5.94 -24.60
CA PRO B 293 2.81 -4.61 -24.32
C PRO B 293 1.65 -4.66 -23.35
N ILE B 294 0.92 -5.77 -23.30
CA ILE B 294 -0.19 -5.87 -22.35
C ILE B 294 0.34 -5.97 -20.93
N CYS B 295 1.34 -6.83 -20.72
CA CYS B 295 1.92 -6.92 -19.38
C CYS B 295 2.64 -5.64 -18.99
N ALA B 296 3.29 -4.97 -19.94
CA ALA B 296 3.91 -3.67 -19.67
C ALA B 296 2.88 -2.65 -19.23
N LEU B 297 1.74 -2.61 -19.93
CA LEU B 297 0.70 -1.66 -19.56
C LEU B 297 0.14 -1.99 -18.19
N GLN B 298 0.03 -3.28 -17.85
CA GLN B 298 -0.38 -3.61 -16.48
C GLN B 298 0.61 -3.07 -15.46
N ALA B 299 1.90 -3.26 -15.70
CA ALA B 299 2.90 -2.78 -14.74
C ALA B 299 2.82 -1.28 -14.58
N ALA B 300 2.68 -0.55 -15.70
CA ALA B 300 2.58 0.90 -15.59
C ALA B 300 1.33 1.31 -14.81
N MET B 301 0.20 0.60 -15.02
CA MET B 301 -1.01 1.00 -14.30
CA MET B 301 -1.04 0.92 -14.31
CA MET B 301 -1.03 0.95 -14.30
C MET B 301 -0.97 0.59 -12.83
N GLU B 302 -0.06 -0.35 -12.46
CA GLU B 302 0.18 -0.65 -11.03
C GLU B 302 1.21 0.32 -10.45
N GLY B 303 1.73 1.25 -11.24
CA GLY B 303 2.54 2.32 -10.74
C GLY B 303 4.03 2.03 -10.85
N TYR B 304 4.42 0.95 -11.51
CA TYR B 304 5.86 0.64 -11.70
C TYR B 304 6.38 1.38 -12.93
N GLU B 305 7.60 1.94 -12.81
CA GLU B 305 8.29 2.51 -13.99
C GLU B 305 8.76 1.36 -14.89
N VAL B 306 8.36 1.37 -16.17
CA VAL B 306 8.76 0.29 -17.08
C VAL B 306 9.91 0.78 -17.96
N VAL B 307 11.03 0.08 -17.84
CA VAL B 307 12.32 0.51 -18.39
C VAL B 307 13.01 -0.68 -19.01
N THR B 308 14.09 -0.40 -19.74
CA THR B 308 14.87 -1.53 -20.22
C THR B 308 15.95 -1.90 -19.23
N MET B 309 16.48 -3.12 -19.39
CA MET B 309 17.57 -3.51 -18.50
C MET B 309 18.77 -2.58 -18.66
N GLU B 310 19.01 -2.06 -19.88
CA GLU B 310 20.13 -1.14 -20.06
C GLU B 310 19.92 0.13 -19.24
N ASP B 311 18.65 0.62 -19.18
CA ASP B 311 18.28 1.77 -18.36
CA ASP B 311 18.37 1.79 -18.37
C ASP B 311 18.52 1.48 -16.89
N ALA B 312 18.12 0.27 -16.48
CA ALA B 312 18.19 -0.09 -15.06
C ALA B 312 19.60 -0.40 -14.61
N ALA B 313 20.48 -0.85 -15.51
CA ALA B 313 21.73 -1.42 -15.03
C ALA B 313 22.54 -0.46 -14.17
N PRO B 314 22.69 0.81 -14.52
CA PRO B 314 23.56 1.65 -13.68
C PRO B 314 22.85 2.13 -12.44
N ARG B 315 21.54 1.92 -12.31
CA ARG B 315 20.91 2.58 -11.19
C ARG B 315 20.14 1.72 -10.20
N ALA B 316 19.75 0.49 -10.52
CA ALA B 316 19.11 -0.31 -9.48
C ALA B 316 20.13 -0.86 -8.46
N ASP B 317 19.63 -1.07 -7.23
CA ASP B 317 20.39 -1.72 -6.18
C ASP B 317 20.23 -3.22 -6.17
N ILE B 318 19.11 -3.69 -6.71
CA ILE B 318 18.70 -5.09 -6.68
C ILE B 318 18.11 -5.41 -8.03
N PHE B 319 18.53 -6.55 -8.63
CA PHE B 319 18.00 -7.03 -9.91
C PHE B 319 17.46 -8.44 -9.73
N VAL B 320 16.27 -8.70 -10.27
CA VAL B 320 15.64 -10.02 -10.19
C VAL B 320 15.15 -10.38 -11.58
N THR B 321 15.53 -11.54 -12.10
CA THR B 321 14.98 -12.02 -13.38
C THR B 321 13.78 -12.92 -13.10
N ALA B 322 12.69 -12.69 -13.86
CA ALA B 322 11.47 -13.47 -13.63
C ALA B 322 10.79 -13.79 -14.96
N THR B 323 11.58 -14.17 -15.99
CA THR B 323 11.01 -14.26 -17.32
C THR B 323 10.75 -15.67 -17.81
N GLY B 324 11.48 -16.69 -17.34
CA GLY B 324 11.48 -17.95 -18.06
C GLY B 324 12.23 -17.90 -19.39
N ASN B 325 12.89 -16.80 -19.71
CA ASN B 325 13.64 -16.67 -20.97
C ASN B 325 15.12 -16.73 -20.62
N LYS B 326 15.99 -16.47 -21.58
CA LYS B 326 17.44 -16.55 -21.31
C LYS B 326 18.15 -15.24 -21.63
N ASP B 327 19.34 -15.05 -21.05
CA ASP B 327 20.19 -13.89 -21.38
C ASP B 327 19.48 -12.57 -21.09
N ILE B 328 18.85 -12.51 -19.90
CA ILE B 328 18.13 -11.32 -19.44
C ILE B 328 19.09 -10.33 -18.78
N ILE B 329 20.02 -10.84 -17.96
CA ILE B 329 21.06 -10.00 -17.35
C ILE B 329 22.39 -10.52 -17.90
N THR B 330 23.06 -9.72 -18.71
CA THR B 330 24.27 -10.12 -19.42
C THR B 330 25.50 -9.59 -18.70
N ILE B 331 26.66 -10.11 -19.09
CA ILE B 331 27.90 -9.56 -18.52
C ILE B 331 28.01 -8.06 -18.81
N GLU B 332 27.51 -7.59 -19.95
CA GLU B 332 27.54 -6.15 -20.22
C GLU B 332 26.65 -5.37 -19.24
N HIS B 333 25.49 -5.91 -18.88
CA HIS B 333 24.69 -5.26 -17.81
C HIS B 333 25.44 -5.25 -16.49
N MET B 334 26.05 -6.39 -16.13
CA MET B 334 26.69 -6.45 -14.81
C MET B 334 27.93 -5.57 -14.74
N ARG B 335 28.65 -5.44 -15.85
CA ARG B 335 29.78 -4.49 -15.90
C ARG B 335 29.34 -3.08 -15.55
N ALA B 336 28.10 -2.75 -15.86
CA ALA B 336 27.59 -1.39 -15.69
C ALA B 336 26.94 -1.15 -14.35
N MET B 337 26.78 -2.18 -13.54
CA MET B 337 26.06 -2.02 -12.28
C MET B 337 26.89 -1.27 -11.24
N LYS B 338 26.18 -0.71 -10.27
CA LYS B 338 26.90 -0.06 -9.18
C LYS B 338 27.60 -1.11 -8.32
N ASP B 339 28.61 -0.66 -7.58
CA ASP B 339 29.32 -1.53 -6.65
C ASP B 339 28.36 -2.15 -5.64
N ARG B 340 28.44 -3.47 -5.54
CA ARG B 340 27.71 -4.33 -4.59
C ARG B 340 26.20 -4.34 -4.86
N ALA B 341 25.80 -4.03 -6.10
CA ALA B 341 24.43 -4.38 -6.50
C ALA B 341 24.19 -5.87 -6.31
N ILE B 342 22.94 -6.22 -5.96
CA ILE B 342 22.51 -7.57 -5.70
C ILE B 342 21.83 -8.10 -6.94
N VAL B 343 22.20 -9.32 -7.39
CA VAL B 343 21.62 -9.91 -8.60
C VAL B 343 21.09 -11.29 -8.27
N CYS B 344 19.88 -11.60 -8.74
CA CYS B 344 19.31 -12.93 -8.45
C CYS B 344 18.25 -13.24 -9.48
N ASN B 345 17.81 -14.50 -9.46
CA ASN B 345 16.89 -15.07 -10.46
C ASN B 345 15.81 -15.84 -9.72
N ILE B 346 14.55 -15.57 -10.03
CA ILE B 346 13.45 -16.37 -9.50
C ILE B 346 12.74 -17.16 -10.61
N GLY B 347 13.19 -17.05 -11.87
CA GLY B 347 12.70 -17.97 -12.88
C GLY B 347 13.31 -19.35 -12.69
N HIS B 348 12.75 -20.35 -13.36
CA HIS B 348 13.11 -21.74 -13.07
C HIS B 348 14.61 -22.08 -13.32
N PHE B 349 15.21 -21.54 -14.38
CA PHE B 349 16.54 -21.94 -14.77
C PHE B 349 17.50 -20.77 -14.65
N ASP B 350 18.78 -21.12 -14.37
CA ASP B 350 19.82 -20.12 -14.11
C ASP B 350 20.26 -19.37 -15.35
N ASN B 351 19.94 -19.84 -16.52
CA ASN B 351 20.45 -19.10 -17.72
C ASN B 351 19.69 -17.72 -17.99
N GLU B 352 18.80 -17.28 -17.10
CA GLU B 352 18.33 -15.89 -17.23
C GLU B 352 19.46 -14.91 -16.99
N ILE B 353 20.44 -15.29 -16.18
CA ILE B 353 21.62 -14.49 -15.91
C ILE B 353 22.79 -15.19 -16.57
N GLN B 354 23.72 -14.42 -17.15
CA GLN B 354 24.90 -14.99 -17.78
C GLN B 354 25.95 -15.37 -16.74
N ILE B 355 25.64 -16.42 -15.94
CA ILE B 355 26.56 -16.83 -14.88
C ILE B 355 27.86 -17.38 -15.48
N ALA B 356 27.74 -18.16 -16.57
CA ALA B 356 28.92 -18.74 -17.19
C ALA B 356 29.97 -17.69 -17.54
N SER B 357 29.52 -16.51 -18.00
CA SER B 357 30.45 -15.47 -18.44
C SER B 357 31.18 -14.85 -17.25
N LEU B 358 30.62 -14.99 -16.04
CA LEU B 358 31.25 -14.51 -14.81
C LEU B 358 32.33 -15.42 -14.27
N ARG B 359 32.43 -16.64 -14.80
CA ARG B 359 33.34 -17.62 -14.21
C ARG B 359 34.81 -17.25 -14.41
N ASN B 360 35.12 -16.35 -15.34
CA ASN B 360 36.46 -15.80 -15.52
C ASN B 360 36.86 -14.74 -14.47
N LEU B 361 35.91 -14.22 -13.67
CA LEU B 361 36.18 -13.19 -12.68
C LEU B 361 36.52 -13.79 -11.32
N LYS B 362 36.93 -12.93 -10.38
CA LYS B 362 37.23 -13.38 -9.02
C LYS B 362 35.91 -13.53 -8.24
N TRP B 363 35.64 -14.75 -7.76
CA TRP B 363 34.52 -14.98 -6.88
C TRP B 363 35.00 -15.14 -5.45
N THR B 364 34.30 -14.53 -4.50
CA THR B 364 34.58 -14.73 -3.08
C THR B 364 33.30 -15.21 -2.40
N ASN B 365 33.34 -16.37 -1.80
CA ASN B 365 32.15 -16.87 -1.17
C ASN B 365 31.95 -16.12 0.13
N ILE B 366 30.72 -15.68 0.35
CA ILE B 366 30.38 -15.07 1.63
C ILE B 366 29.84 -16.10 2.60
N LYS B 367 28.87 -16.91 2.16
CA LYS B 367 28.24 -17.97 2.93
C LYS B 367 27.51 -18.81 1.90
N PRO B 368 26.90 -19.94 2.26
CA PRO B 368 26.21 -20.75 1.25
C PRO B 368 25.23 -19.91 0.47
N GLN B 369 25.30 -20.03 -0.88
CA GLN B 369 24.37 -19.35 -1.78
C GLN B 369 24.57 -17.85 -1.79
N VAL B 370 25.74 -17.33 -1.37
CA VAL B 370 25.97 -15.89 -1.48
C VAL B 370 27.44 -15.67 -1.88
N ASP B 371 27.65 -15.02 -3.03
CA ASP B 371 29.01 -14.82 -3.52
C ASP B 371 29.20 -13.39 -3.95
N GLU B 372 30.38 -12.86 -3.73
CA GLU B 372 30.75 -11.56 -4.27
C GLU B 372 31.66 -11.76 -5.48
N ILE B 373 31.31 -11.11 -6.60
CA ILE B 373 32.07 -11.29 -7.84
C ILE B 373 32.73 -9.96 -8.15
N GLU B 374 34.05 -9.96 -8.38
CA GLU B 374 34.79 -8.72 -8.57
C GLU B 374 35.24 -8.57 -10.02
N PHE B 375 35.00 -7.41 -10.57
CA PHE B 375 35.35 -7.10 -11.95
C PHE B 375 36.75 -6.52 -12.01
N PRO B 376 37.32 -6.48 -13.21
CA PRO B 376 38.66 -5.86 -13.35
C PRO B 376 38.73 -4.46 -12.75
N ASP B 377 37.73 -3.59 -12.97
CA ASP B 377 37.77 -2.22 -12.46
C ASP B 377 37.48 -2.15 -10.97
N LYS B 378 37.40 -3.29 -10.30
CA LYS B 378 37.20 -3.49 -8.88
C LYS B 378 35.74 -3.29 -8.42
N HIS B 379 34.78 -2.91 -9.28
CA HIS B 379 33.44 -2.98 -8.71
C HIS B 379 33.00 -4.44 -8.60
N ARG B 380 32.08 -4.64 -7.70
CA ARG B 380 31.66 -5.96 -7.24
C ARG B 380 30.15 -6.08 -7.43
N ILE B 381 29.68 -7.30 -7.61
CA ILE B 381 28.24 -7.57 -7.49
C ILE B 381 28.07 -8.72 -6.52
N ILE B 382 26.91 -8.76 -5.90
CA ILE B 382 26.54 -9.83 -4.97
C ILE B 382 25.57 -10.75 -5.68
N MET B 383 25.95 -12.01 -5.88
CA MET B 383 25.15 -12.98 -6.60
C MET B 383 24.53 -13.96 -5.62
N LEU B 384 23.23 -14.17 -5.74
CA LEU B 384 22.50 -15.11 -4.88
C LEU B 384 22.27 -16.45 -5.57
N SER B 385 22.62 -17.54 -4.87
CA SER B 385 22.40 -18.94 -5.31
C SER B 385 22.99 -19.22 -6.69
N GLU B 386 24.09 -18.54 -7.03
CA GLU B 386 24.74 -18.74 -8.33
C GLU B 386 23.71 -18.62 -9.46
N GLY B 387 22.73 -17.74 -9.29
CA GLY B 387 21.71 -17.51 -10.30
C GLY B 387 20.59 -18.50 -10.35
N ARG B 388 20.55 -19.45 -9.42
CA ARG B 388 19.44 -20.39 -9.36
C ARG B 388 18.32 -19.80 -8.49
N LEU B 389 17.14 -20.43 -8.57
CA LEU B 389 15.94 -19.87 -7.93
CA LEU B 389 15.93 -19.94 -7.89
C LEU B 389 16.23 -19.37 -6.52
N VAL B 390 16.04 -18.05 -6.34
CA VAL B 390 16.53 -17.41 -5.11
C VAL B 390 15.62 -17.70 -3.94
N ASN B 391 14.31 -17.80 -4.15
CA ASN B 391 13.43 -18.04 -3.01
C ASN B 391 13.72 -19.40 -2.38
N LEU B 392 13.99 -20.41 -3.22
CA LEU B 392 14.29 -21.75 -2.72
C LEU B 392 15.74 -21.92 -2.34
N GLY B 393 16.64 -21.16 -3.00
CA GLY B 393 18.05 -21.38 -2.68
C GLY B 393 18.48 -20.60 -1.44
N ASN B 394 18.01 -19.36 -1.27
CA ASN B 394 18.46 -18.55 -0.16
C ASN B 394 17.48 -18.55 1.01
N ALA B 395 16.29 -19.06 0.80
CA ALA B 395 15.32 -19.13 1.90
C ALA B 395 14.62 -20.48 1.83
N MET B 396 13.28 -20.53 1.94
CA MET B 396 12.60 -21.80 2.17
C MET B 396 11.47 -21.96 1.15
N GLY B 397 11.62 -21.29 0.00
CA GLY B 397 10.60 -21.34 -1.04
C GLY B 397 9.28 -20.73 -0.57
N HIS B 398 8.24 -21.00 -1.35
CA HIS B 398 6.96 -20.46 -0.95
C HIS B 398 6.54 -21.06 0.38
N PRO B 399 5.70 -20.37 1.13
CA PRO B 399 5.18 -20.96 2.37
C PRO B 399 4.17 -22.04 2.10
N SER B 400 3.92 -22.85 3.16
CA SER B 400 3.09 -24.06 3.02
C SER B 400 1.70 -23.78 2.49
N PHE B 401 1.02 -22.76 2.98
CA PHE B 401 -0.39 -22.61 2.61
C PHE B 401 -0.57 -22.50 1.10
N VAL B 402 0.23 -21.65 0.45
CA VAL B 402 0.03 -21.56 -1.01
C VAL B 402 0.48 -22.83 -1.71
N MET B 403 1.48 -23.52 -1.19
CA MET B 403 1.84 -24.78 -1.84
C MET B 403 0.77 -25.84 -1.69
N SER B 404 -0.07 -25.74 -0.67
CA SER B 404 -1.17 -26.67 -0.54
C SER B 404 -2.10 -26.57 -1.75
N ALA B 405 -2.31 -25.35 -2.26
CA ALA B 405 -3.12 -25.22 -3.48
C ALA B 405 -2.43 -25.87 -4.69
N SER B 406 -1.15 -25.58 -4.90
CA SER B 406 -0.41 -26.19 -6.01
C SER B 406 -0.41 -27.69 -5.90
N PHE B 407 -0.20 -28.20 -4.70
CA PHE B 407 0.00 -29.63 -4.57
C PHE B 407 -1.28 -30.40 -4.45
N THR B 408 -2.39 -29.74 -4.08
CA THR B 408 -3.68 -30.40 -4.24
C THR B 408 -3.98 -30.60 -5.73
N ASN B 409 -3.67 -29.57 -6.55
CA ASN B 409 -3.76 -29.75 -8.01
C ASN B 409 -2.90 -30.91 -8.46
N GLN B 410 -1.65 -31.01 -7.94
CA GLN B 410 -0.78 -32.11 -8.39
C GLN B 410 -1.38 -33.45 -8.04
N THR B 411 -1.92 -33.56 -6.82
CA THR B 411 -2.48 -34.85 -6.40
C THR B 411 -3.69 -35.23 -7.23
N LEU B 412 -4.55 -34.26 -7.51
CA LEU B 412 -5.73 -34.53 -8.34
C LEU B 412 -5.29 -34.89 -9.75
N ALA B 413 -4.23 -34.23 -10.25
CA ALA B 413 -3.73 -34.56 -11.60
C ALA B 413 -3.15 -35.98 -11.67
N GLN B 414 -2.43 -36.41 -10.63
CA GLN B 414 -1.94 -37.79 -10.60
C GLN B 414 -3.09 -38.78 -10.60
N ILE B 415 -4.13 -38.51 -9.79
CA ILE B 415 -5.32 -39.36 -9.81
C ILE B 415 -5.91 -39.42 -11.21
N GLU B 416 -6.09 -38.27 -11.86
CA GLU B 416 -6.69 -38.24 -13.22
C GLU B 416 -5.89 -39.09 -14.19
N LEU B 417 -4.57 -38.86 -14.24
CA LEU B 417 -3.75 -39.57 -15.21
C LEU B 417 -3.67 -41.06 -14.89
N PHE B 418 -3.63 -41.40 -13.62
CA PHE B 418 -3.44 -42.79 -13.26
C PHE B 418 -4.73 -43.59 -13.25
N ALA B 419 -5.79 -43.03 -12.68
CA ALA B 419 -7.01 -43.78 -12.40
C ALA B 419 -8.14 -43.50 -13.37
N ASN B 420 -8.25 -42.28 -13.90
CA ASN B 420 -9.32 -41.90 -14.83
C ASN B 420 -8.74 -41.55 -16.21
N TYR B 426 -10.29 -36.40 -24.50
CA TYR B 426 -9.77 -35.03 -24.44
C TYR B 426 -9.34 -34.42 -25.78
N ALA B 427 -8.59 -35.22 -26.56
CA ALA B 427 -8.02 -34.86 -27.86
C ALA B 427 -6.62 -34.27 -27.74
N LYS B 428 -6.46 -33.08 -27.12
CA LYS B 428 -5.10 -32.57 -26.85
C LYS B 428 -4.32 -33.58 -26.01
N LYS B 429 -3.02 -33.73 -26.32
CA LYS B 429 -2.14 -34.54 -25.47
C LYS B 429 -1.72 -33.84 -24.19
N VAL B 430 -1.69 -32.50 -24.14
CA VAL B 430 -1.46 -31.76 -22.90
C VAL B 430 -2.77 -31.08 -22.54
N TYR B 431 -3.27 -31.33 -21.33
CA TYR B 431 -4.53 -30.72 -20.94
C TYR B 431 -4.50 -30.20 -19.50
N VAL B 432 -5.53 -29.45 -19.13
CA VAL B 432 -5.64 -28.87 -17.80
C VAL B 432 -6.80 -29.55 -17.10
N LEU B 433 -6.76 -29.49 -15.77
CA LEU B 433 -7.87 -29.99 -14.95
C LEU B 433 -9.12 -29.15 -15.24
N PRO B 434 -10.30 -29.76 -15.09
CA PRO B 434 -11.56 -29.03 -15.31
C PRO B 434 -11.83 -28.01 -14.22
N LYS B 435 -12.60 -26.99 -14.59
CA LYS B 435 -12.84 -25.92 -13.65
C LYS B 435 -13.49 -26.42 -12.36
N THR B 436 -14.34 -27.45 -12.44
CA THR B 436 -14.96 -27.90 -11.17
C THR B 436 -13.88 -28.39 -10.20
N LEU B 437 -12.79 -28.97 -10.71
CA LEU B 437 -11.70 -29.37 -9.80
C LEU B 437 -10.92 -28.15 -9.32
N ASP B 438 -10.69 -27.18 -10.21
CA ASP B 438 -10.03 -25.94 -9.84
C ASP B 438 -10.79 -25.25 -8.70
N GLU B 439 -12.11 -25.16 -8.86
CA GLU B 439 -12.94 -24.58 -7.83
C GLU B 439 -12.87 -25.38 -6.56
N LYS B 440 -12.93 -26.71 -6.66
CA LYS B 440 -12.79 -27.55 -5.46
C LYS B 440 -11.50 -27.24 -4.70
N VAL B 441 -10.38 -27.10 -5.41
CA VAL B 441 -9.12 -26.81 -4.72
C VAL B 441 -9.28 -25.54 -3.90
N ALA B 442 -9.87 -24.49 -4.48
CA ALA B 442 -10.01 -23.27 -3.71
C ALA B 442 -10.92 -23.49 -2.52
N ARG B 443 -12.04 -24.18 -2.72
CA ARG B 443 -13.00 -24.39 -1.64
C ARG B 443 -12.35 -25.06 -0.40
N LEU B 444 -11.41 -25.99 -0.65
CA LEU B 444 -10.76 -26.75 0.42
C LEU B 444 -9.91 -25.85 1.34
N HIS B 445 -9.55 -24.63 0.87
CA HIS B 445 -8.64 -23.76 1.59
C HIS B 445 -9.36 -22.65 2.32
N LEU B 446 -10.68 -22.55 2.17
CA LEU B 446 -11.37 -21.36 2.65
C LEU B 446 -11.55 -21.37 4.17
N ALA B 447 -11.89 -22.53 4.76
CA ALA B 447 -12.21 -22.52 6.19
C ALA B 447 -10.99 -22.17 7.04
N LYS B 448 -9.81 -22.65 6.65
CA LYS B 448 -8.64 -22.41 7.51
CA LYS B 448 -8.59 -22.41 7.45
C LYS B 448 -8.29 -20.93 7.61
N ILE B 449 -8.57 -20.13 6.57
CA ILE B 449 -8.28 -18.70 6.67
C ILE B 449 -9.53 -17.89 6.95
N GLY B 450 -10.60 -18.54 7.40
CA GLY B 450 -11.73 -17.82 7.92
C GLY B 450 -12.67 -17.22 6.90
N VAL B 451 -12.65 -17.70 5.66
CA VAL B 451 -13.52 -17.17 4.62
C VAL B 451 -14.90 -17.79 4.78
N LYS B 452 -15.97 -16.99 4.71
CA LYS B 452 -17.34 -17.53 4.65
C LYS B 452 -17.85 -17.24 3.25
N LEU B 453 -18.09 -18.31 2.48
CA LEU B 453 -18.61 -18.20 1.13
C LEU B 453 -20.13 -18.01 1.17
N THR B 454 -20.63 -17.14 0.30
CA THR B 454 -22.08 -16.93 0.18
C THR B 454 -22.64 -18.00 -0.76
N GLU B 455 -23.86 -18.49 -0.48
CA GLU B 455 -24.53 -19.46 -1.34
C GLU B 455 -25.56 -18.76 -2.19
N LEU B 456 -25.48 -18.95 -3.51
CA LEU B 456 -26.52 -18.38 -4.36
C LEU B 456 -27.87 -19.02 -4.10
N ARG B 457 -28.92 -18.21 -4.09
CA ARG B 457 -30.29 -18.73 -4.20
C ARG B 457 -30.54 -19.20 -5.62
N LYS B 458 -31.55 -20.07 -5.76
CA LYS B 458 -31.77 -20.66 -7.08
C LYS B 458 -32.07 -19.58 -8.11
N ASP B 459 -32.87 -18.57 -7.75
CA ASP B 459 -33.18 -17.53 -8.72
C ASP B 459 -31.97 -16.65 -9.05
N GLN B 460 -31.06 -16.43 -8.07
CA GLN B 460 -29.84 -15.71 -8.36
C GLN B 460 -28.94 -16.50 -9.29
N ALA B 461 -28.86 -17.82 -9.07
CA ALA B 461 -28.03 -18.64 -9.92
C ALA B 461 -28.54 -18.64 -11.34
N ASP B 462 -29.86 -18.78 -11.49
CA ASP B 462 -30.47 -18.72 -12.80
C ASP B 462 -30.21 -17.38 -13.47
N TYR B 463 -30.24 -16.30 -12.68
CA TYR B 463 -30.10 -14.95 -13.23
C TYR B 463 -28.76 -14.79 -13.93
N ILE B 464 -27.69 -15.36 -13.36
CA ILE B 464 -26.37 -15.23 -13.95
C ILE B 464 -25.97 -16.47 -14.73
N GLY B 465 -26.88 -17.45 -14.86
CA GLY B 465 -26.68 -18.59 -15.75
C GLY B 465 -25.74 -19.65 -15.24
N VAL B 466 -25.68 -19.88 -13.92
CA VAL B 466 -24.81 -20.91 -13.36
C VAL B 466 -25.62 -21.83 -12.45
N LYS B 467 -25.05 -22.99 -12.18
CA LYS B 467 -25.61 -23.89 -11.19
C LYS B 467 -25.17 -23.40 -9.81
N GLN B 468 -26.01 -23.61 -8.80
CA GLN B 468 -25.65 -23.16 -7.45
C GLN B 468 -24.30 -23.73 -6.99
N GLU B 469 -23.98 -24.94 -7.40
CA GLU B 469 -22.76 -25.57 -6.98
C GLU B 469 -21.61 -25.28 -7.94
N GLY B 470 -21.84 -24.42 -8.93
CA GLY B 470 -20.79 -24.09 -9.86
C GLY B 470 -20.72 -25.10 -10.98
N PRO B 471 -19.80 -24.91 -11.93
CA PRO B 471 -18.77 -23.86 -11.97
C PRO B 471 -19.41 -22.47 -12.22
N TYR B 472 -18.75 -21.43 -11.70
CA TYR B 472 -19.34 -20.09 -11.65
C TYR B 472 -18.91 -19.20 -12.80
N LYS B 473 -17.89 -19.62 -13.55
CA LYS B 473 -17.27 -18.78 -14.58
C LYS B 473 -17.12 -19.53 -15.89
N SER B 474 -17.07 -18.77 -17.00
CA SER B 474 -16.85 -19.39 -18.29
C SER B 474 -15.42 -19.91 -18.36
N ASP B 475 -15.18 -20.85 -19.29
CA ASP B 475 -13.83 -21.38 -19.41
C ASP B 475 -12.82 -20.34 -19.90
N HIS B 476 -13.28 -19.23 -20.49
CA HIS B 476 -12.32 -18.20 -20.89
C HIS B 476 -12.11 -17.12 -19.82
N TYR B 477 -12.76 -17.23 -18.67
CA TYR B 477 -12.62 -16.22 -17.62
C TYR B 477 -11.20 -16.16 -17.07
N ARG B 478 -10.65 -14.94 -16.93
CA ARG B 478 -9.23 -14.80 -16.55
C ARG B 478 -8.98 -14.53 -15.08
N TYR B 479 -10.02 -14.29 -14.28
CA TYR B 479 -9.87 -14.04 -12.83
C TYR B 479 -8.98 -12.84 -12.62
N GLY C 12 -36.08 40.25 8.57
CA GLY C 12 -35.37 41.48 8.28
C GLY C 12 -33.89 41.45 8.62
N PHE C 13 -33.31 40.26 8.81
CA PHE C 13 -31.86 40.15 8.95
C PHE C 13 -31.19 40.35 7.59
N THR C 14 -30.26 41.31 7.52
CA THR C 14 -29.60 41.69 6.26
C THR C 14 -28.08 41.81 6.41
N ASP C 15 -27.52 41.49 7.58
CA ASP C 15 -26.10 41.76 7.88
C ASP C 15 -25.25 40.58 7.44
N TYR C 16 -25.17 40.40 6.11
CA TYR C 16 -24.41 39.27 5.56
C TYR C 16 -24.20 39.52 4.07
N ILE C 17 -23.21 38.83 3.51
CA ILE C 17 -23.01 38.79 2.07
C ILE C 17 -22.70 37.35 1.70
N VAL C 18 -23.61 36.70 0.98
CA VAL C 18 -23.43 35.33 0.48
C VAL C 18 -23.92 35.31 -0.96
N LYS C 19 -23.55 34.24 -1.67
CA LYS C 19 -23.97 34.05 -3.06
C LYS C 19 -25.48 34.07 -3.19
N ASP C 20 -26.14 33.20 -2.44
CA ASP C 20 -27.58 33.04 -2.67
C ASP C 20 -28.16 32.40 -1.41
N ILE C 21 -28.91 33.22 -0.67
CA ILE C 21 -29.52 32.76 0.58
C ILE C 21 -30.42 31.55 0.35
N ALA C 22 -30.96 31.37 -0.88
CA ALA C 22 -31.80 30.23 -1.16
C ALA C 22 -31.07 28.89 -1.06
N LEU C 23 -29.75 28.89 -0.96
CA LEU C 23 -29.05 27.63 -0.82
C LEU C 23 -29.07 27.10 0.62
N ALA C 24 -29.69 27.84 1.53
CA ALA C 24 -29.65 27.49 2.95
C ALA C 24 -30.24 26.12 3.22
N ASP C 25 -31.31 25.74 2.53
CA ASP C 25 -31.90 24.44 2.88
C ASP C 25 -30.96 23.29 2.53
N PHE C 26 -30.30 23.38 1.37
CA PHE C 26 -29.27 22.39 1.04
C PHE C 26 -28.14 22.43 2.06
N GLY C 27 -27.68 23.64 2.40
CA GLY C 27 -26.64 23.75 3.42
C GLY C 27 -27.02 23.05 4.71
N ARG C 28 -28.26 23.26 5.18
CA ARG C 28 -28.70 22.64 6.44
C ARG C 28 -28.70 21.12 6.35
N LYS C 29 -29.16 20.54 5.23
CA LYS C 29 -29.10 19.10 5.05
C LYS C 29 -27.68 18.58 5.17
N GLU C 30 -26.71 19.24 4.53
CA GLU C 30 -25.34 18.72 4.61
C GLU C 30 -24.71 18.97 5.97
N ILE C 31 -25.14 20.05 6.66
CA ILE C 31 -24.68 20.27 8.04
C ILE C 31 -25.18 19.17 8.94
N SER C 32 -26.46 18.81 8.78
CA SER C 32 -26.98 17.69 9.58
C SER C 32 -26.15 16.42 9.37
N LEU C 33 -25.85 16.11 8.10
CA LEU C 33 -25.01 14.94 7.81
C LEU C 33 -23.66 15.07 8.45
N ALA C 34 -23.06 16.28 8.39
CA ALA C 34 -21.73 16.46 8.96
C ALA C 34 -21.75 16.32 10.47
N GLU C 35 -22.85 16.71 11.12
CA GLU C 35 -22.89 16.56 12.58
C GLU C 35 -22.63 15.09 12.99
N THR C 36 -23.26 14.15 12.29
CA THR C 36 -23.05 12.74 12.61
C THR C 36 -21.58 12.35 12.46
N GLU C 37 -20.90 12.97 11.50
CA GLU C 37 -19.48 12.73 11.25
C GLU C 37 -18.56 13.56 12.12
N MET C 38 -19.07 14.41 13.03
CA MET C 38 -18.22 15.28 13.86
C MET C 38 -18.52 15.06 15.33
N PRO C 39 -18.24 13.87 15.85
CA PRO C 39 -18.64 13.58 17.25
C PRO C 39 -17.91 14.44 18.28
N GLY C 40 -16.67 14.83 18.00
CA GLY C 40 -15.97 15.68 18.97
C GLY C 40 -16.66 17.02 19.16
N LEU C 41 -17.05 17.67 18.06
CA LEU C 41 -17.80 18.93 18.20
C LEU C 41 -19.13 18.70 18.86
N MET C 42 -19.84 17.64 18.48
CA MET C 42 -21.15 17.46 19.08
C MET C 42 -21.03 17.12 20.56
N ALA C 43 -20.01 16.33 20.95
CA ALA C 43 -19.83 16.03 22.36
C ALA C 43 -19.43 17.27 23.14
N THR C 44 -18.62 18.14 22.51
CA THR C 44 -18.27 19.41 23.12
C THR C 44 -19.51 20.31 23.35
N ARG C 45 -20.45 20.36 22.40
CA ARG C 45 -21.72 21.06 22.67
C ARG C 45 -22.41 20.49 23.89
N GLU C 46 -22.52 19.18 23.95
CA GLU C 46 -23.24 18.57 25.05
C GLU C 46 -22.59 18.88 26.39
N GLU C 47 -21.25 18.90 26.41
CA GLU C 47 -20.55 19.09 27.68
C GLU C 47 -20.63 20.53 28.13
N TYR C 48 -20.34 21.46 27.23
CA TYR C 48 -20.19 22.85 27.63
C TYR C 48 -21.45 23.70 27.41
N GLY C 49 -22.44 23.18 26.67
CA GLY C 49 -23.70 23.88 26.49
C GLY C 49 -24.27 24.41 27.78
N PRO C 50 -24.39 23.54 28.79
CA PRO C 50 -24.97 23.97 30.08
C PRO C 50 -24.16 25.02 30.82
N LYS C 51 -22.85 25.03 30.64
CA LYS C 51 -22.00 25.98 31.35
C LYS C 51 -21.84 27.30 30.61
N GLN C 52 -22.15 27.35 29.31
CA GLN C 52 -22.11 28.59 28.54
C GLN C 52 -20.78 29.34 28.70
N PRO C 53 -19.65 28.66 28.47
CA PRO C 53 -18.36 29.29 28.77
C PRO C 53 -18.05 30.44 27.85
N LEU C 54 -18.72 30.51 26.69
CA LEU C 54 -18.45 31.57 25.72
C LEU C 54 -19.51 32.67 25.79
N LYS C 55 -20.33 32.68 26.83
CA LYS C 55 -21.27 33.78 26.96
C LYS C 55 -20.51 35.07 27.19
N GLY C 56 -20.78 36.08 26.34
CA GLY C 56 -20.06 37.34 26.36
C GLY C 56 -18.91 37.40 25.40
N ALA C 57 -18.59 36.28 24.74
CA ALA C 57 -17.57 36.29 23.71
C ALA C 57 -18.15 36.87 22.42
N ARG C 58 -17.34 37.69 21.76
CA ARG C 58 -17.65 38.26 20.46
CA ARG C 58 -17.63 38.28 20.46
C ARG C 58 -16.53 37.80 19.53
N ILE C 59 -16.77 36.70 18.82
CA ILE C 59 -15.72 36.00 18.11
C ILE C 59 -15.80 36.45 16.66
N ALA C 60 -14.68 37.03 16.17
CA ALA C 60 -14.43 37.27 14.77
C ALA C 60 -13.69 36.08 14.20
N GLY C 61 -14.32 35.38 13.27
CA GLY C 61 -13.72 34.19 12.67
C GLY C 61 -13.30 34.45 11.22
N SER C 62 -12.11 34.01 10.87
CA SER C 62 -11.63 34.07 9.50
C SER C 62 -11.13 32.66 9.16
N LEU C 63 -11.96 31.89 8.49
CA LEU C 63 -11.70 30.46 8.32
C LEU C 63 -12.65 29.98 7.23
N HIS C 64 -12.11 29.27 6.22
CA HIS C 64 -12.83 28.68 5.10
C HIS C 64 -14.29 28.38 5.43
N MET C 65 -15.21 29.03 4.73
CA MET C 65 -16.62 28.95 5.10
C MET C 65 -17.24 27.71 4.46
N THR C 66 -16.85 26.56 5.03
CA THR C 66 -17.29 25.24 4.60
C THR C 66 -18.41 24.70 5.49
N ILE C 67 -18.95 23.55 5.08
CA ILE C 67 -19.93 22.84 5.90
C ILE C 67 -19.33 22.52 7.26
N GLN C 68 -18.05 22.13 7.29
CA GLN C 68 -17.40 21.78 8.56
C GLN C 68 -17.24 22.99 9.45
N THR C 69 -16.89 24.12 8.85
CA THR C 69 -16.83 25.35 9.62
C THR C 69 -18.20 25.75 10.14
N ALA C 70 -19.26 25.50 9.38
CA ALA C 70 -20.59 25.82 9.88
C ALA C 70 -20.90 25.04 11.16
N VAL C 71 -20.40 23.80 11.28
CA VAL C 71 -20.66 23.05 12.51
C VAL C 71 -19.86 23.63 13.66
N LEU C 72 -18.64 24.09 13.37
CA LEU C 72 -17.87 24.82 14.37
C LEU C 72 -18.58 26.09 14.82
N ILE C 73 -19.09 26.90 13.85
CA ILE C 73 -19.75 28.15 14.17
C ILE C 73 -20.96 27.89 15.06
N GLU C 74 -21.74 26.88 14.73
CA GLU C 74 -22.92 26.64 15.55
C GLU C 74 -22.56 26.03 16.90
N THR C 75 -21.39 25.38 16.99
CA THR C 75 -20.92 24.92 18.29
C THR C 75 -20.53 26.09 19.16
N LEU C 76 -19.73 27.01 18.59
CA LEU C 76 -19.41 28.22 19.34
C LEU C 76 -20.68 28.94 19.80
N ALA C 77 -21.67 29.07 18.91
CA ALA C 77 -22.88 29.76 19.29
C ALA C 77 -23.65 29.00 20.38
N ALA C 78 -23.67 27.67 20.31
CA ALA C 78 -24.33 26.86 21.33
C ALA C 78 -23.66 27.00 22.70
N LEU C 79 -22.39 27.42 22.71
CA LEU C 79 -21.65 27.66 23.94
C LEU C 79 -21.80 29.08 24.44
N GLY C 80 -22.55 29.93 23.73
CA GLY C 80 -22.85 31.29 24.15
C GLY C 80 -22.28 32.39 23.27
N ALA C 81 -21.40 32.07 22.31
CA ALA C 81 -20.71 33.15 21.60
C ALA C 81 -21.61 33.95 20.65
N ASP C 82 -21.34 35.25 20.57
CA ASP C 82 -21.76 36.14 19.49
C ASP C 82 -20.68 36.11 18.41
N ILE C 83 -21.07 36.08 17.13
CA ILE C 83 -20.10 35.71 16.07
C ILE C 83 -20.26 36.57 14.82
N ARG C 84 -19.13 36.93 14.18
CA ARG C 84 -19.11 37.40 12.80
C ARG C 84 -18.10 36.55 12.07
N TRP C 85 -18.33 36.24 10.78
CA TRP C 85 -17.46 35.29 10.09
C TRP C 85 -17.16 35.67 8.65
N VAL C 86 -15.93 35.35 8.20
CA VAL C 86 -15.54 35.44 6.80
C VAL C 86 -14.73 34.20 6.44
N SER C 87 -14.60 33.96 5.13
CA SER C 87 -13.66 32.91 4.75
C SER C 87 -12.24 33.45 4.74
N CYS C 88 -11.24 32.55 4.86
CA CYS C 88 -9.85 32.95 4.76
C CYS C 88 -9.22 32.63 3.40
N ASN C 89 -10.06 32.35 2.39
CA ASN C 89 -9.57 32.17 1.03
C ASN C 89 -10.69 32.52 0.06
N ILE C 90 -10.31 33.12 -1.08
CA ILE C 90 -11.36 33.58 -1.99
C ILE C 90 -12.06 32.44 -2.71
N TYR C 91 -11.51 31.20 -2.72
CA TYR C 91 -12.20 30.12 -3.44
C TYR C 91 -12.67 29.00 -2.50
N SER C 92 -12.50 29.14 -1.18
CA SER C 92 -12.79 27.96 -0.35
C SER C 92 -14.21 27.91 0.21
N THR C 93 -14.97 29.01 0.12
CA THR C 93 -16.32 29.00 0.62
C THR C 93 -17.17 27.93 -0.09
N GLN C 94 -18.02 27.28 0.70
CA GLN C 94 -19.06 26.43 0.15
C GLN C 94 -20.32 27.27 0.31
N ASP C 95 -20.87 27.74 -0.82
CA ASP C 95 -21.92 28.74 -0.73
C ASP C 95 -23.15 28.23 0.02
N HIS C 96 -23.44 26.91 -0.04
CA HIS C 96 -24.62 26.44 0.74
C HIS C 96 -24.38 26.50 2.25
N ALA C 97 -23.14 26.24 2.69
CA ALA C 97 -22.79 26.44 4.09
C ALA C 97 -22.92 27.89 4.52
N ALA C 98 -22.33 28.80 3.72
CA ALA C 98 -22.46 30.23 4.00
C ALA C 98 -23.91 30.65 4.14
N ALA C 99 -24.74 30.22 3.20
CA ALA C 99 -26.16 30.58 3.23
C ALA C 99 -26.86 30.03 4.48
N ALA C 100 -26.51 28.81 4.90
CA ALA C 100 -27.12 28.29 6.13
C ALA C 100 -26.74 29.11 7.35
N ILE C 101 -25.48 29.54 7.42
CA ILE C 101 -25.10 30.40 8.54
C ILE C 101 -25.85 31.74 8.48
N ALA C 102 -25.88 32.38 7.30
CA ALA C 102 -26.65 33.63 7.18
C ALA C 102 -28.11 33.45 7.59
N ALA C 103 -28.70 32.33 7.17
CA ALA C 103 -30.09 32.07 7.51
C ALA C 103 -30.27 31.81 9.00
N ALA C 104 -29.23 31.38 9.70
CA ALA C 104 -29.28 31.25 11.15
C ALA C 104 -29.12 32.59 11.86
N GLY C 105 -28.99 33.68 11.10
CA GLY C 105 -28.88 35.00 11.69
C GLY C 105 -27.49 35.37 12.19
N ILE C 106 -26.46 34.73 11.67
CA ILE C 106 -25.07 35.00 12.05
C ILE C 106 -24.41 35.78 10.90
N PRO C 107 -23.87 36.96 11.15
CA PRO C 107 -23.21 37.72 10.07
C PRO C 107 -22.06 36.95 9.48
N VAL C 108 -22.14 36.74 8.17
CA VAL C 108 -21.09 36.06 7.44
C VAL C 108 -20.92 36.76 6.10
N PHE C 109 -19.66 36.86 5.64
CA PHE C 109 -19.34 37.59 4.42
C PHE C 109 -18.39 36.67 3.66
N ALA C 110 -18.94 35.86 2.76
CA ALA C 110 -18.20 34.75 2.19
C ALA C 110 -18.89 34.23 0.93
N VAL C 111 -18.17 34.31 -0.20
CA VAL C 111 -18.69 33.92 -1.50
C VAL C 111 -17.58 33.13 -2.17
N LYS C 112 -17.92 32.00 -2.77
CA LYS C 112 -16.89 31.27 -3.50
C LYS C 112 -16.59 32.07 -4.76
N GLY C 113 -15.33 32.49 -4.94
CA GLY C 113 -14.96 33.26 -6.11
C GLY C 113 -15.02 34.75 -5.92
N GLU C 114 -15.03 35.22 -4.69
CA GLU C 114 -15.00 36.66 -4.45
C GLU C 114 -13.66 37.23 -4.93
N THR C 115 -13.64 38.56 -5.17
CA THR C 115 -12.37 39.15 -5.59
C THR C 115 -11.48 39.41 -4.39
N LEU C 116 -10.22 39.70 -4.66
CA LEU C 116 -9.30 40.06 -3.59
C LEU C 116 -9.76 41.31 -2.86
N THR C 117 -10.29 42.30 -3.59
CA THR C 117 -10.76 43.51 -2.95
C THR C 117 -11.91 43.18 -2.02
N GLU C 118 -12.87 42.39 -2.51
CA GLU C 118 -13.98 41.92 -1.66
C GLU C 118 -13.48 41.17 -0.44
N TYR C 119 -12.54 40.23 -0.66
CA TYR C 119 -12.01 39.44 0.43
C TYR C 119 -11.56 40.33 1.59
N TRP C 120 -10.76 41.37 1.28
CA TRP C 120 -10.23 42.22 2.35
C TRP C 120 -11.30 43.13 2.92
N ASP C 121 -12.23 43.60 2.08
CA ASP C 121 -13.30 44.42 2.62
C ASP C 121 -14.14 43.61 3.58
N TYR C 122 -14.32 42.32 3.28
CA TYR C 122 -15.08 41.46 4.18
C TYR C 122 -14.33 41.25 5.48
N THR C 123 -13.02 41.01 5.41
CA THR C 123 -12.25 40.86 6.64
C THR C 123 -12.45 42.03 7.57
N ALA C 124 -12.41 43.25 7.02
CA ALA C 124 -12.60 44.43 7.85
C ALA C 124 -13.99 44.45 8.47
N LYS C 125 -14.99 43.90 7.79
CA LYS C 125 -16.34 43.90 8.36
C LYS C 125 -16.43 43.05 9.64
N LEU C 126 -15.48 42.14 9.88
CA LEU C 126 -15.47 41.44 11.17
C LEU C 126 -15.44 42.37 12.35
N PHE C 127 -14.78 43.51 12.21
CA PHE C 127 -14.47 44.35 13.35
C PHE C 127 -15.50 45.45 13.60
N ASP C 128 -16.54 45.56 12.76
CA ASP C 128 -17.62 46.53 12.98
C ASP C 128 -18.73 45.72 13.61
N TRP C 129 -18.65 45.53 14.93
CA TRP C 129 -19.55 44.56 15.54
C TRP C 129 -20.99 45.04 15.42
N HIS C 130 -21.91 44.12 15.21
CA HIS C 130 -23.31 44.49 15.15
C HIS C 130 -23.76 45.02 16.49
N GLY C 131 -24.40 46.20 16.47
CA GLY C 131 -24.79 46.86 17.69
C GLY C 131 -23.70 47.72 18.27
N GLY C 132 -22.58 47.87 17.58
CA GLY C 132 -21.55 48.74 18.12
C GLY C 132 -20.42 47.95 18.74
N GLY C 133 -19.25 48.57 18.77
CA GLY C 133 -18.09 47.97 19.37
C GLY C 133 -17.30 47.10 18.43
N THR C 134 -16.42 46.31 19.01
CA THR C 134 -15.47 45.46 18.30
C THR C 134 -15.59 44.03 18.80
N PRO C 135 -14.90 43.08 18.16
CA PRO C 135 -14.83 41.71 18.72
C PRO C 135 -14.03 41.70 20.01
N ASN C 136 -14.08 40.57 20.73
CA ASN C 136 -13.15 40.38 21.83
C ASN C 136 -12.41 39.06 21.74
N MET C 137 -12.54 38.34 20.62
CA MET C 137 -11.81 37.10 20.36
C MET C 137 -11.59 37.00 18.85
N ILE C 138 -10.47 36.41 18.43
CA ILE C 138 -10.28 36.06 17.03
C ILE C 138 -10.02 34.56 16.92
N LEU C 139 -10.63 33.97 15.91
CA LEU C 139 -10.42 32.58 15.53
C LEU C 139 -9.94 32.64 14.08
N ASP C 140 -8.69 32.26 13.82
CA ASP C 140 -8.03 32.62 12.57
C ASP C 140 -7.45 31.37 11.95
N ASP C 141 -7.41 31.36 10.61
CA ASP C 141 -6.77 30.29 9.86
C ASP C 141 -5.94 31.01 8.81
N GLY C 142 -4.64 31.08 9.05
CA GLY C 142 -3.73 31.74 8.13
C GLY C 142 -3.29 33.11 8.58
N GLY C 143 -3.90 33.66 9.63
CA GLY C 143 -3.42 34.91 10.22
C GLY C 143 -3.91 36.21 9.59
N ASP C 144 -4.85 36.17 8.65
CA ASP C 144 -5.22 37.41 7.94
C ASP C 144 -5.96 38.41 8.83
N ALA C 145 -6.91 37.94 9.67
CA ALA C 145 -7.57 38.87 10.58
C ALA C 145 -6.60 39.42 11.62
N THR C 146 -5.74 38.55 12.16
CA THR C 146 -4.71 38.99 13.09
C THR C 146 -3.82 40.02 12.44
N MET C 147 -3.45 39.79 11.19
CA MET C 147 -2.54 40.69 10.47
C MET C 147 -3.16 42.06 10.26
N LEU C 148 -4.45 42.11 9.90
CA LEU C 148 -5.11 43.41 9.73
C LEU C 148 -5.02 44.22 11.00
N VAL C 149 -5.30 43.59 12.16
CA VAL C 149 -5.23 44.34 13.43
C VAL C 149 -3.80 44.82 13.69
N HIS C 150 -2.80 43.94 13.51
CA HIS C 150 -1.44 44.35 13.84
C HIS C 150 -0.92 45.43 12.87
N ALA C 151 -1.19 45.28 11.57
CA ALA C 151 -0.71 46.25 10.59
C ALA C 151 -1.37 47.60 10.81
N GLY C 152 -2.67 47.59 11.09
CA GLY C 152 -3.36 48.84 11.37
C GLY C 152 -2.84 49.50 12.63
N TYR C 153 -2.61 48.71 13.66
CA TYR C 153 -2.05 49.26 14.90
C TYR C 153 -0.65 49.82 14.66
N ARG C 154 0.18 49.11 13.88
CA ARG C 154 1.50 49.62 13.53
C ARG C 154 1.41 51.00 12.88
N ALA C 155 0.54 51.12 11.89
CA ALA C 155 0.38 52.38 11.17
C ALA C 155 -0.25 53.46 12.05
N GLU C 156 -1.24 53.08 12.87
CA GLU C 156 -1.94 54.04 13.71
C GLU C 156 -1.00 54.70 14.73
N GLN C 157 -0.03 53.94 15.21
CA GLN C 157 1.03 54.48 16.07
C GLN C 157 2.02 55.33 15.30
N GLY C 158 1.81 55.54 13.99
CA GLY C 158 2.58 56.51 13.23
C GLY C 158 3.60 55.93 12.28
N ASP C 159 3.74 54.59 12.24
CA ASP C 159 4.70 53.92 11.37
C ASP C 159 3.94 53.56 10.10
N THR C 160 3.97 54.45 9.08
CA THR C 160 3.10 54.33 7.91
C THR C 160 3.81 54.04 6.58
N ALA C 161 5.13 54.21 6.48
CA ALA C 161 5.80 54.06 5.19
C ALA C 161 5.66 52.65 4.61
N PHE C 162 5.54 51.61 5.46
CA PHE C 162 5.46 50.25 4.93
C PHE C 162 4.22 50.09 4.07
N LEU C 163 3.23 50.96 4.25
CA LEU C 163 1.99 50.83 3.48
C LEU C 163 2.21 51.19 2.02
N ASP C 164 3.36 51.75 1.65
CA ASP C 164 3.66 52.00 0.24
C ASP C 164 4.77 51.10 -0.31
N LYS C 165 5.19 50.10 0.46
CA LYS C 165 6.17 49.13 -0.02
C LYS C 165 5.58 48.40 -1.22
N PRO C 166 6.36 48.19 -2.30
CA PRO C 166 5.89 47.37 -3.44
C PRO C 166 5.40 46.01 -2.96
N GLY C 167 4.38 45.48 -3.66
CA GLY C 167 3.87 44.21 -3.21
C GLY C 167 3.17 43.49 -4.33
N SER C 168 2.74 42.29 -4.01
CA SER C 168 1.85 41.56 -4.89
C SER C 168 0.53 42.30 -5.05
N GLU C 169 -0.28 41.81 -5.98
CA GLU C 169 -1.56 42.47 -6.19
C GLU C 169 -2.38 42.45 -4.90
N GLU C 170 -2.38 41.32 -4.18
CA GLU C 170 -3.17 41.24 -2.95
C GLU C 170 -2.58 42.13 -1.87
N GLU C 171 -1.25 42.18 -1.80
CA GLU C 171 -0.60 43.03 -0.79
C GLU C 171 -0.97 44.48 -1.00
N GLU C 172 -0.97 44.95 -2.25
CA GLU C 172 -1.33 46.34 -2.50
C GLU C 172 -2.78 46.60 -2.09
N ILE C 173 -3.65 45.61 -2.30
CA ILE C 173 -5.04 45.74 -1.85
C ILE C 173 -5.11 45.78 -0.33
N PHE C 174 -4.30 44.96 0.35
CA PHE C 174 -4.30 44.99 1.80
C PHE C 174 -3.83 46.34 2.34
N TYR C 175 -2.72 46.87 1.80
CA TYR C 175 -2.26 48.16 2.29
C TYR C 175 -3.31 49.25 2.03
N ALA C 176 -4.01 49.16 0.90
CA ALA C 176 -5.01 50.18 0.59
C ALA C 176 -6.15 50.09 1.61
N LEU C 177 -6.52 48.88 1.99
CA LEU C 177 -7.55 48.69 3.01
C LEU C 177 -7.14 49.36 4.31
N VAL C 178 -5.91 49.11 4.77
CA VAL C 178 -5.45 49.73 6.02
C VAL C 178 -5.51 51.26 5.91
N LYS C 179 -5.07 51.82 4.77
CA LYS C 179 -5.16 53.27 4.61
C LYS C 179 -6.61 53.74 4.66
N ARG C 180 -7.52 53.00 4.01
CA ARG C 180 -8.92 53.42 3.99
C ARG C 180 -9.49 53.41 5.42
N LEU C 181 -9.15 52.39 6.20
CA LEU C 181 -9.68 52.30 7.56
C LEU C 181 -9.10 53.37 8.48
N LEU C 182 -7.81 53.69 8.32
CA LEU C 182 -7.21 54.79 9.09
C LEU C 182 -7.91 56.10 8.77
N LYS C 183 -8.30 56.26 7.51
CA LYS C 183 -8.95 57.50 7.07
C LYS C 183 -10.41 57.57 7.50
N GLU C 184 -11.12 56.44 7.58
CA GLU C 184 -12.56 56.41 7.81
C GLU C 184 -12.95 56.12 9.25
N LYS C 185 -12.20 55.34 9.97
CA LYS C 185 -12.59 54.97 11.33
C LYS C 185 -12.14 56.04 12.33
N PRO C 186 -12.78 56.09 13.50
CA PRO C 186 -12.35 57.07 14.52
C PRO C 186 -10.87 56.90 14.88
N LYS C 187 -10.21 58.01 15.22
CA LYS C 187 -8.79 57.90 15.53
C LYS C 187 -8.60 56.98 16.73
N GLY C 188 -7.63 56.06 16.64
CA GLY C 188 -7.40 55.10 17.72
C GLY C 188 -8.21 53.82 17.60
N TRP C 189 -8.79 53.55 16.44
CA TRP C 189 -9.65 52.38 16.26
C TRP C 189 -8.89 51.08 16.49
N PHE C 190 -7.71 50.96 15.88
CA PHE C 190 -6.97 49.70 15.96
C PHE C 190 -6.48 49.43 17.39
N ALA C 191 -6.01 50.47 18.10
CA ALA C 191 -5.68 50.29 19.51
C ALA C 191 -6.91 49.84 20.28
N GLU C 192 -8.07 50.39 19.92
CA GLU C 192 -9.32 50.00 20.54
C GLU C 192 -9.59 48.50 20.31
N ILE C 193 -9.46 48.05 19.07
CA ILE C 193 -9.61 46.63 18.76
C ILE C 193 -8.60 45.82 19.54
N ALA C 194 -7.32 46.22 19.47
CA ALA C 194 -6.25 45.41 20.07
C ALA C 194 -6.45 45.27 21.59
N LYS C 195 -6.80 46.38 22.26
CA LYS C 195 -7.20 46.33 23.67
C LYS C 195 -8.28 45.28 23.91
N ASN C 196 -9.32 45.24 23.07
CA ASN C 196 -10.48 44.40 23.37
C ASN C 196 -10.30 42.93 23.03
N ILE C 197 -9.35 42.57 22.16
CA ILE C 197 -9.12 41.16 21.82
C ILE C 197 -8.46 40.46 23.00
N LYS C 198 -9.15 39.44 23.54
CA LYS C 198 -8.61 38.69 24.66
C LYS C 198 -7.67 37.58 24.21
N GLY C 199 -7.82 37.11 22.98
CA GLY C 199 -6.90 36.08 22.47
C GLY C 199 -7.21 35.76 21.03
N VAL C 200 -6.25 35.12 20.38
CA VAL C 200 -6.47 34.55 19.05
C VAL C 200 -6.11 33.06 19.10
N SER C 201 -6.93 32.22 18.50
CA SER C 201 -6.51 30.83 18.23
C SER C 201 -6.29 30.62 16.74
N GLU C 202 -5.16 30.04 16.38
CA GLU C 202 -4.78 30.01 14.98
C GLU C 202 -4.56 28.58 14.53
N GLU C 203 -5.09 28.28 13.38
CA GLU C 203 -5.33 26.93 12.92
C GLU C 203 -4.17 26.35 12.11
N THR C 204 -3.42 27.15 11.35
CA THR C 204 -2.62 26.49 10.34
C THR C 204 -1.16 26.91 10.43
N THR C 205 -0.31 26.04 9.86
CA THR C 205 1.15 26.17 9.98
C THR C 205 1.61 27.58 9.58
N THR C 206 1.11 28.09 8.45
CA THR C 206 1.55 29.41 8.00
C THR C 206 1.13 30.50 8.98
N GLY C 207 -0.09 30.39 9.55
CA GLY C 207 -0.52 31.44 10.47
C GLY C 207 0.26 31.39 11.76
N VAL C 208 0.64 30.19 12.18
CA VAL C 208 1.38 30.02 13.44
C VAL C 208 2.79 30.55 13.27
N HIS C 209 3.38 30.34 12.10
CA HIS C 209 4.68 30.96 11.88
C HIS C 209 4.56 32.47 11.98
N ARG C 210 3.51 33.05 11.42
CA ARG C 210 3.34 34.51 11.53
C ARG C 210 3.22 34.93 13.00
N LEU C 211 2.53 34.10 13.81
CA LEU C 211 2.40 34.39 15.25
C LEU C 211 3.77 34.38 15.94
N TYR C 212 4.57 33.34 15.72
CA TYR C 212 5.84 33.27 16.41
C TYR C 212 6.77 34.39 15.96
N GLU C 213 6.64 34.86 14.71
CA GLU C 213 7.47 35.99 14.26
C GLU C 213 7.14 37.25 15.04
N MET C 214 5.84 37.50 15.22
CA MET C 214 5.40 38.67 15.99
C MET C 214 5.86 38.57 17.44
N ALA C 215 5.67 37.39 18.06
CA ALA C 215 6.14 37.22 19.44
C ALA C 215 7.66 37.44 19.55
N ASN C 216 8.44 36.93 18.57
CA ASN C 216 9.90 37.11 18.55
C ASN C 216 10.28 38.57 18.40
N LYS C 217 9.48 39.33 17.66
CA LYS C 217 9.70 40.76 17.43
C LYS C 217 9.05 41.60 18.53
N GLY C 218 8.34 40.98 19.45
CA GLY C 218 7.69 41.72 20.52
C GLY C 218 6.48 42.51 20.10
N THR C 219 5.93 42.26 18.90
CA THR C 219 4.79 43.03 18.40
C THR C 219 3.46 42.31 18.59
N LEU C 220 3.45 41.06 19.06
CA LEU C 220 2.20 40.33 19.27
C LEU C 220 1.33 41.08 20.28
N LEU C 221 0.09 41.39 19.90
CA LEU C 221 -0.71 42.29 20.74
C LEU C 221 -1.61 41.57 21.73
N PHE C 222 -1.78 40.25 21.64
CA PHE C 222 -2.68 39.56 22.57
C PHE C 222 -2.26 38.10 22.65
N PRO C 223 -2.72 37.37 23.69
CA PRO C 223 -2.31 35.96 23.81
C PRO C 223 -2.79 35.14 22.61
N ALA C 224 -2.04 34.11 22.26
CA ALA C 224 -2.40 33.26 21.13
C ALA C 224 -2.25 31.81 21.50
N ILE C 225 -3.17 30.98 21.03
CA ILE C 225 -2.98 29.53 21.10
C ILE C 225 -2.75 29.03 19.70
N ASN C 226 -1.64 28.33 19.53
CA ASN C 226 -1.28 27.60 18.32
C ASN C 226 -2.03 26.29 18.30
N VAL C 227 -3.15 26.25 17.55
CA VAL C 227 -3.96 25.04 17.42
C VAL C 227 -3.30 24.06 16.46
N ASN C 228 -2.55 24.57 15.48
CA ASN C 228 -1.93 23.68 14.51
C ASN C 228 -1.11 22.60 15.20
N ASP C 229 -0.37 22.96 16.25
CA ASP C 229 0.57 22.02 16.84
C ASP C 229 -0.03 21.20 18.00
N SER C 230 -1.35 21.21 18.19
CA SER C 230 -1.96 20.07 18.87
C SER C 230 -1.61 18.81 18.09
N VAL C 231 -1.30 17.72 18.81
CA VAL C 231 -1.05 16.48 18.07
C VAL C 231 -2.27 16.10 17.26
N THR C 232 -3.46 16.27 17.85
CA THR C 232 -4.69 15.86 17.19
C THR C 232 -5.13 16.86 16.13
N LYS C 233 -4.28 17.82 15.80
CA LYS C 233 -4.50 18.65 14.61
C LYS C 233 -3.42 18.34 13.59
N SER C 234 -2.15 18.73 13.86
CA SER C 234 -1.06 18.53 12.90
C SER C 234 -0.94 17.09 12.39
N LYS C 235 -1.06 16.07 13.25
CA LYS C 235 -0.82 14.74 12.73
CA LYS C 235 -0.86 14.68 12.86
C LYS C 235 -2.11 14.06 12.26
N PHE C 236 -3.20 14.83 12.14
CA PHE C 236 -4.45 14.27 11.65
C PHE C 236 -4.98 15.08 10.48
N ASP C 237 -5.38 16.33 10.71
CA ASP C 237 -5.81 17.24 9.63
C ASP C 237 -4.71 17.41 8.60
N ASN C 238 -3.51 17.85 9.00
CA ASN C 238 -2.54 18.19 7.95
C ASN C 238 -2.15 16.95 7.16
N LEU C 239 -2.05 15.82 7.84
CA LEU C 239 -1.67 14.53 7.24
C LEU C 239 -2.86 13.82 6.59
N TYR C 240 -3.80 13.25 7.38
CA TYR C 240 -4.89 12.47 6.81
C TYR C 240 -5.87 13.33 6.01
N GLY C 241 -6.11 14.55 6.46
CA GLY C 241 -6.97 15.44 5.71
C GLY C 241 -6.49 15.62 4.29
N CYS C 242 -5.19 15.94 4.11
CA CYS C 242 -4.69 16.07 2.73
C CYS C 242 -4.62 14.71 2.03
N ARG C 243 -4.34 13.63 2.75
CA ARG C 243 -4.38 12.33 2.10
C ARG C 243 -5.74 12.11 1.45
N GLU C 244 -6.82 12.59 2.10
CA GLU C 244 -8.17 12.41 1.54
C GLU C 244 -8.54 13.47 0.52
N SER C 245 -8.15 14.72 0.73
CA SER C 245 -8.72 15.78 -0.08
C SER C 245 -7.84 16.28 -1.21
N LEU C 246 -6.53 16.00 -1.23
CA LEU C 246 -5.73 16.50 -2.37
C LEU C 246 -6.19 15.83 -3.66
N VAL C 247 -6.21 14.49 -3.68
CA VAL C 247 -6.63 13.81 -4.89
C VAL C 247 -8.11 14.10 -5.22
N ASP C 248 -8.94 14.31 -4.21
CA ASP C 248 -10.31 14.78 -4.48
C ASP C 248 -10.29 16.06 -5.32
N GLY C 249 -9.46 17.02 -4.94
CA GLY C 249 -9.41 18.28 -5.71
C GLY C 249 -8.91 18.07 -7.12
N ILE C 250 -7.87 17.25 -7.27
CA ILE C 250 -7.32 17.01 -8.60
C ILE C 250 -8.33 16.29 -9.47
N ARG C 251 -9.01 15.28 -8.93
CA ARG C 251 -10.00 14.55 -9.72
C ARG C 251 -11.12 15.47 -10.14
N ARG C 252 -11.66 16.28 -9.21
CA ARG C 252 -12.81 17.07 -9.64
C ARG C 252 -12.38 18.15 -10.63
N GLY C 253 -11.15 18.65 -10.53
CA GLY C 253 -10.72 19.66 -11.49
C GLY C 253 -10.45 19.12 -12.88
N THR C 254 -9.90 17.92 -12.97
CA THR C 254 -9.30 17.42 -14.22
C THR C 254 -9.85 16.08 -14.67
N ASP C 255 -10.39 15.26 -13.76
CA ASP C 255 -10.85 13.92 -14.10
C ASP C 255 -9.80 13.10 -14.84
N VAL C 256 -8.51 13.27 -14.47
CA VAL C 256 -7.49 12.47 -15.16
C VAL C 256 -7.33 11.11 -14.49
N MET C 257 -6.79 10.18 -15.25
CA MET C 257 -6.37 8.92 -14.68
CA MET C 257 -6.35 8.90 -14.71
C MET C 257 -5.06 9.09 -13.92
N LEU C 258 -5.08 8.70 -12.64
CA LEU C 258 -3.86 8.86 -11.87
C LEU C 258 -2.95 7.65 -12.00
N SER C 259 -3.48 6.42 -12.11
CA SER C 259 -2.65 5.27 -12.46
C SER C 259 -1.96 5.47 -13.80
N GLY C 260 -0.66 5.26 -13.82
CA GLY C 260 0.15 5.52 -15.00
C GLY C 260 0.82 6.87 -14.99
N LYS C 261 0.44 7.77 -14.07
CA LYS C 261 1.05 9.10 -14.05
C LYS C 261 2.14 9.22 -13.00
N VAL C 262 3.04 10.18 -13.22
CA VAL C 262 4.09 10.55 -12.26
C VAL C 262 3.69 11.87 -11.64
N ALA C 263 3.84 11.97 -10.34
CA ALA C 263 3.45 13.18 -9.62
C ALA C 263 4.66 13.66 -8.85
N MET C 264 4.78 14.97 -8.70
CA MET C 264 5.86 15.59 -7.95
C MET C 264 5.25 16.37 -6.78
N VAL C 265 5.68 16.10 -5.55
CA VAL C 265 5.18 16.84 -4.38
C VAL C 265 6.35 17.60 -3.79
N ALA C 266 6.24 18.95 -3.72
CA ALA C 266 7.30 19.76 -3.09
C ALA C 266 6.99 19.89 -1.61
N GLY C 267 7.88 19.36 -0.80
CA GLY C 267 7.70 19.36 0.65
C GLY C 267 7.28 18.01 1.19
N PHE C 268 7.84 17.66 2.36
CA PHE C 268 7.47 16.39 3.00
C PHE C 268 7.32 16.62 4.48
N GLY C 269 6.70 17.77 4.84
CA GLY C 269 6.24 17.99 6.22
C GLY C 269 4.91 17.27 6.37
N ASP C 270 4.03 17.77 7.24
CA ASP C 270 2.80 17.00 7.47
C ASP C 270 1.91 17.01 6.22
N VAL C 271 1.74 18.18 5.61
CA VAL C 271 0.90 18.25 4.41
C VAL C 271 1.53 17.49 3.26
N GLY C 272 2.87 17.61 3.09
CA GLY C 272 3.51 16.91 1.98
C GLY C 272 3.47 15.40 2.17
N LYS C 273 3.63 14.93 3.40
CA LYS C 273 3.43 13.50 3.65
C LYS C 273 2.04 13.09 3.26
N GLY C 274 1.01 13.84 3.69
CA GLY C 274 -0.35 13.43 3.34
C GLY C 274 -0.59 13.50 1.83
N SER C 275 -0.02 14.53 1.19
CA SER C 275 -0.22 14.78 -0.26
C SER C 275 0.43 13.69 -1.08
N ALA C 276 1.66 13.32 -0.70
CA ALA C 276 2.32 12.23 -1.41
C ALA C 276 1.55 10.95 -1.25
N ALA C 277 1.04 10.66 -0.05
CA ALA C 277 0.24 9.48 0.15
C ALA C 277 -1.06 9.53 -0.67
N SER C 278 -1.69 10.71 -0.73
CA SER C 278 -2.93 10.82 -1.50
C SER C 278 -2.69 10.36 -2.93
N LEU C 279 -1.59 10.86 -3.52
CA LEU C 279 -1.33 10.54 -4.91
C LEU C 279 -0.87 9.11 -5.10
N ARG C 280 0.04 8.61 -4.22
CA ARG C 280 0.50 7.22 -4.35
CA ARG C 280 0.49 7.23 -4.40
C ARG C 280 -0.66 6.26 -4.19
N GLN C 281 -1.50 6.51 -3.16
CA GLN C 281 -2.63 5.59 -2.94
C GLN C 281 -3.56 5.59 -4.13
N ALA C 282 -3.68 6.71 -4.87
CA ALA C 282 -4.58 6.86 -6.03
C ALA C 282 -3.95 6.30 -7.30
N GLY C 283 -2.68 5.93 -7.24
CA GLY C 283 -2.04 5.18 -8.32
C GLY C 283 -0.85 5.87 -8.95
N CYS C 284 -0.55 7.09 -8.58
CA CYS C 284 0.61 7.78 -9.15
C CYS C 284 1.90 7.20 -8.61
N ARG C 285 2.95 7.30 -9.43
CA ARG C 285 4.32 7.16 -8.97
C ARG C 285 4.78 8.55 -8.51
N VAL C 286 5.18 8.70 -7.26
CA VAL C 286 5.35 10.02 -6.65
C VAL C 286 6.81 10.28 -6.38
N MET C 287 7.27 11.45 -6.81
CA MET C 287 8.56 12.01 -6.44
C MET C 287 8.35 13.19 -5.50
N VAL C 288 9.38 13.52 -4.72
CA VAL C 288 9.26 14.50 -3.64
C VAL C 288 10.48 15.41 -3.68
N SER C 289 10.30 16.70 -3.39
CA SER C 289 11.48 17.53 -3.08
C SER C 289 11.46 17.97 -1.61
N GLU C 290 12.67 18.22 -1.06
CA GLU C 290 12.77 18.66 0.32
C GLU C 290 14.06 19.45 0.47
N VAL C 291 14.06 20.36 1.46
CA VAL C 291 15.25 21.07 1.91
C VAL C 291 15.71 20.57 3.27
N ASP C 292 14.86 19.86 4.01
CA ASP C 292 15.21 19.41 5.36
C ASP C 292 15.72 17.99 5.22
N PRO C 293 16.96 17.71 5.60
CA PRO C 293 17.50 16.35 5.33
C PRO C 293 16.76 15.26 6.10
N ILE C 294 16.21 15.56 7.29
CA ILE C 294 15.44 14.55 8.02
C ILE C 294 14.16 14.19 7.25
N CYS C 295 13.42 15.22 6.80
CA CYS C 295 12.22 14.95 6.04
C CYS C 295 12.53 14.28 4.70
N ALA C 296 13.67 14.63 4.09
CA ALA C 296 14.07 14.00 2.84
C ALA C 296 14.37 12.54 3.05
N LEU C 297 15.08 12.22 4.15
CA LEU C 297 15.35 10.81 4.47
C LEU C 297 14.04 10.06 4.76
N GLN C 298 13.09 10.69 5.47
CA GLN C 298 11.78 10.04 5.65
C GLN C 298 11.15 9.72 4.29
N ALA C 299 11.15 10.69 3.37
CA ALA C 299 10.53 10.41 2.09
C ALA C 299 11.20 9.25 1.38
N ALA C 300 12.53 9.20 1.42
CA ALA C 300 13.24 8.12 0.75
C ALA C 300 12.92 6.78 1.40
N MET C 301 12.81 6.76 2.72
CA MET C 301 12.48 5.52 3.40
CA MET C 301 12.48 5.52 3.40
C MET C 301 11.05 5.08 3.14
N GLU C 302 10.18 6.01 2.75
CA GLU C 302 8.81 5.63 2.40
C GLU C 302 8.70 5.24 0.93
N GLY C 303 9.81 5.24 0.22
CA GLY C 303 9.87 4.69 -1.12
C GLY C 303 9.76 5.75 -2.19
N TYR C 304 9.71 7.02 -1.84
CA TYR C 304 9.59 8.10 -2.84
C TYR C 304 10.98 8.50 -3.34
N GLU C 305 11.10 8.71 -4.66
CA GLU C 305 12.31 9.30 -5.24
C GLU C 305 12.38 10.78 -4.87
N VAL C 306 13.52 11.22 -4.29
CA VAL C 306 13.64 12.60 -3.81
C VAL C 306 14.54 13.33 -4.80
N VAL C 307 13.97 14.33 -5.45
CA VAL C 307 14.59 15.02 -6.58
C VAL C 307 14.41 16.53 -6.42
N THR C 308 15.16 17.30 -7.24
CA THR C 308 14.86 18.73 -7.28
C THR C 308 13.72 19.02 -8.22
N MET C 309 13.14 20.22 -8.03
CA MET C 309 12.07 20.63 -8.97
C MET C 309 12.61 20.75 -10.40
N GLU C 310 13.88 21.15 -10.59
CA GLU C 310 14.44 21.21 -11.95
C GLU C 310 14.48 19.83 -12.59
N ASP C 311 14.80 18.79 -11.80
CA ASP C 311 14.77 17.43 -12.30
C ASP C 311 13.36 17.00 -12.62
N ALA C 312 12.42 17.39 -11.75
CA ALA C 312 11.05 16.92 -11.93
C ALA C 312 10.35 17.64 -13.07
N ALA C 313 10.72 18.88 -13.35
CA ALA C 313 9.84 19.66 -14.24
C ALA C 313 9.59 19.01 -15.58
N PRO C 314 10.55 18.40 -16.27
CA PRO C 314 10.19 17.79 -17.55
C PRO C 314 9.65 16.37 -17.44
N ARG C 315 9.57 15.81 -16.22
CA ARG C 315 9.33 14.39 -15.91
C ARG C 315 7.88 14.17 -15.48
N ALA C 316 7.33 15.03 -14.63
CA ALA C 316 6.08 14.68 -13.99
C ALA C 316 4.85 15.13 -14.76
N ASP C 317 3.74 14.42 -14.53
CA ASP C 317 2.43 14.77 -15.08
C ASP C 317 1.64 15.73 -14.21
N ILE C 318 1.92 15.73 -12.90
CA ILE C 318 1.15 16.44 -11.89
C ILE C 318 2.14 17.00 -10.89
N PHE C 319 2.02 18.29 -10.59
CA PHE C 319 2.87 18.95 -9.61
C PHE C 319 2.03 19.53 -8.49
N VAL C 320 2.48 19.33 -7.25
CA VAL C 320 1.74 19.86 -6.09
C VAL C 320 2.74 20.52 -5.15
N THR C 321 2.51 21.78 -4.78
CA THR C 321 3.38 22.48 -3.81
C THR C 321 2.77 22.35 -2.43
N ALA C 322 3.57 21.88 -1.46
CA ALA C 322 3.08 21.61 -0.11
C ALA C 322 4.06 22.13 0.94
N THR C 323 4.65 23.30 0.71
CA THR C 323 5.77 23.71 1.56
C THR C 323 5.44 24.77 2.59
N GLY C 324 4.45 25.62 2.36
CA GLY C 324 4.33 26.80 3.16
C GLY C 324 5.39 27.85 2.86
N ASN C 325 6.16 27.71 1.78
CA ASN C 325 7.24 28.62 1.44
C ASN C 325 6.87 29.29 0.11
N LYS C 326 7.80 29.96 -0.53
CA LYS C 326 7.45 30.72 -1.73
C LYS C 326 8.40 30.35 -2.87
N ASP C 327 7.92 30.59 -4.09
CA ASP C 327 8.74 30.45 -5.30
C ASP C 327 9.23 29.02 -5.48
N ILE C 328 8.33 28.08 -5.30
CA ILE C 328 8.60 26.64 -5.40
C ILE C 328 8.51 26.16 -6.83
N ILE C 329 7.44 26.56 -7.55
CA ILE C 329 7.31 26.24 -8.96
C ILE C 329 7.35 27.54 -9.73
N THR C 330 8.40 27.69 -10.55
CA THR C 330 8.66 28.94 -11.22
C THR C 330 8.29 28.88 -12.69
N ILE C 331 8.26 30.05 -13.32
CA ILE C 331 8.01 30.09 -14.76
C ILE C 331 9.02 29.25 -15.56
N GLU C 332 10.25 29.19 -15.11
CA GLU C 332 11.23 28.31 -15.77
C GLU C 332 10.85 26.84 -15.64
N HIS C 333 10.38 26.41 -14.46
CA HIS C 333 9.88 25.04 -14.33
C HIS C 333 8.73 24.81 -15.29
N MET C 334 7.76 25.73 -15.30
CA MET C 334 6.56 25.50 -16.10
C MET C 334 6.86 25.57 -17.59
N ARG C 335 7.87 26.39 -18.00
CA ARG C 335 8.34 26.35 -19.39
C ARG C 335 8.82 24.97 -19.81
N ALA C 336 9.34 24.18 -18.86
CA ALA C 336 9.98 22.90 -19.16
C ALA C 336 9.03 21.71 -19.02
N MET C 337 7.82 21.94 -18.51
CA MET C 337 6.86 20.87 -18.31
C MET C 337 6.31 20.33 -19.61
N LYS C 338 5.87 19.09 -19.53
CA LYS C 338 5.19 18.53 -20.68
C LYS C 338 3.84 19.22 -20.92
N ASP C 339 3.40 19.11 -22.16
CA ASP C 339 2.13 19.73 -22.56
C ASP C 339 1.00 19.16 -21.74
N ARG C 340 0.22 20.07 -21.15
CA ARG C 340 -0.94 19.80 -20.32
C ARG C 340 -0.59 19.10 -18.99
N ALA C 341 0.63 19.27 -18.51
CA ALA C 341 0.93 18.95 -17.12
C ALA C 341 -0.02 19.74 -16.22
N ILE C 342 -0.38 19.13 -15.08
CA ILE C 342 -1.27 19.74 -14.09
C ILE C 342 -0.43 20.31 -12.96
N VAL C 343 -0.77 21.55 -12.53
CA VAL C 343 -0.03 22.23 -11.45
C VAL C 343 -1.03 22.73 -10.42
N CYS C 344 -0.71 22.50 -9.15
CA CYS C 344 -1.60 22.98 -8.10
C CYS C 344 -0.82 23.13 -6.79
N ASN C 345 -1.48 23.74 -5.81
CA ASN C 345 -0.87 24.12 -4.53
C ASN C 345 -1.80 23.74 -3.43
N ILE C 346 -1.29 23.02 -2.42
CA ILE C 346 -2.09 22.70 -1.25
C ILE C 346 -1.56 23.39 -0.02
N GLY C 347 -0.50 24.20 -0.15
CA GLY C 347 -0.12 25.06 0.97
C GLY C 347 -1.08 26.26 1.10
N HIS C 348 -1.03 26.95 2.25
CA HIS C 348 -2.02 28.01 2.56
C HIS C 348 -2.14 29.18 1.54
N PHE C 349 -1.02 29.64 0.92
CA PHE C 349 -1.02 30.86 0.12
C PHE C 349 -0.54 30.55 -1.29
N ASP C 350 -0.96 31.43 -2.27
N ASP C 350 -0.96 31.39 -2.27
CA ASP C 350 -0.73 31.29 -3.73
CA ASP C 350 -0.68 31.13 -3.70
C ASP C 350 0.63 31.84 -4.24
C ASP C 350 0.78 31.29 -4.12
N ASN C 351 1.60 32.05 -3.39
CA ASN C 351 2.95 32.36 -3.87
C ASN C 351 3.87 31.15 -3.86
N GLU C 352 3.39 29.93 -3.54
CA GLU C 352 4.23 28.76 -3.76
C GLU C 352 4.51 28.58 -5.25
N ILE C 353 3.56 29.00 -6.11
CA ILE C 353 3.71 28.94 -7.56
C ILE C 353 3.81 30.37 -8.03
N GLN C 354 4.67 30.63 -9.05
CA GLN C 354 4.81 31.97 -9.60
C GLN C 354 3.65 32.35 -10.52
N ILE C 355 2.45 32.36 -9.93
CA ILE C 355 1.26 32.69 -10.73
C ILE C 355 1.40 34.06 -11.41
N ALA C 356 1.97 35.03 -10.70
CA ALA C 356 2.00 36.37 -11.25
C ALA C 356 2.80 36.43 -12.54
N SER C 357 3.82 35.56 -12.64
CA SER C 357 4.66 35.52 -13.81
CA SER C 357 4.66 35.52 -13.81
C SER C 357 3.95 34.96 -15.03
N LEU C 358 2.81 34.29 -14.82
CA LEU C 358 2.01 33.67 -15.86
C LEU C 358 0.99 34.63 -16.44
N ARG C 359 0.88 35.83 -15.89
CA ARG C 359 -0.27 36.65 -16.25
C ARG C 359 -0.10 37.35 -17.59
N ASN C 360 1.06 37.28 -18.21
CA ASN C 360 1.14 37.78 -19.59
C ASN C 360 0.98 36.70 -20.63
N LEU C 361 0.83 35.45 -20.22
CA LEU C 361 0.45 34.36 -21.09
C LEU C 361 -1.06 34.34 -21.30
N LYS C 362 -1.50 33.61 -22.33
CA LYS C 362 -2.92 33.41 -22.62
C LYS C 362 -3.55 32.40 -21.68
N TRP C 363 -4.56 32.82 -20.92
CA TRP C 363 -5.31 31.93 -20.05
C TRP C 363 -6.68 31.66 -20.68
N THR C 364 -7.07 30.40 -20.69
CA THR C 364 -8.38 29.99 -21.16
C THR C 364 -9.06 29.28 -20.01
N ASN C 365 -10.19 29.81 -19.57
CA ASN C 365 -10.86 29.16 -18.47
C ASN C 365 -11.58 27.92 -18.97
N ILE C 366 -11.41 26.82 -18.24
CA ILE C 366 -12.15 25.60 -18.56
C ILE C 366 -13.46 25.55 -17.82
N LYS C 367 -13.40 25.74 -16.51
CA LYS C 367 -14.57 25.78 -15.62
C LYS C 367 -14.11 26.49 -14.37
N PRO C 368 -14.97 26.69 -13.38
CA PRO C 368 -14.50 27.37 -12.17
C PRO C 368 -13.28 26.65 -11.62
N GLN C 369 -12.25 27.46 -11.30
CA GLN C 369 -11.04 26.96 -10.66
C GLN C 369 -10.22 26.02 -11.54
N VAL C 370 -10.40 26.04 -12.86
CA VAL C 370 -9.56 25.26 -13.78
C VAL C 370 -9.25 26.14 -15.00
N ASP C 371 -7.97 26.32 -15.29
CA ASP C 371 -7.58 27.19 -16.40
C ASP C 371 -6.47 26.48 -17.15
N GLU C 372 -6.45 26.69 -18.47
CA GLU C 372 -5.34 26.24 -19.31
C GLU C 372 -4.51 27.47 -19.69
N ILE C 373 -3.20 27.39 -19.51
CA ILE C 373 -2.31 28.52 -19.72
C ILE C 373 -1.38 28.15 -20.86
N GLU C 374 -1.28 29.00 -21.87
CA GLU C 374 -0.59 28.66 -23.10
C GLU C 374 0.66 29.50 -23.24
N PHE C 375 1.79 28.84 -23.45
CA PHE C 375 3.08 29.51 -23.63
C PHE C 375 3.26 29.90 -25.09
N PRO C 376 4.24 30.77 -25.38
CA PRO C 376 4.55 31.08 -26.79
C PRO C 376 4.82 29.86 -27.67
N ASP C 377 5.53 28.86 -27.16
CA ASP C 377 5.80 27.68 -27.99
C ASP C 377 4.58 26.75 -28.11
N LYS C 378 3.42 27.15 -27.60
CA LYS C 378 2.11 26.48 -27.67
C LYS C 378 2.00 25.33 -26.67
N HIS C 379 3.02 25.04 -25.88
CA HIS C 379 2.69 24.03 -24.88
C HIS C 379 1.84 24.71 -23.79
N ARG C 380 1.10 23.89 -23.09
CA ARG C 380 0.08 24.32 -22.16
C ARG C 380 0.33 23.71 -20.81
N ILE C 381 -0.14 24.38 -19.77
CA ILE C 381 -0.25 23.74 -18.46
C ILE C 381 -1.69 23.93 -17.97
N ILE C 382 -2.14 23.01 -17.14
CA ILE C 382 -3.45 23.10 -16.51
CA ILE C 382 -3.45 23.10 -16.51
C ILE C 382 -3.25 23.56 -15.09
N MET C 383 -3.79 24.71 -14.77
CA MET C 383 -3.63 25.29 -13.44
C MET C 383 -4.93 25.15 -12.66
N LEU C 384 -4.83 24.70 -11.41
CA LEU C 384 -6.00 24.53 -10.54
C LEU C 384 -6.10 25.66 -9.50
N SER C 385 -7.33 26.22 -9.38
CA SER C 385 -7.67 27.28 -8.40
C SER C 385 -6.70 28.47 -8.45
N GLU C 386 -6.18 28.78 -9.65
CA GLU C 386 -5.23 29.88 -9.84
C GLU C 386 -4.11 29.80 -8.80
N GLY C 387 -3.77 28.58 -8.39
CA GLY C 387 -2.65 28.41 -7.47
C GLY C 387 -3.00 28.56 -6.02
N ARG C 388 -4.28 28.69 -5.70
CA ARG C 388 -4.71 28.70 -4.31
CA ARG C 388 -4.80 28.71 -4.35
C ARG C 388 -5.12 27.29 -3.88
N LEU C 389 -5.34 27.14 -2.58
CA LEU C 389 -5.55 25.80 -2.00
C LEU C 389 -6.44 24.88 -2.83
N VAL C 390 -5.87 23.80 -3.37
CA VAL C 390 -6.59 23.02 -4.37
C VAL C 390 -7.69 22.15 -3.78
N ASN C 391 -7.46 21.65 -2.57
CA ASN C 391 -8.47 20.77 -1.95
C ASN C 391 -9.75 21.54 -1.66
N LEU C 392 -9.61 22.79 -1.17
CA LEU C 392 -10.75 23.62 -0.87
C LEU C 392 -11.30 24.34 -2.13
N GLY C 393 -10.44 24.67 -3.08
CA GLY C 393 -10.92 25.39 -4.27
C GLY C 393 -11.56 24.46 -5.30
N ASN C 394 -11.00 23.28 -5.56
CA ASN C 394 -11.53 22.41 -6.60
C ASN C 394 -12.43 21.33 -6.05
N ALA C 395 -12.44 21.12 -4.73
CA ALA C 395 -13.35 20.12 -4.14
C ALA C 395 -13.97 20.73 -2.89
N MET C 396 -13.99 19.96 -1.76
CA MET C 396 -14.76 20.32 -0.57
C MET C 396 -13.88 20.36 0.67
N GLY C 397 -12.59 20.55 0.47
CA GLY C 397 -11.66 20.53 1.59
C GLY C 397 -11.60 19.17 2.26
N HIS C 398 -11.04 19.19 3.44
CA HIS C 398 -11.00 17.94 4.21
C HIS C 398 -12.43 17.46 4.54
N PRO C 399 -12.60 16.16 4.70
CA PRO C 399 -13.93 15.66 5.15
C PRO C 399 -14.19 15.97 6.62
N SER C 400 -15.48 15.91 6.99
CA SER C 400 -15.94 16.35 8.32
C SER C 400 -15.21 15.69 9.48
N PHE C 401 -14.99 14.37 9.41
CA PHE C 401 -14.51 13.71 10.62
C PHE C 401 -13.15 14.24 11.04
N VAL C 402 -12.25 14.43 10.08
CA VAL C 402 -10.96 14.93 10.56
C VAL C 402 -11.06 16.41 10.94
N MET C 403 -11.97 17.18 10.35
CA MET C 403 -12.15 18.56 10.82
C MET C 403 -12.77 18.60 12.22
N SER C 404 -13.50 17.56 12.61
CA SER C 404 -14.00 17.50 13.97
C SER C 404 -12.85 17.53 14.97
N ALA C 405 -11.74 16.88 14.64
CA ALA C 405 -10.61 16.93 15.56
C ALA C 405 -10.02 18.33 15.62
N SER C 406 -9.75 18.92 14.45
CA SER C 406 -9.20 20.28 14.41
C SER C 406 -10.10 21.25 15.13
N PHE C 407 -11.40 21.14 14.89
CA PHE C 407 -12.30 22.15 15.39
C PHE C 407 -12.72 21.91 16.83
N THR C 408 -12.57 20.67 17.34
CA THR C 408 -12.69 20.52 18.79
C THR C 408 -11.52 21.23 19.45
N ASN C 409 -10.31 21.10 18.86
CA ASN C 409 -9.18 21.86 19.40
C ASN C 409 -9.49 23.34 19.40
N GLN C 410 -10.03 23.83 18.29
CA GLN C 410 -10.30 25.25 18.20
C GLN C 410 -11.27 25.67 19.28
N THR C 411 -12.35 24.89 19.47
CA THR C 411 -13.35 25.26 20.47
C THR C 411 -12.75 25.27 21.87
N LEU C 412 -11.93 24.27 22.19
CA LEU C 412 -11.25 24.24 23.48
C LEU C 412 -10.29 25.42 23.63
N ALA C 413 -9.66 25.86 22.52
CA ALA C 413 -8.71 26.99 22.64
C ALA C 413 -9.45 28.29 22.88
N GLN C 414 -10.62 28.45 22.23
CA GLN C 414 -11.46 29.62 22.49
C GLN C 414 -11.90 29.65 23.95
N ILE C 415 -12.29 28.49 24.49
CA ILE C 415 -12.67 28.41 25.90
C ILE C 415 -11.49 28.79 26.80
N GLU C 416 -10.29 28.28 26.49
CA GLU C 416 -9.10 28.59 27.29
C GLU C 416 -8.86 30.09 27.33
N LEU C 417 -8.84 30.73 26.15
CA LEU C 417 -8.48 32.14 26.05
C LEU C 417 -9.59 33.05 26.56
N PHE C 418 -10.84 32.65 26.39
CA PHE C 418 -11.90 33.55 26.79
C PHE C 418 -12.26 33.37 28.25
N ALA C 419 -12.33 32.11 28.69
CA ALA C 419 -12.96 31.73 29.95
C ALA C 419 -11.97 31.30 31.04
N ASN C 420 -10.83 30.68 30.67
CA ASN C 420 -9.87 30.09 31.62
C ASN C 420 -8.55 30.84 31.69
N ASN C 421 -8.58 32.18 31.61
CA ASN C 421 -7.40 33.03 31.70
C ASN C 421 -7.56 34.07 32.81
N LYS C 422 -8.29 33.71 33.87
CA LYS C 422 -8.59 34.61 34.98
C LYS C 422 -7.42 34.79 35.93
N ASP C 423 -6.35 33.99 35.79
CA ASP C 423 -5.10 34.16 36.53
C ASP C 423 -3.96 34.61 35.62
N SER C 424 -4.28 35.11 34.43
CA SER C 424 -3.29 35.46 33.40
C SER C 424 -2.31 34.31 33.17
N LYS C 425 -2.85 33.10 32.92
CA LYS C 425 -1.97 32.01 32.56
C LYS C 425 -1.53 32.06 31.10
N TYR C 426 -2.20 32.86 30.28
CA TYR C 426 -1.77 33.16 28.90
C TYR C 426 -1.41 34.65 28.82
N ALA C 427 -0.10 34.92 28.66
CA ALA C 427 0.43 36.24 28.40
C ALA C 427 0.44 36.50 26.89
N LYS C 428 0.91 37.68 26.47
CA LYS C 428 1.04 37.99 25.05
C LYS C 428 2.14 37.13 24.42
N LYS C 429 1.94 35.81 24.45
CA LYS C 429 2.88 34.81 23.96
C LYS C 429 2.09 33.76 23.21
N VAL C 430 2.79 32.80 22.60
CA VAL C 430 2.15 31.70 21.86
C VAL C 430 2.20 30.41 22.67
N TYR C 431 1.04 29.80 22.90
CA TYR C 431 0.87 28.60 23.74
C TYR C 431 0.31 27.45 22.92
N VAL C 432 0.46 26.21 23.43
CA VAL C 432 -0.26 25.08 22.86
C VAL C 432 -1.18 24.52 23.93
N LEU C 433 -2.25 23.81 23.49
CA LEU C 433 -3.10 23.16 24.48
C LEU C 433 -2.34 22.07 25.24
N PRO C 434 -2.73 21.81 26.48
CA PRO C 434 -2.03 20.79 27.27
C PRO C 434 -2.36 19.40 26.74
N LYS C 435 -1.42 18.47 26.97
CA LYS C 435 -1.58 17.12 26.44
C LYS C 435 -2.84 16.43 26.94
N THR C 436 -3.28 16.70 28.18
CA THR C 436 -4.55 16.07 28.61
C THR C 436 -5.69 16.48 27.70
N LEU C 437 -5.71 17.74 27.25
CA LEU C 437 -6.79 18.15 26.31
C LEU C 437 -6.57 17.56 24.93
N ASP C 438 -5.32 17.47 24.46
CA ASP C 438 -5.05 16.81 23.18
C ASP C 438 -5.54 15.37 23.21
N GLU C 439 -5.25 14.66 24.31
CA GLU C 439 -5.73 13.29 24.47
C GLU C 439 -7.25 13.26 24.54
N LYS C 440 -7.86 14.20 25.26
CA LYS C 440 -9.32 14.26 25.29
C LYS C 440 -9.92 14.37 23.88
N VAL C 441 -9.35 15.24 23.04
CA VAL C 441 -9.87 15.36 21.68
C VAL C 441 -9.87 14.01 20.99
N ALA C 442 -8.76 13.28 21.10
CA ALA C 442 -8.74 11.96 20.45
C ALA C 442 -9.81 11.05 21.06
N ARG C 443 -9.91 11.01 22.39
CA ARG C 443 -10.89 10.15 23.05
C ARG C 443 -12.29 10.36 22.49
N LEU C 444 -12.65 11.63 22.22
CA LEU C 444 -14.01 11.94 21.79
C LEU C 444 -14.32 11.37 20.43
N HIS C 445 -13.31 10.96 19.67
CA HIS C 445 -13.53 10.44 18.31
C HIS C 445 -13.48 8.92 18.22
N LEU C 446 -13.19 8.21 19.30
CA LEU C 446 -12.91 6.79 19.14
C LEU C 446 -14.17 5.97 18.92
N ALA C 447 -15.25 6.30 19.64
CA ALA C 447 -16.44 5.46 19.56
C ALA C 447 -17.03 5.46 18.15
N LYS C 448 -17.05 6.63 17.51
CA LYS C 448 -17.64 6.78 16.17
CA LYS C 448 -17.73 6.70 16.22
C LYS C 448 -17.04 5.79 15.19
N ILE C 449 -15.74 5.62 15.27
CA ILE C 449 -15.06 4.77 14.30
C ILE C 449 -14.75 3.40 14.87
N GLY C 450 -15.36 3.03 15.99
CA GLY C 450 -15.34 1.65 16.41
C GLY C 450 -14.08 1.20 17.13
N VAL C 451 -13.28 2.13 17.66
CA VAL C 451 -12.08 1.80 18.43
C VAL C 451 -12.48 1.33 19.80
N LYS C 452 -11.88 0.23 20.26
CA LYS C 452 -12.05 -0.20 21.64
C LYS C 452 -10.69 0.01 22.31
N LEU C 453 -10.63 1.00 23.22
CA LEU C 453 -9.41 1.37 23.89
C LEU C 453 -9.18 0.42 25.06
N THR C 454 -7.93 -0.01 25.23
CA THR C 454 -7.53 -0.78 26.41
C THR C 454 -7.24 0.21 27.55
N GLU C 455 -7.52 -0.22 28.80
CA GLU C 455 -7.08 0.51 29.99
C GLU C 455 -5.91 -0.19 30.65
N LEU C 456 -4.89 0.60 30.99
CA LEU C 456 -3.80 0.07 31.81
C LEU C 456 -4.35 -0.43 33.16
N ARG C 457 -3.91 -1.58 33.60
CA ARG C 457 -4.09 -1.90 35.00
C ARG C 457 -3.13 -1.04 35.80
N LYS C 458 -3.38 -0.95 37.11
CA LYS C 458 -2.54 -0.07 37.93
C LYS C 458 -1.07 -0.48 37.85
N ASP C 459 -0.78 -1.75 37.95
CA ASP C 459 0.64 -2.07 37.99
C ASP C 459 1.31 -1.82 36.63
N GLN C 460 0.55 -1.89 35.55
CA GLN C 460 1.10 -1.58 34.23
C GLN C 460 1.35 -0.07 34.09
N ALA C 461 0.42 0.75 34.60
CA ALA C 461 0.64 2.20 34.58
C ALA C 461 1.88 2.55 35.39
N ASP C 462 1.99 1.95 36.58
CA ASP C 462 3.16 2.20 37.41
C ASP C 462 4.43 1.78 36.69
N TYR C 463 4.37 0.66 35.98
CA TYR C 463 5.57 0.12 35.34
C TYR C 463 6.13 1.07 34.29
N ILE C 464 5.26 1.79 33.57
CA ILE C 464 5.76 2.74 32.58
C ILE C 464 5.74 4.17 33.09
N GLY C 465 5.40 4.38 34.34
CA GLY C 465 5.48 5.69 34.93
C GLY C 465 4.41 6.66 34.49
N VAL C 466 3.20 6.19 34.20
CA VAL C 466 2.13 7.10 33.82
C VAL C 466 0.91 6.85 34.69
N LYS C 467 0.02 7.85 34.74
CA LYS C 467 -1.29 7.65 35.38
C LYS C 467 -2.18 6.81 34.45
N GLN C 468 -3.05 6.00 35.05
CA GLN C 468 -3.96 5.22 34.21
C GLN C 468 -4.83 6.09 33.30
N GLU C 469 -5.22 7.28 33.76
CA GLU C 469 -6.00 8.22 32.93
C GLU C 469 -5.14 9.13 32.05
N GLY C 470 -3.83 8.95 32.01
CA GLY C 470 -2.99 9.80 31.17
C GLY C 470 -2.62 11.06 31.93
N PRO C 471 -1.75 11.89 31.34
CA PRO C 471 -1.23 11.75 29.96
C PRO C 471 -0.26 10.61 29.82
N TYR C 472 -0.27 10.00 28.64
CA TYR C 472 0.47 8.75 28.45
C TYR C 472 1.88 8.93 27.91
N LYS C 473 2.26 10.13 27.48
CA LYS C 473 3.54 10.36 26.78
C LYS C 473 4.18 11.62 27.31
N SER C 474 5.50 11.67 27.19
CA SER C 474 6.21 12.82 27.64
C SER C 474 5.89 14.01 26.75
N ASP C 475 6.31 15.19 27.22
CA ASP C 475 6.04 16.45 26.52
CA ASP C 475 6.00 16.42 26.50
C ASP C 475 6.69 16.48 25.15
N HIS C 476 7.84 15.80 25.01
CA HIS C 476 8.58 15.83 23.75
C HIS C 476 8.23 14.64 22.84
N TYR C 477 7.27 13.80 23.20
CA TYR C 477 6.93 12.66 22.34
C TYR C 477 6.38 13.12 20.99
N ARG C 478 6.78 12.42 19.91
CA ARG C 478 6.51 12.93 18.57
C ARG C 478 5.42 12.16 17.85
N TYR C 479 4.94 11.05 18.42
CA TYR C 479 3.88 10.25 17.82
C TYR C 479 4.27 9.84 16.39
N LYS D 10 45.65 -12.42 17.70
CA LYS D 10 47.01 -12.63 18.23
C LYS D 10 46.97 -13.77 19.23
N PRO D 11 48.09 -14.49 19.36
CA PRO D 11 48.11 -15.61 20.33
C PRO D 11 47.99 -15.16 21.77
N GLY D 12 48.56 -14.00 22.11
CA GLY D 12 48.53 -13.59 23.51
C GLY D 12 47.17 -13.15 24.02
N PHE D 13 46.20 -12.94 23.11
CA PHE D 13 44.93 -12.32 23.48
C PHE D 13 43.87 -13.38 23.80
N THR D 14 43.42 -13.40 25.06
CA THR D 14 42.41 -14.36 25.50
C THR D 14 41.27 -13.67 26.21
N ASP D 15 41.23 -12.34 26.21
CA ASP D 15 40.28 -11.60 27.04
C ASP D 15 38.94 -11.44 26.32
N TYR D 16 38.31 -12.58 26.04
CA TYR D 16 37.01 -12.56 25.39
C TYR D 16 36.30 -13.87 25.68
N ILE D 17 34.99 -13.89 25.40
CA ILE D 17 34.18 -15.09 25.42
C ILE D 17 33.25 -14.98 24.23
N VAL D 18 33.43 -15.85 23.24
CA VAL D 18 32.54 -15.93 22.09
C VAL D 18 32.20 -17.40 21.84
N LYS D 19 31.23 -17.65 20.98
CA LYS D 19 30.85 -19.02 20.69
C LYS D 19 31.97 -19.76 19.98
N ASP D 20 32.56 -19.16 18.95
CA ASP D 20 33.54 -19.87 18.12
C ASP D 20 34.40 -18.84 17.39
N ILE D 21 35.66 -18.70 17.81
CA ILE D 21 36.52 -17.71 17.20
C ILE D 21 36.75 -17.99 15.72
N ALA D 22 36.54 -19.22 15.28
CA ALA D 22 36.74 -19.54 13.86
C ALA D 22 35.71 -18.87 12.96
N LEU D 23 34.63 -18.32 13.53
CA LEU D 23 33.65 -17.60 12.71
C LEU D 23 34.12 -16.20 12.30
N ALA D 24 35.34 -15.81 12.70
CA ALA D 24 35.78 -14.43 12.51
C ALA D 24 35.90 -14.07 11.03
N ASP D 25 36.35 -15.00 10.18
CA ASP D 25 36.50 -14.62 8.76
C ASP D 25 35.16 -14.33 8.11
N PHE D 26 34.14 -15.15 8.40
CA PHE D 26 32.77 -14.90 7.93
C PHE D 26 32.27 -13.59 8.51
N GLY D 27 32.48 -13.39 9.81
CA GLY D 27 32.13 -12.11 10.42
C GLY D 27 32.75 -10.93 9.68
N ARG D 28 34.04 -11.01 9.37
CA ARG D 28 34.69 -9.90 8.68
C ARG D 28 34.08 -9.65 7.29
N LYS D 29 33.74 -10.71 6.55
CA LYS D 29 33.12 -10.49 5.22
C LYS D 29 31.80 -9.75 5.36
N GLU D 30 30.99 -10.10 6.36
CA GLU D 30 29.73 -9.40 6.47
C GLU D 30 29.90 -8.00 7.07
N ILE D 31 30.90 -7.81 7.93
CA ILE D 31 31.21 -6.46 8.37
C ILE D 31 31.58 -5.59 7.17
N SER D 32 32.44 -6.09 6.26
CA SER D 32 32.79 -5.32 5.08
C SER D 32 31.55 -4.94 4.27
N LEU D 33 30.62 -5.88 4.11
CA LEU D 33 29.42 -5.59 3.36
C LEU D 33 28.58 -4.55 4.07
N ALA D 34 28.52 -4.64 5.42
CA ALA D 34 27.73 -3.70 6.18
C ALA D 34 28.32 -2.32 6.10
N GLU D 35 29.66 -2.20 6.05
CA GLU D 35 30.28 -0.88 5.93
C GLU D 35 29.71 -0.11 4.74
N THR D 36 29.57 -0.77 3.57
CA THR D 36 29.02 -0.08 2.41
C THR D 36 27.61 0.42 2.71
N GLU D 37 26.88 -0.31 3.56
CA GLU D 37 25.52 0.04 3.87
C GLU D 37 25.39 0.98 5.05
N MET D 38 26.50 1.41 5.64
CA MET D 38 26.46 2.28 6.82
C MET D 38 27.24 3.58 6.56
N PRO D 39 26.79 4.40 5.61
CA PRO D 39 27.59 5.57 5.23
C PRO D 39 27.75 6.57 6.35
N GLY D 40 26.77 6.71 7.23
CA GLY D 40 26.92 7.65 8.32
C GLY D 40 28.07 7.30 9.25
N LEU D 41 28.16 6.02 9.66
CA LEU D 41 29.23 5.60 10.52
C LEU D 41 30.55 5.78 9.81
N MET D 42 30.60 5.42 8.53
CA MET D 42 31.88 5.47 7.83
C MET D 42 32.32 6.90 7.60
N ALA D 43 31.37 7.79 7.35
CA ALA D 43 31.71 9.20 7.22
C ALA D 43 32.17 9.79 8.56
N THR D 44 31.57 9.32 9.66
CA THR D 44 31.97 9.79 10.97
C THR D 44 33.42 9.39 11.26
N ARG D 45 33.82 8.19 10.84
CA ARG D 45 35.25 7.82 10.94
C ARG D 45 36.12 8.78 10.19
N GLU D 46 35.84 8.98 8.92
CA GLU D 46 36.70 9.82 8.11
C GLU D 46 36.77 11.23 8.68
N GLU D 47 35.66 11.75 9.21
CA GLU D 47 35.68 13.11 9.73
C GLU D 47 36.48 13.19 11.03
N TYR D 48 36.16 12.34 12.00
CA TYR D 48 36.75 12.50 13.32
C TYR D 48 38.02 11.70 13.53
N GLY D 49 38.38 10.78 12.63
CA GLY D 49 39.54 9.95 12.83
C GLY D 49 40.81 10.74 13.05
N PRO D 50 41.08 11.75 12.21
CA PRO D 50 42.30 12.55 12.42
C PRO D 50 42.32 13.24 13.75
N LYS D 51 41.17 13.68 14.22
CA LYS D 51 41.09 14.41 15.47
C LYS D 51 41.14 13.52 16.73
N GLN D 52 40.88 12.21 16.61
CA GLN D 52 40.93 11.30 17.74
C GLN D 52 40.16 11.78 18.98
N PRO D 53 38.89 12.16 18.83
CA PRO D 53 38.17 12.74 19.97
C PRO D 53 37.95 11.77 21.10
N LEU D 54 38.01 10.46 20.84
CA LEU D 54 37.78 9.49 21.89
C LEU D 54 39.09 8.91 22.42
N LYS D 55 40.26 9.48 22.07
CA LYS D 55 41.47 9.01 22.72
C LYS D 55 41.38 9.28 24.22
N GLY D 56 41.65 8.25 25.00
CA GLY D 56 41.49 8.33 26.45
C GLY D 56 40.16 7.82 26.94
N ALA D 57 39.20 7.64 26.03
CA ALA D 57 37.90 7.07 26.42
C ALA D 57 38.06 5.58 26.66
N ARG D 58 37.38 5.09 27.71
CA ARG D 58 37.35 3.68 28.08
C ARG D 58 35.87 3.32 28.10
N ILE D 59 35.36 2.83 26.97
CA ILE D 59 33.93 2.70 26.75
C ILE D 59 33.47 1.27 27.08
N ALA D 60 32.58 1.15 28.07
CA ALA D 60 31.87 -0.10 28.36
C ALA D 60 30.56 -0.09 27.57
N GLY D 61 30.44 -1.00 26.62
CA GLY D 61 29.27 -1.05 25.73
C GLY D 61 28.44 -2.29 26.04
N SER D 62 27.12 -2.07 26.15
CA SER D 62 26.17 -3.16 26.39
C SER D 62 25.09 -2.98 25.31
N LEU D 63 25.23 -3.73 24.22
CA LEU D 63 24.41 -3.51 23.02
C LEU D 63 24.54 -4.77 22.17
N HIS D 64 23.39 -5.31 21.74
CA HIS D 64 23.28 -6.48 20.85
C HIS D 64 24.52 -6.64 19.98
N MET D 65 25.26 -7.74 20.17
CA MET D 65 26.54 -7.91 19.46
C MET D 65 26.28 -8.48 18.06
N THR D 66 25.79 -7.60 17.19
CA THR D 66 25.45 -7.92 15.81
C THR D 66 26.56 -7.39 14.86
N ILE D 67 26.40 -7.70 13.57
CA ILE D 67 27.32 -7.16 12.56
C ILE D 67 27.29 -5.64 12.58
N GLN D 68 26.08 -5.08 12.81
CA GLN D 68 25.94 -3.62 12.84
C GLN D 68 26.67 -3.03 14.01
N THR D 69 26.53 -3.68 15.18
CA THR D 69 27.29 -3.22 16.33
C THR D 69 28.79 -3.35 16.13
N ALA D 70 29.24 -4.34 15.36
CA ALA D 70 30.67 -4.42 15.11
C ALA D 70 31.19 -3.19 14.35
N VAL D 71 30.39 -2.66 13.39
CA VAL D 71 30.82 -1.44 12.67
C VAL D 71 30.87 -0.25 13.63
N LEU D 72 29.93 -0.20 14.60
CA LEU D 72 29.95 0.83 15.64
C LEU D 72 31.21 0.69 16.50
N ILE D 73 31.50 -0.53 16.95
CA ILE D 73 32.67 -0.74 17.79
C ILE D 73 33.93 -0.30 17.06
N GLU D 74 34.09 -0.72 15.82
CA GLU D 74 35.31 -0.35 15.10
C GLU D 74 35.37 1.15 14.79
N THR D 75 34.21 1.82 14.70
CA THR D 75 34.18 3.29 14.58
C THR D 75 34.71 3.94 15.85
N LEU D 76 34.19 3.50 17.00
CA LEU D 76 34.68 4.04 18.26
C LEU D 76 36.17 3.84 18.42
N ALA D 77 36.64 2.65 18.09
CA ALA D 77 38.09 2.40 18.18
C ALA D 77 38.90 3.30 17.22
N ALA D 78 38.38 3.53 16.01
CA ALA D 78 39.04 4.37 14.99
C ALA D 78 39.11 5.83 15.42
N LEU D 79 38.23 6.24 16.33
CA LEU D 79 38.25 7.56 16.93
C LEU D 79 39.08 7.63 18.22
N GLY D 80 39.70 6.51 18.65
CA GLY D 80 40.67 6.50 19.74
C GLY D 80 40.24 5.72 20.98
N ALA D 81 38.99 5.22 21.03
CA ALA D 81 38.45 4.57 22.22
C ALA D 81 39.08 3.23 22.49
N ASP D 82 39.33 3.00 23.78
CA ASP D 82 39.54 1.70 24.39
C ASP D 82 38.15 1.15 24.77
N ILE D 83 37.93 -0.15 24.56
CA ILE D 83 36.57 -0.68 24.56
C ILE D 83 36.53 -2.05 25.20
N ARG D 84 35.43 -2.32 25.94
CA ARG D 84 34.99 -3.65 26.36
C ARG D 84 33.53 -3.76 26.04
N TRP D 85 33.06 -4.95 25.59
CA TRP D 85 31.71 -5.03 25.06
C TRP D 85 30.98 -6.30 25.46
N VAL D 86 29.66 -6.18 25.65
CA VAL D 86 28.76 -7.33 25.83
C VAL D 86 27.49 -7.08 25.04
N SER D 87 26.73 -8.15 24.84
CA SER D 87 25.39 -7.97 24.28
C SER D 87 24.40 -7.56 25.37
N CYS D 88 23.28 -6.91 24.95
CA CYS D 88 22.23 -6.57 25.92
C CYS D 88 21.02 -7.51 25.85
N ASN D 89 21.17 -8.67 25.23
CA ASN D 89 20.14 -9.69 25.20
C ASN D 89 20.80 -11.05 24.99
N ILE D 90 20.20 -12.07 25.61
CA ILE D 90 20.85 -13.39 25.56
C ILE D 90 20.71 -14.08 24.20
N TYR D 91 19.80 -13.64 23.31
CA TYR D 91 19.65 -14.30 22.02
C TYR D 91 20.01 -13.40 20.85
N SER D 92 20.51 -12.18 21.10
CA SER D 92 20.65 -11.26 19.95
C SER D 92 22.04 -11.26 19.31
N THR D 93 23.01 -11.82 19.99
CA THR D 93 24.35 -11.87 19.41
C THR D 93 24.35 -12.59 18.07
N GLN D 94 25.17 -12.06 17.14
CA GLN D 94 25.49 -12.76 15.90
C GLN D 94 26.91 -13.27 16.10
N ASP D 95 27.04 -14.59 16.19
CA ASP D 95 28.30 -15.15 16.68
C ASP D 95 29.49 -14.80 15.76
N HIS D 96 29.25 -14.63 14.46
CA HIS D 96 30.33 -14.28 13.58
C HIS D 96 30.79 -12.85 13.80
N ALA D 97 29.86 -11.92 14.12
CA ALA D 97 30.23 -10.56 14.50
C ALA D 97 31.05 -10.55 15.79
N ALA D 98 30.61 -11.31 16.80
CA ALA D 98 31.36 -11.34 18.05
C ALA D 98 32.77 -11.88 17.82
N ALA D 99 32.87 -12.97 17.03
CA ALA D 99 34.18 -13.53 16.74
C ALA D 99 35.08 -12.53 16.04
N ALA D 100 34.55 -11.76 15.09
CA ALA D 100 35.38 -10.80 14.40
C ALA D 100 35.89 -9.72 15.36
N ILE D 101 35.05 -9.26 16.30
CA ILE D 101 35.50 -8.26 17.26
C ILE D 101 36.58 -8.86 18.19
N ALA D 102 36.40 -10.11 18.65
CA ALA D 102 37.42 -10.73 19.48
C ALA D 102 38.72 -10.89 18.71
N ALA D 103 38.63 -11.19 17.42
CA ALA D 103 39.82 -11.38 16.61
C ALA D 103 40.53 -10.08 16.31
N ALA D 104 39.83 -8.95 16.42
CA ALA D 104 40.43 -7.63 16.36
C ALA D 104 41.08 -7.23 17.69
N GLY D 105 41.07 -8.10 18.69
CA GLY D 105 41.72 -7.80 19.96
C GLY D 105 40.93 -6.90 20.89
N ILE D 106 39.62 -6.84 20.70
CA ILE D 106 38.72 -6.07 21.56
C ILE D 106 38.01 -7.02 22.51
N PRO D 107 38.05 -6.80 23.83
CA PRO D 107 37.35 -7.72 24.74
C PRO D 107 35.84 -7.66 24.52
N VAL D 108 35.24 -8.81 24.24
CA VAL D 108 33.81 -8.94 24.00
C VAL D 108 33.35 -10.24 24.65
N PHE D 109 32.17 -10.21 25.30
CA PHE D 109 31.70 -11.38 26.04
C PHE D 109 30.25 -11.50 25.62
N ALA D 110 30.03 -12.34 24.62
CA ALA D 110 28.73 -12.33 23.94
C ALA D 110 28.58 -13.58 23.10
N VAL D 111 27.57 -14.38 23.45
CA VAL D 111 27.27 -15.65 22.79
C VAL D 111 25.76 -15.70 22.53
N LYS D 112 25.36 -16.09 21.31
CA LYS D 112 23.93 -16.25 21.06
C LYS D 112 23.44 -17.46 21.85
N GLY D 113 22.48 -17.26 22.75
CA GLY D 113 22.00 -18.35 23.57
C GLY D 113 22.71 -18.50 24.90
N GLU D 114 23.50 -17.51 25.32
CA GLU D 114 24.06 -17.56 26.68
C GLU D 114 22.94 -17.63 27.72
N THR D 115 23.27 -18.13 28.91
CA THR D 115 22.28 -18.15 29.98
C THR D 115 22.13 -16.76 30.63
N LEU D 116 21.05 -16.60 31.41
CA LEU D 116 20.86 -15.36 32.17
C LEU D 116 22.00 -15.13 33.15
N THR D 117 22.46 -16.21 33.80
CA THR D 117 23.59 -16.09 34.72
C THR D 117 24.85 -15.61 33.99
N GLU D 118 25.17 -16.24 32.85
CA GLU D 118 26.28 -15.77 32.02
C GLU D 118 26.09 -14.31 31.62
N TYR D 119 24.89 -13.97 31.13
CA TYR D 119 24.59 -12.61 30.70
C TYR D 119 25.05 -11.61 31.74
N TRP D 120 24.66 -11.81 32.99
CA TRP D 120 24.93 -10.82 34.02
C TRP D 120 26.38 -10.87 34.47
N ASP D 121 27.00 -12.04 34.52
CA ASP D 121 28.44 -12.10 34.79
C ASP D 121 29.25 -11.39 33.69
N TYR D 122 28.80 -11.48 32.45
CA TYR D 122 29.50 -10.76 31.38
C TYR D 122 29.34 -9.25 31.53
N THR D 123 28.12 -8.77 31.83
CA THR D 123 27.93 -7.33 32.09
C THR D 123 28.91 -6.84 33.16
N ALA D 124 29.09 -7.60 34.25
CA ALA D 124 30.04 -7.18 35.26
C ALA D 124 31.49 -7.12 34.73
N LYS D 125 31.85 -7.97 33.77
CA LYS D 125 33.22 -7.91 33.25
C LYS D 125 33.51 -6.60 32.51
N LEU D 126 32.49 -5.88 32.07
CA LEU D 126 32.74 -4.56 31.47
C LEU D 126 33.53 -3.67 32.39
N PHE D 127 33.29 -3.81 33.71
CA PHE D 127 33.80 -2.85 34.65
C PHE D 127 35.16 -3.20 35.21
N ASP D 128 35.68 -4.39 34.87
CA ASP D 128 37.03 -4.83 35.26
C ASP D 128 37.97 -4.47 34.13
N TRP D 129 38.41 -3.21 34.10
CA TRP D 129 39.09 -2.75 32.90
C TRP D 129 40.45 -3.44 32.78
N HIS D 130 40.84 -3.74 31.54
CA HIS D 130 42.13 -4.42 31.33
C HIS D 130 43.28 -3.49 31.71
N GLY D 131 44.22 -4.01 32.49
CA GLY D 131 45.28 -3.15 33.00
C GLY D 131 44.92 -2.42 34.28
N GLY D 132 43.72 -2.64 34.83
CA GLY D 132 43.29 -2.04 36.08
C GLY D 132 42.34 -0.87 35.84
N GLY D 133 41.57 -0.56 36.88
CA GLY D 133 40.68 0.58 36.83
C GLY D 133 39.33 0.21 36.27
N THR D 134 38.58 1.24 35.90
CA THR D 134 37.21 1.10 35.47
C THR D 134 37.03 1.76 34.10
N PRO D 135 35.87 1.58 33.45
CA PRO D 135 35.53 2.41 32.29
C PRO D 135 35.43 3.88 32.68
N ASN D 136 35.37 4.75 31.66
CA ASN D 136 34.97 6.13 31.98
C ASN D 136 33.83 6.58 31.09
N MET D 137 33.19 5.66 30.36
CA MET D 137 32.03 5.94 29.52
C MET D 137 31.20 4.66 29.44
N ILE D 138 29.88 4.82 29.35
CA ILE D 138 28.98 3.70 29.11
C ILE D 138 28.18 3.99 27.85
N LEU D 139 28.03 2.99 26.98
CA LEU D 139 27.20 3.05 25.80
C LEU D 139 26.20 1.92 25.98
N ASP D 140 24.93 2.24 26.24
CA ASP D 140 23.97 1.28 26.78
C ASP D 140 22.76 1.17 25.86
N ASP D 141 22.17 -0.03 25.80
CA ASP D 141 20.92 -0.30 25.09
C ASP D 141 20.04 -1.11 26.04
N GLY D 142 19.09 -0.44 26.66
CA GLY D 142 18.18 -1.09 27.61
C GLY D 142 18.51 -0.78 29.07
N GLY D 143 19.65 -0.16 29.32
CA GLY D 143 19.94 0.31 30.66
C GLY D 143 20.52 -0.72 31.60
N ASP D 144 20.87 -1.92 31.14
CA ASP D 144 21.36 -2.93 32.10
C ASP D 144 22.72 -2.58 32.69
N ALA D 145 23.67 -2.10 31.88
CA ALA D 145 24.97 -1.73 32.47
C ALA D 145 24.80 -0.56 33.42
N THR D 146 23.98 0.42 33.02
CA THR D 146 23.68 1.57 33.88
C THR D 146 23.04 1.10 35.15
N MET D 147 22.12 0.13 35.07
CA MET D 147 21.41 -0.34 36.26
C MET D 147 22.36 -1.05 37.22
N LEU D 148 23.33 -1.81 36.69
CA LEU D 148 24.28 -2.48 37.58
C LEU D 148 25.06 -1.45 38.41
N VAL D 149 25.56 -0.38 37.77
CA VAL D 149 26.28 0.64 38.54
C VAL D 149 25.37 1.29 39.57
N HIS D 150 24.14 1.66 39.17
CA HIS D 150 23.28 2.38 40.13
C HIS D 150 22.78 1.47 41.25
N ALA D 151 22.40 0.23 40.93
CA ALA D 151 21.94 -0.67 41.99
C ALA D 151 23.06 -0.96 42.99
N GLY D 152 24.26 -1.22 42.46
CA GLY D 152 25.39 -1.46 43.35
C GLY D 152 25.70 -0.26 44.22
N TYR D 153 25.64 0.94 43.62
CA TYR D 153 25.89 2.15 44.40
C TYR D 153 24.89 2.28 45.53
N ARG D 154 23.59 2.10 45.21
CA ARG D 154 22.55 2.24 46.21
C ARG D 154 22.78 1.26 47.37
N ALA D 155 23.13 0.02 47.03
CA ALA D 155 23.33 -1.00 48.06
C ALA D 155 24.57 -0.67 48.87
N GLU D 156 25.63 -0.24 48.17
CA GLU D 156 26.91 0.06 48.82
C GLU D 156 26.80 1.23 49.80
N GLN D 157 25.88 2.17 49.51
CA GLN D 157 25.54 3.24 50.44
C GLN D 157 24.58 2.78 51.54
N GLY D 158 24.17 1.51 51.56
CA GLY D 158 23.57 0.91 52.73
C GLY D 158 22.13 0.48 52.55
N ASP D 159 21.56 0.74 51.37
CA ASP D 159 20.15 0.50 51.06
C ASP D 159 20.10 -0.84 50.32
N THR D 160 19.96 -1.93 51.09
CA THR D 160 20.04 -3.26 50.53
C THR D 160 18.69 -3.98 50.51
N ALA D 161 17.62 -3.34 50.99
CA ALA D 161 16.34 -4.04 51.12
C ALA D 161 15.87 -4.58 49.79
N PHE D 162 16.04 -3.78 48.72
CA PHE D 162 15.53 -4.18 47.42
C PHE D 162 16.19 -5.46 46.93
N LEU D 163 17.42 -5.73 47.36
CA LEU D 163 18.12 -6.92 46.87
C LEU D 163 17.50 -8.21 47.37
N ASP D 164 16.77 -8.15 48.46
CA ASP D 164 16.27 -9.37 49.04
C ASP D 164 14.90 -9.75 48.52
N LYS D 165 14.31 -8.92 47.67
CA LYS D 165 12.93 -9.08 47.22
C LYS D 165 12.91 -9.19 45.71
N PRO D 166 13.48 -10.26 45.14
CA PRO D 166 13.36 -10.46 43.69
C PRO D 166 11.98 -10.96 43.32
N GLY D 167 11.56 -10.60 42.10
CA GLY D 167 10.23 -10.96 41.64
C GLY D 167 10.23 -11.52 40.24
N SER D 168 11.40 -11.88 39.74
CA SER D 168 11.52 -12.67 38.52
C SER D 168 12.84 -13.44 38.58
N GLU D 169 12.97 -14.45 37.71
CA GLU D 169 14.23 -15.18 37.61
C GLU D 169 15.40 -14.26 37.29
N GLU D 170 15.24 -13.39 36.29
CA GLU D 170 16.34 -12.49 35.96
C GLU D 170 16.65 -11.55 37.13
N GLU D 171 15.62 -11.04 37.81
CA GLU D 171 15.87 -10.15 38.95
C GLU D 171 16.67 -10.86 40.02
N GLU D 172 16.33 -12.10 40.33
CA GLU D 172 17.07 -12.77 41.40
C GLU D 172 18.52 -13.00 40.99
N ILE D 173 18.76 -13.29 39.71
CA ILE D 173 20.12 -13.43 39.20
C ILE D 173 20.85 -12.11 39.28
N PHE D 174 20.18 -11.01 38.90
CA PHE D 174 20.80 -9.69 38.98
C PHE D 174 21.11 -9.31 40.42
N TYR D 175 20.17 -9.54 41.34
CA TYR D 175 20.40 -9.20 42.74
C TYR D 175 21.56 -10.04 43.30
N ALA D 176 21.64 -11.31 42.90
CA ALA D 176 22.73 -12.14 43.39
C ALA D 176 24.08 -11.67 42.82
N LEU D 177 24.08 -11.16 41.59
CA LEU D 177 25.31 -10.56 41.06
C LEU D 177 25.72 -9.36 41.88
N VAL D 178 24.78 -8.44 42.14
CA VAL D 178 25.13 -7.28 42.94
C VAL D 178 25.73 -7.71 44.29
N LYS D 179 25.08 -8.68 44.96
CA LYS D 179 25.63 -9.15 46.24
C LYS D 179 27.05 -9.72 46.05
N ARG D 180 27.26 -10.45 44.95
CA ARG D 180 28.56 -11.07 44.76
C ARG D 180 29.63 -10.00 44.59
N LEU D 181 29.32 -8.97 43.79
CA LEU D 181 30.32 -7.93 43.56
C LEU D 181 30.61 -7.14 44.83
N LEU D 182 29.58 -6.85 45.64
CA LEU D 182 29.81 -6.23 46.95
C LEU D 182 30.72 -7.10 47.79
N LYS D 183 30.54 -8.42 47.73
CA LYS D 183 31.35 -9.34 48.53
C LYS D 183 32.80 -9.37 48.04
N GLU D 184 32.99 -9.42 46.71
CA GLU D 184 34.29 -9.72 46.09
C GLU D 184 35.12 -8.48 45.74
N LYS D 185 34.50 -7.35 45.40
CA LYS D 185 35.26 -6.16 45.02
C LYS D 185 35.73 -5.33 46.22
N PRO D 186 36.73 -4.46 46.03
CA PRO D 186 37.12 -3.53 47.11
C PRO D 186 35.93 -2.70 47.57
N LYS D 187 35.87 -2.42 48.87
CA LYS D 187 34.81 -1.56 49.37
C LYS D 187 34.83 -0.20 48.69
N GLY D 188 33.67 0.27 48.31
CA GLY D 188 33.55 1.50 47.57
C GLY D 188 33.70 1.37 46.08
N TRP D 189 33.73 0.12 45.55
CA TRP D 189 33.92 -0.11 44.11
C TRP D 189 32.85 0.61 43.28
N PHE D 190 31.57 0.51 43.64
CA PHE D 190 30.56 1.15 42.83
C PHE D 190 30.67 2.66 42.86
N ALA D 191 31.07 3.22 44.01
CA ALA D 191 31.24 4.67 44.04
C ALA D 191 32.44 5.08 43.19
N GLU D 192 33.46 4.22 43.11
CA GLU D 192 34.59 4.55 42.26
C GLU D 192 34.19 4.47 40.79
N ILE D 193 33.36 3.48 40.42
CA ILE D 193 32.88 3.44 39.05
C ILE D 193 32.09 4.72 38.75
N ALA D 194 31.16 5.07 39.66
CA ALA D 194 30.27 6.20 39.39
C ALA D 194 31.07 7.49 39.23
N LYS D 195 32.12 7.65 40.02
CA LYS D 195 32.98 8.83 39.93
C LYS D 195 33.71 8.88 38.60
N ASN D 196 34.10 7.73 38.06
CA ASN D 196 34.87 7.75 36.82
C ASN D 196 34.03 7.82 35.55
N ILE D 197 32.77 7.39 35.56
CA ILE D 197 31.96 7.41 34.34
C ILE D 197 31.67 8.86 33.99
N LYS D 198 32.15 9.31 32.83
CA LYS D 198 31.88 10.67 32.40
C LYS D 198 30.49 10.84 31.83
N GLY D 199 29.89 9.78 31.34
CA GLY D 199 28.56 9.88 30.78
C GLY D 199 28.09 8.53 30.29
N VAL D 200 26.79 8.43 30.10
CA VAL D 200 26.18 7.27 29.43
C VAL D 200 25.36 7.76 28.25
N SER D 201 25.44 7.06 27.11
CA SER D 201 24.51 7.31 26.01
C SER D 201 23.62 6.08 25.87
N GLU D 202 22.28 6.29 25.82
CA GLU D 202 21.30 5.21 25.92
C GLU D 202 20.40 5.17 24.68
N GLU D 203 20.32 3.98 24.09
CA GLU D 203 19.79 3.72 22.75
C GLU D 203 18.28 3.57 22.70
N THR D 204 17.61 3.03 23.73
CA THR D 204 16.27 2.51 23.42
C THR D 204 15.26 3.02 24.44
N THR D 205 13.98 2.98 24.01
CA THR D 205 12.90 3.62 24.75
C THR D 205 12.86 3.13 26.21
N THR D 206 13.02 1.81 26.41
CA THR D 206 12.95 1.24 27.75
C THR D 206 14.12 1.73 28.61
N GLY D 207 15.33 1.76 28.03
CA GLY D 207 16.47 2.30 28.79
C GLY D 207 16.30 3.77 29.12
N VAL D 208 15.76 4.55 28.19
CA VAL D 208 15.60 5.98 28.44
C VAL D 208 14.55 6.22 29.50
N HIS D 209 13.49 5.41 29.53
CA HIS D 209 12.55 5.49 30.66
C HIS D 209 13.27 5.27 31.99
N ARG D 210 14.15 4.27 32.05
CA ARG D 210 14.91 4.03 33.29
C ARG D 210 15.74 5.26 33.65
N LEU D 211 16.33 5.92 32.64
CA LEU D 211 17.15 7.11 32.91
C LEU D 211 16.34 8.25 33.49
N TYR D 212 15.17 8.55 32.88
CA TYR D 212 14.39 9.67 33.38
C TYR D 212 13.84 9.38 34.77
N GLU D 213 13.53 8.12 35.09
CA GLU D 213 13.11 7.78 36.44
C GLU D 213 14.18 8.15 37.46
N MET D 214 15.43 7.82 37.15
CA MET D 214 16.53 8.14 38.05
C MET D 214 16.77 9.64 38.11
N ALA D 215 16.73 10.31 36.96
CA ALA D 215 17.00 11.75 36.98
C ALA D 215 15.93 12.46 37.77
N ASN D 216 14.69 11.95 37.71
CA ASN D 216 13.58 12.57 38.45
C ASN D 216 13.67 12.29 39.95
N LYS D 217 14.14 11.11 40.34
CA LYS D 217 14.42 10.83 41.75
C LYS D 217 15.67 11.54 42.26
N GLY D 218 16.47 12.16 41.38
CA GLY D 218 17.76 12.71 41.74
C GLY D 218 18.84 11.68 42.01
N THR D 219 18.67 10.44 41.53
CA THR D 219 19.61 9.36 41.81
C THR D 219 20.54 9.08 40.63
N LEU D 220 20.31 9.73 39.49
CA LEU D 220 21.22 9.55 38.36
C LEU D 220 22.63 10.00 38.72
N LEU D 221 23.61 9.14 38.46
CA LEU D 221 24.98 9.35 38.99
C LEU D 221 25.90 10.09 38.03
N PHE D 222 25.54 10.18 36.76
CA PHE D 222 26.41 10.85 35.79
C PHE D 222 25.54 11.37 34.65
N PRO D 223 26.08 12.28 33.84
CA PRO D 223 25.32 12.81 32.70
C PRO D 223 24.88 11.70 31.76
N ALA D 224 23.73 11.92 31.11
CA ALA D 224 23.20 10.93 30.18
C ALA D 224 22.70 11.62 28.92
N ILE D 225 22.96 11.01 27.76
CA ILE D 225 22.33 11.46 26.52
C ILE D 225 21.35 10.38 26.09
N ASN D 226 20.10 10.81 25.92
CA ASN D 226 18.99 10.02 25.39
C ASN D 226 19.10 10.00 23.87
N VAL D 227 19.64 8.91 23.33
CA VAL D 227 19.84 8.81 21.88
C VAL D 227 18.52 8.36 21.26
N ASN D 228 17.69 7.64 22.01
CA ASN D 228 16.44 7.16 21.42
C ASN D 228 15.66 8.31 20.83
N ASP D 229 15.63 9.46 21.51
CA ASP D 229 14.79 10.57 21.06
C ASP D 229 15.50 11.55 20.12
N SER D 230 16.65 11.18 19.54
CA SER D 230 17.02 11.82 18.30
C SER D 230 15.95 11.50 17.27
N VAL D 231 15.55 12.49 16.48
CA VAL D 231 14.57 12.18 15.41
C VAL D 231 15.10 11.07 14.53
N THR D 232 16.41 11.08 14.22
CA THR D 232 16.99 10.12 13.29
C THR D 232 17.29 8.77 13.96
N LYS D 233 16.80 8.58 15.18
CA LYS D 233 16.77 7.26 15.81
C LYS D 233 15.31 6.85 15.94
N SER D 234 14.54 7.50 16.82
CA SER D 234 13.16 7.08 17.07
C SER D 234 12.31 6.94 15.81
N LYS D 235 12.41 7.88 14.87
CA LYS D 235 11.49 7.85 13.71
C LYS D 235 12.09 7.08 12.56
N PHE D 236 13.19 6.39 12.78
CA PHE D 236 13.80 5.59 11.72
C PHE D 236 14.06 4.17 12.21
N ASP D 237 14.99 3.97 13.15
CA ASP D 237 15.22 2.65 13.75
C ASP D 237 13.93 2.04 14.30
N ASN D 238 13.26 2.72 15.24
CA ASN D 238 12.11 2.10 15.88
C ASN D 238 11.02 1.77 14.87
N LEU D 239 10.81 2.68 13.93
CA LEU D 239 9.75 2.55 12.93
C LEU D 239 10.15 1.67 11.75
N TYR D 240 11.05 2.15 10.88
CA TYR D 240 11.40 1.42 9.67
C TYR D 240 12.19 0.16 10.01
N GLY D 241 13.04 0.20 11.06
CA GLY D 241 13.77 -1.00 11.46
C GLY D 241 12.80 -2.16 11.74
N CYS D 242 11.81 -1.91 12.59
CA CYS D 242 10.85 -2.99 12.85
C CYS D 242 10.00 -3.32 11.64
N ARG D 243 9.71 -2.33 10.78
CA ARG D 243 8.94 -2.63 9.58
C ARG D 243 9.70 -3.66 8.74
N GLU D 244 11.04 -3.58 8.72
CA GLU D 244 11.85 -4.52 7.96
C GLU D 244 12.10 -5.81 8.74
N SER D 245 12.29 -5.75 10.05
CA SER D 245 12.85 -6.95 10.71
C SER D 245 11.84 -7.75 11.52
N LEU D 246 10.64 -7.24 11.78
CA LEU D 246 9.66 -8.07 12.52
C LEU D 246 9.21 -9.27 11.67
N VAL D 247 8.78 -9.00 10.44
CA VAL D 247 8.33 -10.10 9.59
C VAL D 247 9.52 -11.00 9.23
N ASP D 248 10.74 -10.44 9.10
CA ASP D 248 11.90 -11.32 8.89
C ASP D 248 12.02 -12.34 10.03
N GLY D 249 11.88 -11.90 11.29
CA GLY D 249 11.97 -12.84 12.39
C GLY D 249 10.86 -13.90 12.35
N ILE D 250 9.62 -13.48 12.07
CA ILE D 250 8.51 -14.43 12.01
C ILE D 250 8.68 -15.42 10.87
N ARG D 251 9.10 -14.92 9.70
CA ARG D 251 9.31 -15.85 8.61
C ARG D 251 10.40 -16.84 8.93
N ARG D 252 11.56 -16.39 9.43
CA ARG D 252 12.61 -17.36 9.67
C ARG D 252 12.21 -18.37 10.72
N GLY D 253 11.45 -17.91 11.74
CA GLY D 253 11.07 -18.82 12.81
C GLY D 253 10.04 -19.86 12.36
N THR D 254 9.12 -19.47 11.45
CA THR D 254 7.90 -20.27 11.22
C THR D 254 7.62 -20.61 9.77
N ASP D 255 8.13 -19.82 8.84
CA ASP D 255 7.90 -20.02 7.42
C ASP D 255 6.41 -20.11 7.10
N VAL D 256 5.58 -19.33 7.84
CA VAL D 256 4.13 -19.36 7.50
C VAL D 256 3.80 -18.35 6.40
N MET D 257 2.70 -18.65 5.70
CA MET D 257 2.12 -17.71 4.76
C MET D 257 1.41 -16.59 5.50
N LEU D 258 1.79 -15.37 5.21
CA LEU D 258 1.19 -14.27 5.95
C LEU D 258 -0.07 -13.77 5.28
N SER D 259 -0.13 -13.83 3.95
CA SER D 259 -1.35 -13.50 3.22
C SER D 259 -2.44 -14.48 3.60
N GLY D 260 -3.58 -13.96 4.06
CA GLY D 260 -4.67 -14.81 4.57
C GLY D 260 -4.71 -14.87 6.09
N LYS D 261 -3.67 -14.43 6.79
CA LYS D 261 -3.63 -14.49 8.24
CA LYS D 261 -3.65 -14.50 8.25
C LYS D 261 -4.06 -13.16 8.87
N VAL D 262 -4.54 -13.27 10.11
CA VAL D 262 -4.88 -12.13 10.95
C VAL D 262 -3.78 -11.97 11.98
N ALA D 263 -3.27 -10.75 12.15
CA ALA D 263 -2.22 -10.51 13.13
C ALA D 263 -2.73 -9.48 14.14
N MET D 264 -2.26 -9.61 15.37
CA MET D 264 -2.59 -8.68 16.46
C MET D 264 -1.29 -8.06 16.94
N VAL D 265 -1.20 -6.71 16.93
CA VAL D 265 -0.03 -5.97 17.46
C VAL D 265 -0.46 -5.20 18.67
N ALA D 266 0.18 -5.46 19.82
CA ALA D 266 -0.15 -4.69 21.02
C ALA D 266 0.79 -3.49 21.06
N GLY D 267 0.22 -2.30 20.96
CA GLY D 267 1.00 -1.07 21.02
C GLY D 267 1.08 -0.41 19.65
N PHE D 268 0.97 0.92 19.64
CA PHE D 268 1.04 1.64 18.36
C PHE D 268 1.87 2.89 18.54
N GLY D 269 2.93 2.75 19.33
CA GLY D 269 4.03 3.70 19.37
C GLY D 269 4.93 3.51 18.16
N ASP D 270 6.21 3.92 18.29
CA ASP D 270 7.05 3.83 17.08
C ASP D 270 7.27 2.39 16.65
N VAL D 271 7.51 1.50 17.62
CA VAL D 271 7.74 0.10 17.29
C VAL D 271 6.45 -0.55 16.83
N GLY D 272 5.33 -0.28 17.52
CA GLY D 272 4.05 -0.87 17.08
C GLY D 272 3.63 -0.40 15.69
N LYS D 273 3.86 0.88 15.38
CA LYS D 273 3.60 1.38 14.01
C LYS D 273 4.41 0.61 12.98
N GLY D 274 5.69 0.42 13.27
CA GLY D 274 6.53 -0.29 12.34
C GLY D 274 6.15 -1.75 12.24
N SER D 275 5.83 -2.35 13.40
CA SER D 275 5.41 -3.75 13.43
C SER D 275 4.11 -3.98 12.68
N ALA D 276 3.10 -3.15 12.94
CA ALA D 276 1.85 -3.29 12.21
C ALA D 276 2.06 -3.14 10.71
N ALA D 277 2.90 -2.19 10.29
CA ALA D 277 3.20 -2.06 8.86
C ALA D 277 3.96 -3.27 8.32
N SER D 278 4.89 -3.83 9.12
CA SER D 278 5.62 -5.00 8.67
C SER D 278 4.63 -6.08 8.27
N LEU D 279 3.67 -6.31 9.15
CA LEU D 279 2.74 -7.41 8.95
C LEU D 279 1.74 -7.11 7.85
N ARG D 280 1.21 -5.88 7.81
CA ARG D 280 0.26 -5.52 6.75
C ARG D 280 0.92 -5.58 5.37
N GLN D 281 2.17 -5.06 5.27
CA GLN D 281 2.82 -5.05 3.97
C GLN D 281 3.09 -6.45 3.51
N ALA D 282 3.31 -7.37 4.44
CA ALA D 282 3.58 -8.77 4.11
C ALA D 282 2.31 -9.55 3.84
N GLY D 283 1.14 -8.95 4.07
CA GLY D 283 -0.11 -9.55 3.62
C GLY D 283 -1.11 -9.85 4.71
N CYS D 284 -0.74 -9.65 5.96
CA CYS D 284 -1.69 -9.90 7.04
C CYS D 284 -2.74 -8.84 7.11
N ARG D 285 -3.89 -9.23 7.66
CA ARG D 285 -4.89 -8.28 8.11
CA ARG D 285 -4.89 -8.27 8.12
C ARG D 285 -4.59 -8.01 9.59
N VAL D 286 -4.28 -6.75 9.93
CA VAL D 286 -3.70 -6.43 11.23
C VAL D 286 -4.70 -5.71 12.12
N MET D 287 -4.77 -6.16 13.37
CA MET D 287 -5.53 -5.53 14.45
C MET D 287 -4.51 -5.00 15.44
N VAL D 288 -4.86 -3.94 16.17
CA VAL D 288 -3.94 -3.25 17.09
C VAL D 288 -4.65 -3.07 18.43
N SER D 289 -3.91 -3.18 19.56
CA SER D 289 -4.43 -2.62 20.82
C SER D 289 -3.63 -1.39 21.24
N GLU D 290 -4.28 -0.50 22.01
CA GLU D 290 -3.59 0.70 22.52
C GLU D 290 -4.28 1.16 23.79
N VAL D 291 -3.53 1.83 24.68
CA VAL D 291 -4.07 2.54 25.83
C VAL D 291 -4.07 4.04 25.63
N ASP D 292 -3.30 4.53 24.67
CA ASP D 292 -3.21 5.96 24.48
C ASP D 292 -4.21 6.33 23.39
N PRO D 293 -5.18 7.19 23.67
CA PRO D 293 -6.24 7.48 22.66
C PRO D 293 -5.72 8.13 21.42
N ILE D 294 -4.63 8.91 21.51
CA ILE D 294 -4.07 9.50 20.30
C ILE D 294 -3.49 8.41 19.41
N CYS D 295 -2.65 7.54 19.99
CA CYS D 295 -2.06 6.46 19.21
C CYS D 295 -3.16 5.53 18.69
N ALA D 296 -4.23 5.29 19.50
CA ALA D 296 -5.34 4.48 19.01
C ALA D 296 -6.01 5.13 17.80
N LEU D 297 -6.21 6.45 17.84
CA LEU D 297 -6.83 7.14 16.71
C LEU D 297 -5.94 7.11 15.49
N GLN D 298 -4.60 7.18 15.67
CA GLN D 298 -3.70 7.01 14.53
C GLN D 298 -3.91 5.65 13.91
N ALA D 299 -3.95 4.61 14.72
CA ALA D 299 -4.08 3.26 14.17
C ALA D 299 -5.39 3.11 13.39
N ALA D 300 -6.48 3.66 13.94
CA ALA D 300 -7.77 3.56 13.25
C ALA D 300 -7.74 4.33 11.95
N MET D 301 -7.05 5.49 11.94
CA MET D 301 -6.99 6.25 10.70
CA MET D 301 -6.93 6.29 10.71
C MET D 301 -6.07 5.61 9.66
N GLU D 302 -5.16 4.74 10.08
CA GLU D 302 -4.36 3.98 9.14
C GLU D 302 -5.05 2.69 8.71
N GLY D 303 -6.28 2.45 9.16
CA GLY D 303 -7.06 1.36 8.61
C GLY D 303 -7.02 0.10 9.45
N TYR D 304 -6.39 0.15 10.61
CA TYR D 304 -6.27 -1.01 11.49
C TYR D 304 -7.50 -1.05 12.41
N GLU D 305 -8.04 -2.25 12.60
CA GLU D 305 -9.10 -2.46 13.60
C GLU D 305 -8.46 -2.39 14.99
N VAL D 306 -8.98 -1.55 15.90
CA VAL D 306 -8.38 -1.38 17.24
C VAL D 306 -9.27 -2.08 18.24
N VAL D 307 -8.71 -3.14 18.86
CA VAL D 307 -9.45 -4.06 19.70
C VAL D 307 -8.66 -4.32 20.98
N THR D 308 -9.33 -4.94 21.96
CA THR D 308 -8.57 -5.40 23.12
C THR D 308 -7.95 -6.76 22.87
N MET D 309 -6.95 -7.06 23.71
CA MET D 309 -6.33 -8.38 23.61
C MET D 309 -7.32 -9.48 23.92
N GLU D 310 -8.32 -9.24 24.77
CA GLU D 310 -9.31 -10.30 24.99
C GLU D 310 -10.13 -10.58 23.74
N ASP D 311 -10.46 -9.52 22.97
CA ASP D 311 -11.18 -9.68 21.71
C ASP D 311 -10.28 -10.38 20.69
N ALA D 312 -8.98 -10.06 20.69
CA ALA D 312 -8.12 -10.61 19.65
C ALA D 312 -7.76 -12.08 19.94
N ALA D 313 -7.69 -12.46 21.21
CA ALA D 313 -7.07 -13.74 21.57
C ALA D 313 -7.65 -14.93 20.81
N PRO D 314 -8.96 -15.07 20.65
CA PRO D 314 -9.45 -16.20 19.86
C PRO D 314 -9.43 -15.97 18.36
N ARG D 315 -9.12 -14.75 17.88
CA ARG D 315 -9.28 -14.39 16.48
C ARG D 315 -7.96 -14.50 15.69
N ALA D 316 -6.85 -14.04 16.27
CA ALA D 316 -5.65 -13.81 15.48
C ALA D 316 -4.80 -15.07 15.34
N ASP D 317 -4.07 -15.14 14.20
CA ASP D 317 -3.12 -16.22 13.92
C ASP D 317 -1.73 -15.93 14.45
N ILE D 318 -1.39 -14.65 14.62
CA ILE D 318 -0.07 -14.18 15.02
C ILE D 318 -0.29 -13.07 16.02
N PHE D 319 0.50 -13.05 17.11
CA PHE D 319 0.45 -12.03 18.15
C PHE D 319 1.85 -11.46 18.33
N VAL D 320 1.95 -10.13 18.37
CA VAL D 320 3.23 -9.43 18.57
C VAL D 320 3.04 -8.39 19.65
N THR D 321 3.85 -8.46 20.71
CA THR D 321 3.78 -7.40 21.72
C THR D 321 4.82 -6.32 21.38
N ALA D 322 4.40 -5.06 21.42
CA ALA D 322 5.27 -3.95 21.03
C ALA D 322 5.12 -2.77 21.97
N THR D 323 4.98 -3.04 23.29
CA THR D 323 4.56 -1.97 24.19
C THR D 323 5.67 -1.40 25.04
N GLY D 324 6.70 -2.16 25.38
CA GLY D 324 7.57 -1.68 26.43
C GLY D 324 6.98 -1.82 27.83
N ASN D 325 5.82 -2.47 27.97
CA ASN D 325 5.12 -2.63 29.23
C ASN D 325 5.11 -4.10 29.60
N LYS D 326 4.42 -4.46 30.66
CA LYS D 326 4.44 -5.84 31.09
C LYS D 326 3.05 -6.44 31.05
N ASP D 327 2.99 -7.77 31.02
CA ASP D 327 1.71 -8.50 31.22
C ASP D 327 0.70 -8.15 30.14
N ILE D 328 1.18 -8.11 28.89
CA ILE D 328 0.35 -7.81 27.73
C ILE D 328 -0.37 -9.04 27.24
N ILE D 329 0.34 -10.19 27.17
CA ILE D 329 -0.27 -11.47 26.77
C ILE D 329 -0.14 -12.42 27.95
N THR D 330 -1.29 -12.77 28.55
CA THR D 330 -1.35 -13.55 29.77
C THR D 330 -1.67 -15.00 29.48
N ILE D 331 -1.55 -15.82 30.53
CA ILE D 331 -1.92 -17.21 30.39
C ILE D 331 -3.39 -17.33 29.93
N GLU D 332 -4.26 -16.42 30.39
CA GLU D 332 -5.66 -16.47 29.94
C GLU D 332 -5.79 -16.21 28.46
N HIS D 333 -5.06 -15.24 27.95
CA HIS D 333 -5.09 -15.02 26.50
C HIS D 333 -4.61 -16.26 25.76
N MET D 334 -3.46 -16.81 26.19
CA MET D 334 -2.89 -17.93 25.45
C MET D 334 -3.79 -19.13 25.49
N ARG D 335 -4.46 -19.35 26.64
CA ARG D 335 -5.43 -20.45 26.69
C ARG D 335 -6.55 -20.27 25.68
N ALA D 336 -6.91 -19.03 25.32
CA ALA D 336 -8.03 -18.78 24.43
C ALA D 336 -7.64 -18.79 22.95
N MET D 337 -6.34 -18.87 22.63
CA MET D 337 -5.87 -18.75 21.27
C MET D 337 -6.21 -20.00 20.45
N LYS D 338 -6.27 -19.83 19.14
CA LYS D 338 -6.41 -20.98 18.25
C LYS D 338 -5.15 -21.83 18.30
N ASP D 339 -5.34 -23.11 18.01
CA ASP D 339 -4.24 -24.04 18.01
C ASP D 339 -3.16 -23.60 17.02
N ARG D 340 -1.91 -23.65 17.49
CA ARG D 340 -0.71 -23.25 16.76
C ARG D 340 -0.71 -21.78 16.32
N ALA D 341 -1.45 -20.92 17.05
CA ALA D 341 -1.18 -19.49 16.99
C ALA D 341 0.29 -19.20 17.29
N ILE D 342 0.82 -18.15 16.66
CA ILE D 342 2.22 -17.74 16.84
C ILE D 342 2.25 -16.56 17.78
N VAL D 343 3.15 -16.58 18.80
CA VAL D 343 3.25 -15.49 19.76
C VAL D 343 4.69 -15.01 19.85
N CYS D 344 4.91 -13.69 19.83
CA CYS D 344 6.27 -13.20 19.92
C CYS D 344 6.24 -11.79 20.47
N ASN D 345 7.44 -11.28 20.73
CA ASN D 345 7.59 -9.97 21.37
C ASN D 345 8.68 -9.24 20.63
N ILE D 346 8.43 -7.96 20.33
CA ILE D 346 9.46 -7.10 19.77
C ILE D 346 9.79 -5.91 20.66
N GLY D 347 9.18 -5.79 21.86
CA GLY D 347 9.67 -4.80 22.83
C GLY D 347 10.98 -5.27 23.47
N HIS D 348 11.67 -4.36 24.12
CA HIS D 348 13.01 -4.71 24.64
C HIS D 348 13.08 -5.91 25.63
N PHE D 349 12.06 -6.12 26.49
CA PHE D 349 12.22 -7.12 27.56
C PHE D 349 11.12 -8.17 27.44
N ASP D 350 11.41 -9.40 27.96
N ASP D 350 11.39 -9.39 27.95
CA ASP D 350 10.56 -10.59 27.86
CA ASP D 350 10.45 -10.52 27.76
C ASP D 350 9.46 -10.68 28.89
C ASP D 350 9.14 -10.39 28.53
N ASN D 351 9.07 -9.62 29.56
CA ASN D 351 7.90 -9.73 30.44
C ASN D 351 6.64 -9.13 29.77
N GLU D 352 6.69 -8.77 28.47
CA GLU D 352 5.41 -8.45 27.80
C GLU D 352 4.50 -9.66 27.72
N ILE D 353 5.08 -10.87 27.57
CA ILE D 353 4.34 -12.12 27.52
C ILE D 353 4.63 -12.83 28.83
N GLN D 354 3.59 -13.42 29.45
CA GLN D 354 3.80 -14.11 30.73
C GLN D 354 4.45 -15.48 30.50
N ILE D 355 5.73 -15.45 30.08
CA ILE D 355 6.48 -16.68 29.79
C ILE D 355 6.61 -17.56 31.03
N ALA D 356 6.86 -16.95 32.18
CA ALA D 356 7.04 -17.76 33.39
C ALA D 356 5.81 -18.59 33.72
N SER D 357 4.62 -18.06 33.44
CA SER D 357 3.39 -18.83 33.65
C SER D 357 3.30 -20.07 32.81
N LEU D 358 4.16 -20.25 31.79
CA LEU D 358 4.13 -21.39 30.90
C LEU D 358 5.10 -22.47 31.31
N ARG D 359 5.88 -22.26 32.36
CA ARG D 359 7.05 -23.12 32.51
C ARG D 359 6.73 -24.51 33.05
N ASN D 360 5.51 -24.78 33.52
CA ASN D 360 5.13 -26.16 33.83
C ASN D 360 4.29 -26.80 32.75
N LEU D 361 4.16 -26.15 31.58
CA LEU D 361 3.53 -26.82 30.46
C LEU D 361 4.57 -27.63 29.70
N LYS D 362 4.12 -28.40 28.70
CA LYS D 362 5.09 -29.15 27.89
C LYS D 362 5.67 -28.28 26.78
N TRP D 363 6.98 -28.11 26.76
CA TRP D 363 7.67 -27.37 25.72
C TRP D 363 8.40 -28.34 24.80
N THR D 364 8.16 -28.21 23.49
CA THR D 364 8.88 -29.05 22.53
C THR D 364 9.68 -28.10 21.67
N ASN D 365 11.00 -28.22 21.72
CA ASN D 365 11.80 -27.34 20.88
C ASN D 365 11.69 -27.78 19.44
N ILE D 366 11.44 -26.82 18.56
CA ILE D 366 11.43 -27.08 17.12
C ILE D 366 12.79 -26.88 16.54
N LYS D 367 13.40 -25.73 16.83
CA LYS D 367 14.74 -25.35 16.38
C LYS D 367 15.15 -24.18 17.26
N PRO D 368 16.39 -23.69 17.15
CA PRO D 368 16.77 -22.59 18.04
C PRO D 368 15.75 -21.45 17.96
N GLN D 369 15.33 -20.98 19.14
CA GLN D 369 14.40 -19.85 19.28
C GLN D 369 13.00 -20.14 18.75
N VAL D 370 12.62 -21.42 18.61
CA VAL D 370 11.26 -21.75 18.23
C VAL D 370 10.78 -22.92 19.06
N ASP D 371 9.67 -22.73 19.78
CA ASP D 371 9.18 -23.78 20.66
C ASP D 371 7.68 -23.93 20.48
N GLU D 372 7.21 -25.17 20.59
CA GLU D 372 5.78 -25.45 20.65
C GLU D 372 5.42 -25.71 22.10
N ILE D 373 4.44 -24.98 22.61
CA ILE D 373 4.02 -25.12 24.01
C ILE D 373 2.65 -25.76 24.03
N GLU D 374 2.49 -26.82 24.82
CA GLU D 374 1.24 -27.58 24.80
C GLU D 374 0.54 -27.50 26.15
N PHE D 375 -0.77 -27.19 26.11
CA PHE D 375 -1.56 -27.08 27.34
C PHE D 375 -2.11 -28.44 27.74
N PRO D 376 -2.58 -28.57 28.98
CA PRO D 376 -3.07 -29.89 29.42
C PRO D 376 -4.14 -30.44 28.51
N ASP D 377 -5.01 -29.57 28.00
CA ASP D 377 -6.06 -29.88 27.02
C ASP D 377 -5.55 -30.11 25.58
N LYS D 378 -4.23 -30.16 25.30
CA LYS D 378 -3.60 -30.51 24.02
C LYS D 378 -3.56 -29.33 23.02
N HIS D 379 -4.12 -28.19 23.38
CA HIS D 379 -4.02 -26.95 22.61
C HIS D 379 -2.56 -26.46 22.60
N ARG D 380 -2.09 -25.95 21.46
CA ARG D 380 -0.68 -25.60 21.28
C ARG D 380 -0.53 -24.15 20.88
N ILE D 381 0.58 -23.55 21.33
CA ILE D 381 1.04 -22.31 20.72
C ILE D 381 2.50 -22.40 20.31
N ILE D 382 2.87 -21.60 19.30
CA ILE D 382 4.24 -21.53 18.82
C ILE D 382 4.83 -20.25 19.38
N MET D 383 5.90 -20.38 20.17
CA MET D 383 6.52 -19.25 20.86
C MET D 383 7.87 -18.98 20.22
N LEU D 384 8.14 -17.73 19.88
CA LEU D 384 9.41 -17.35 19.25
C LEU D 384 10.34 -16.75 20.31
N SER D 385 11.61 -17.19 20.31
CA SER D 385 12.70 -16.64 21.15
C SER D 385 12.36 -16.56 22.63
N GLU D 386 11.56 -17.52 23.09
CA GLU D 386 11.08 -17.57 24.47
C GLU D 386 10.57 -16.21 24.95
N GLY D 387 9.89 -15.49 24.06
CA GLY D 387 9.36 -14.18 24.39
C GLY D 387 10.34 -13.03 24.38
N ARG D 388 11.60 -13.26 23.99
CA ARG D 388 12.65 -12.24 23.85
CA ARG D 388 12.55 -12.16 23.89
C ARG D 388 12.55 -11.60 22.48
N LEU D 389 13.18 -10.42 22.31
CA LEU D 389 13.13 -9.69 21.02
C LEU D 389 13.19 -10.60 19.78
N VAL D 390 12.10 -10.64 18.99
CA VAL D 390 12.00 -11.67 17.96
C VAL D 390 12.85 -11.31 16.74
N ASN D 391 12.96 -10.02 16.40
CA ASN D 391 13.73 -9.64 15.21
C ASN D 391 15.20 -10.00 15.39
N LEU D 392 15.76 -9.79 16.60
CA LEU D 392 17.16 -10.12 16.88
C LEU D 392 17.34 -11.60 17.21
N GLY D 393 16.29 -12.23 17.74
CA GLY D 393 16.42 -13.60 18.23
C GLY D 393 16.24 -14.58 17.10
N ASN D 394 15.21 -14.37 16.28
CA ASN D 394 14.93 -15.30 15.20
C ASN D 394 15.51 -14.87 13.87
N ALA D 395 16.00 -13.63 13.74
CA ALA D 395 16.59 -13.21 12.47
C ALA D 395 17.84 -12.43 12.80
N MET D 396 18.11 -11.29 12.12
CA MET D 396 19.39 -10.60 12.20
C MET D 396 19.20 -9.17 12.67
N GLY D 397 18.07 -8.94 13.36
CA GLY D 397 17.77 -7.57 13.79
C GLY D 397 17.53 -6.62 12.62
N HIS D 398 17.54 -5.32 12.94
CA HIS D 398 17.36 -4.34 11.86
C HIS D 398 18.50 -4.45 10.87
N PRO D 399 18.24 -4.10 9.63
CA PRO D 399 19.32 -4.06 8.61
C PRO D 399 20.31 -2.92 8.85
N SER D 400 21.49 -3.05 8.25
CA SER D 400 22.59 -2.13 8.53
C SER D 400 22.23 -0.67 8.28
N PHE D 401 21.59 -0.35 7.17
CA PHE D 401 21.44 1.06 6.82
C PHE D 401 20.72 1.82 7.91
N VAL D 402 19.67 1.24 8.47
CA VAL D 402 18.97 2.05 9.48
C VAL D 402 19.77 2.04 10.76
N MET D 403 20.52 0.97 11.06
CA MET D 403 21.39 1.04 12.24
C MET D 403 22.49 2.07 12.13
N SER D 404 22.87 2.45 10.91
CA SER D 404 23.89 3.47 10.76
C SER D 404 23.41 4.79 11.29
N ALA D 405 22.10 5.07 11.13
CA ALA D 405 21.56 6.30 11.68
C ALA D 405 21.59 6.25 13.19
N SER D 406 21.12 5.14 13.76
CA SER D 406 21.17 5.01 15.22
C SER D 406 22.59 5.09 15.76
N PHE D 407 23.53 4.43 15.09
CA PHE D 407 24.84 4.36 15.68
C PHE D 407 25.68 5.59 15.36
N THR D 408 25.34 6.33 14.31
CA THR D 408 25.99 7.64 14.14
C THR D 408 25.58 8.57 15.29
N ASN D 409 24.29 8.59 15.65
CA ASN D 409 23.86 9.29 16.87
C ASN D 409 24.64 8.83 18.09
N GLN D 410 24.81 7.52 18.29
CA GLN D 410 25.54 7.05 19.46
C GLN D 410 26.96 7.59 19.47
N THR D 411 27.61 7.59 18.28
CA THR D 411 29.00 8.03 18.23
C THR D 411 29.07 9.50 18.56
N LEU D 412 28.13 10.26 18.02
CA LEU D 412 28.13 11.69 18.32
C LEU D 412 27.87 11.95 19.79
N ALA D 413 27.04 11.11 20.42
CA ALA D 413 26.73 11.31 21.84
C ALA D 413 27.92 10.97 22.72
N GLN D 414 28.68 9.90 22.38
CA GLN D 414 29.94 9.59 23.07
C GLN D 414 30.94 10.74 22.93
N ILE D 415 31.02 11.34 21.74
CA ILE D 415 31.93 12.49 21.58
C ILE D 415 31.46 13.67 22.45
N GLU D 416 30.16 13.93 22.46
CA GLU D 416 29.65 15.03 23.32
C GLU D 416 30.05 14.83 24.78
N LEU D 417 29.73 13.67 25.36
CA LEU D 417 29.94 13.44 26.79
C LEU D 417 31.42 13.30 27.14
N PHE D 418 32.18 12.67 26.26
CA PHE D 418 33.57 12.45 26.61
C PHE D 418 34.44 13.65 26.27
N ALA D 419 34.19 14.30 25.13
CA ALA D 419 35.11 15.35 24.65
C ALA D 419 34.57 16.76 24.74
N ASN D 420 33.25 16.95 24.82
CA ASN D 420 32.66 18.29 24.76
CA ASN D 420 32.69 18.30 24.77
C ASN D 420 31.95 18.66 26.06
N ASN D 421 32.48 18.21 27.19
CA ASN D 421 31.89 18.57 28.48
C ASN D 421 32.92 19.25 29.37
N LYS D 422 33.89 19.94 28.76
CA LYS D 422 34.94 20.57 29.55
C LYS D 422 34.37 21.70 30.40
N ASP D 423 33.28 22.31 29.94
CA ASP D 423 32.60 23.38 30.64
C ASP D 423 31.44 22.87 31.50
N SER D 424 31.30 21.55 31.64
CA SER D 424 30.22 20.97 32.43
C SER D 424 28.84 21.40 31.93
N LYS D 425 28.68 21.50 30.60
CA LYS D 425 27.36 21.77 30.01
C LYS D 425 26.40 20.61 30.22
N TYR D 426 26.92 19.42 30.52
CA TYR D 426 26.08 18.26 30.78
C TYR D 426 26.22 17.97 32.26
N ALA D 427 25.14 18.19 33.00
CA ALA D 427 25.10 17.90 34.43
C ALA D 427 24.59 16.47 34.63
N LYS D 428 24.26 16.08 35.86
CA LYS D 428 23.71 14.73 36.07
C LYS D 428 22.22 14.73 35.75
N LYS D 429 21.91 14.88 34.47
CA LYS D 429 20.55 14.73 34.02
C LYS D 429 20.60 14.24 32.58
N VAL D 430 19.43 14.18 31.94
CA VAL D 430 19.26 13.54 30.64
C VAL D 430 19.13 14.62 29.58
N TYR D 431 19.94 14.50 28.51
CA TYR D 431 19.99 15.46 27.42
C TYR D 431 19.69 14.77 26.10
N VAL D 432 19.28 15.53 25.09
CA VAL D 432 19.20 14.99 23.75
C VAL D 432 20.23 15.75 22.91
N LEU D 433 20.61 15.17 21.79
CA LEU D 433 21.52 15.86 20.87
C LEU D 433 20.82 17.07 20.23
N PRO D 434 21.56 18.15 19.96
CA PRO D 434 20.96 19.30 19.28
C PRO D 434 20.43 18.96 17.91
N LYS D 435 19.44 19.74 17.45
CA LYS D 435 18.81 19.41 16.18
C LYS D 435 19.80 19.51 15.02
N THR D 436 20.79 20.40 15.08
CA THR D 436 21.74 20.44 13.97
C THR D 436 22.49 19.12 13.83
N LEU D 437 22.79 18.44 14.96
CA LEU D 437 23.45 17.13 14.85
C LEU D 437 22.47 16.07 14.34
N ASP D 438 21.24 16.11 14.80
CA ASP D 438 20.20 15.21 14.30
C ASP D 438 20.08 15.35 12.78
N GLU D 439 20.05 16.60 12.32
CA GLU D 439 20.01 16.85 10.87
C GLU D 439 21.25 16.34 10.17
N LYS D 440 22.45 16.55 10.77
CA LYS D 440 23.67 16.05 10.15
C LYS D 440 23.60 14.55 9.98
N VAL D 441 23.10 13.82 10.98
CA VAL D 441 22.98 12.37 10.81
C VAL D 441 22.17 12.06 9.55
N ALA D 442 21.03 12.76 9.36
CA ALA D 442 20.23 12.44 8.18
C ALA D 442 21.00 12.79 6.91
N ARG D 443 21.68 13.94 6.91
CA ARG D 443 22.41 14.35 5.72
C ARG D 443 23.42 13.30 5.29
N LEU D 444 24.12 12.71 6.26
CA LEU D 444 25.17 11.74 5.94
C LEU D 444 24.63 10.51 5.23
N HIS D 445 23.30 10.24 5.30
CA HIS D 445 22.73 9.04 4.70
C HIS D 445 22.06 9.30 3.36
N LEU D 446 22.07 10.54 2.87
CA LEU D 446 21.24 10.82 1.67
C LEU D 446 21.90 10.34 0.37
N ALA D 447 23.22 10.50 0.22
CA ALA D 447 23.85 10.24 -1.08
C ALA D 447 23.78 8.77 -1.42
N LYS D 448 23.92 7.90 -0.40
CA LYS D 448 23.95 6.47 -0.66
C LYS D 448 22.64 5.99 -1.26
N ILE D 449 21.54 6.62 -0.90
CA ILE D 449 20.27 6.17 -1.43
C ILE D 449 19.77 7.09 -2.52
N GLY D 450 20.63 7.95 -3.05
CA GLY D 450 20.28 8.73 -4.25
C GLY D 450 19.37 9.91 -4.01
N VAL D 451 19.20 10.35 -2.77
CA VAL D 451 18.39 11.54 -2.50
C VAL D 451 19.14 12.78 -2.96
N LYS D 452 18.44 13.70 -3.69
CA LYS D 452 18.98 15.00 -4.03
C LYS D 452 18.25 16.04 -3.21
N LEU D 453 18.96 16.65 -2.26
CA LEU D 453 18.40 17.69 -1.39
C LEU D 453 18.41 19.04 -2.07
N THR D 454 17.27 19.73 -1.98
CA THR D 454 17.16 21.09 -2.49
C THR D 454 17.82 22.07 -1.52
N GLU D 455 18.47 23.11 -2.06
CA GLU D 455 19.03 24.14 -1.22
CA GLU D 455 19.05 24.17 -1.26
C GLU D 455 18.05 25.29 -1.10
N LEU D 456 17.78 25.71 0.14
CA LEU D 456 16.98 26.92 0.34
C LEU D 456 17.75 28.13 -0.11
N ARG D 457 17.11 29.03 -0.85
CA ARG D 457 17.66 30.33 -1.07
C ARG D 457 17.43 31.19 0.18
N LYS D 458 18.23 32.28 0.28
CA LYS D 458 18.17 33.06 1.51
C LYS D 458 16.78 33.67 1.70
N ASP D 459 16.17 34.14 0.61
CA ASP D 459 14.82 34.70 0.76
C ASP D 459 13.81 33.66 1.21
N GLN D 460 13.92 32.41 0.75
CA GLN D 460 13.02 31.37 1.19
C GLN D 460 13.28 31.01 2.64
N ALA D 461 14.56 31.00 3.05
CA ALA D 461 14.83 30.66 4.46
C ALA D 461 14.32 31.76 5.39
N ASP D 462 14.55 33.03 5.03
CA ASP D 462 13.99 34.14 5.79
C ASP D 462 12.46 34.03 5.87
N TYR D 463 11.81 33.58 4.78
CA TYR D 463 10.36 33.56 4.74
C TYR D 463 9.77 32.63 5.77
N ILE D 464 10.43 31.49 6.03
CA ILE D 464 9.97 30.54 7.04
C ILE D 464 10.77 30.63 8.34
N GLY D 465 11.62 31.64 8.48
CA GLY D 465 12.24 31.95 9.74
C GLY D 465 13.36 31.00 10.09
N VAL D 466 14.09 30.49 9.09
CA VAL D 466 15.19 29.56 9.40
C VAL D 466 16.47 30.00 8.70
N LYS D 467 17.60 29.47 9.17
CA LYS D 467 18.89 29.61 8.48
C LYS D 467 18.97 28.59 7.35
N GLN D 468 19.68 28.99 6.26
CA GLN D 468 19.80 28.09 5.12
C GLN D 468 20.45 26.78 5.52
N GLU D 469 21.39 26.83 6.46
CA GLU D 469 22.07 25.62 6.91
C GLU D 469 21.30 24.89 8.01
N GLY D 470 20.07 25.30 8.32
CA GLY D 470 19.33 24.64 9.39
C GLY D 470 19.72 25.25 10.74
N PRO D 471 19.05 24.83 11.81
CA PRO D 471 17.99 23.80 11.81
C PRO D 471 16.74 24.29 11.12
N TYR D 472 16.04 23.36 10.51
CA TYR D 472 14.90 23.72 9.66
C TYR D 472 13.56 23.72 10.40
N LYS D 473 13.54 23.19 11.62
CA LYS D 473 12.28 22.94 12.35
C LYS D 473 12.41 23.45 13.77
N SER D 474 11.26 23.84 14.33
CA SER D 474 11.21 24.24 15.75
C SER D 474 11.58 23.08 16.66
N ASP D 475 11.97 23.40 17.90
CA ASP D 475 12.28 22.36 18.88
CA ASP D 475 12.35 22.20 18.62
C ASP D 475 11.16 21.34 19.07
N HIS D 476 9.91 21.81 18.98
CA HIS D 476 8.76 20.95 19.24
C HIS D 476 8.20 20.28 18.00
N TYR D 477 8.86 20.44 16.85
CA TYR D 477 8.37 19.77 15.63
C TYR D 477 8.40 18.24 15.75
N ARG D 478 7.32 17.58 15.28
CA ARG D 478 7.22 16.13 15.51
C ARG D 478 7.57 15.25 14.31
N TYR D 479 7.74 15.81 13.13
CA TYR D 479 8.05 15.04 11.91
C TYR D 479 7.01 13.97 11.62
NA NA E . -14.51 10.62 -16.86
NA NA F . -0.16 -0.27 -0.12
PA NAD G . -17.44 -10.69 -12.97
O1A NAD G . -18.23 -11.86 -13.50
O2A NAD G . -15.98 -10.62 -13.31
O5B NAD G . -17.61 -10.58 -11.43
C5B NAD G . -18.88 -10.65 -10.72
C4B NAD G . -18.60 -11.39 -9.44
O4B NAD G . -19.80 -11.39 -8.67
C3B NAD G . -18.32 -12.84 -9.66
O3B NAD G . -16.99 -13.21 -9.23
C2B NAD G . -19.33 -13.56 -8.98
O2B NAD G . -18.90 -14.81 -8.38
C1B NAD G . -19.77 -12.59 -7.97
N9A NAD G . -21.14 -12.83 -7.46
C8A NAD G . -22.21 -13.20 -8.25
N7A NAD G . -23.30 -13.30 -7.39
C5A NAD G . -22.92 -12.92 -6.13
C6A NAD G . -23.54 -12.81 -4.89
N6A NAD G . -24.93 -13.12 -4.75
N1A NAD G . -22.85 -12.39 -3.85
C2A NAD G . -21.51 -12.14 -3.94
N3A NAD G . -20.84 -12.25 -5.10
C4A NAD G . -21.55 -12.63 -6.18
O3 NAD G . -18.19 -9.35 -13.54
PN NAD G . -17.58 -7.91 -13.60
O1N NAD G . -16.85 -7.67 -12.32
O2N NAD G . -16.79 -7.67 -14.88
O5D NAD G . -18.92 -7.05 -13.69
C5D NAD G . -19.79 -6.85 -12.60
C4D NAD G . -20.84 -5.82 -13.02
O4D NAD G . -20.17 -4.51 -13.17
C3D NAD G . -21.49 -6.14 -14.32
O3D NAD G . -22.84 -5.75 -14.20
C2D NAD G . -20.76 -5.24 -15.29
O2D NAD G . -21.52 -5.02 -16.49
C1D NAD G . -20.53 -4.01 -14.47
N1N NAD G . -19.49 -3.04 -14.94
C2N NAD G . -19.61 -1.77 -14.39
C3N NAD G . -18.57 -0.86 -14.63
C7N NAD G . -18.74 0.58 -14.25
O7N NAD G . -18.07 1.47 -14.76
N7N NAD G . -19.72 0.91 -13.26
C4N NAD G . -17.35 -1.24 -15.33
C5N NAD G . -17.27 -2.58 -15.87
C6N NAD G . -18.34 -3.45 -15.66
N9 ADE H . -18.00 3.34 -18.28
C8 ADE H . -17.35 3.68 -17.11
N7 ADE H . -16.88 4.90 -17.11
C5 ADE H . -17.25 5.40 -18.34
C6 ADE H . -17.02 6.65 -18.96
N6 ADE H . -16.31 7.65 -18.42
N1 ADE H . -17.59 6.86 -20.19
C2 ADE H . -18.21 5.85 -20.80
N3 ADE H . -18.46 4.62 -20.33
C4 ADE H . -17.95 4.46 -19.07
C1 PEG I . -7.70 4.07 -6.29
O1 PEG I . -7.89 5.32 -6.72
C2 PEG I . -6.40 3.79 -5.70
O2 PEG I . -5.63 2.93 -6.53
C3 PEG I . -4.18 3.00 -6.55
C4 PEG I . -3.66 1.66 -6.88
O4 PEG I . -3.59 0.73 -5.85
NA NA J . 8.52 -23.03 2.73
PA NAD K . 4.82 -15.78 -17.64
O1A NAD K . 3.54 -15.60 -16.99
O2A NAD K . 4.88 -16.27 -19.11
O5B NAD K . 5.69 -14.48 -17.51
C5B NAD K . 6.98 -14.28 -18.08
C4B NAD K . 7.01 -12.87 -18.59
O4B NAD K . 8.33 -12.61 -18.98
C3B NAD K . 6.11 -12.69 -19.79
O3B NAD K . 5.08 -11.68 -19.57
C2B NAD K . 7.05 -12.26 -20.80
O2B NAD K . 6.57 -11.26 -21.74
C1B NAD K . 8.23 -11.72 -20.06
N9A NAD K . 9.52 -11.70 -20.82
C8A NAD K . 10.02 -12.70 -21.66
N7A NAD K . 11.24 -12.27 -22.07
C5A NAD K . 11.52 -11.04 -21.54
C6A NAD K . 12.57 -10.14 -21.59
N6A NAD K . 13.66 -10.45 -22.46
N1A NAD K . 12.56 -8.99 -20.89
C2A NAD K . 11.46 -8.72 -20.10
N3A NAD K . 10.42 -9.54 -20.01
C4A NAD K . 10.42 -10.73 -20.72
O3 NAD K . 5.67 -16.93 -16.79
PN NAD K . 5.66 -17.03 -15.18
O1N NAD K . 4.57 -17.94 -14.75
O2N NAD K . 5.70 -15.70 -14.52
O5D NAD K . 7.06 -17.78 -14.95
C5D NAD K . 8.31 -17.12 -15.05
C4D NAD K . 9.32 -18.15 -14.67
O4D NAD K . 9.21 -18.38 -13.23
C3D NAD K . 9.23 -19.53 -15.26
O3D NAD K . 10.56 -20.02 -15.48
C2D NAD K . 8.52 -20.32 -14.18
O2D NAD K . 8.74 -21.70 -14.34
C1D NAD K . 9.15 -19.79 -12.93
N1N NAD K . 8.46 -20.03 -11.65
C2N NAD K . 9.21 -19.82 -10.50
C3N NAD K . 8.63 -19.91 -9.24
C7N NAD K . 9.49 -19.98 -8.02
O7N NAD K . 9.03 -20.51 -6.99
N7N NAD K . 10.78 -19.49 -8.06
C4N NAD K . 7.19 -19.91 -9.05
C5N NAD K . 6.43 -20.15 -10.28
C6N NAD K . 7.09 -20.30 -11.54
N9 ADE L . 8.06 -23.94 -5.43
C8 ADE L . 8.16 -22.75 -4.78
N7 ADE L . 8.23 -22.86 -3.48
C5 ADE L . 8.24 -24.23 -3.25
C6 ADE L . 8.27 -25.01 -2.07
N6 ADE L . 8.26 -24.49 -0.83
N1 ADE L . 8.22 -26.35 -2.20
C2 ADE L . 8.18 -26.86 -3.43
N3 ADE L . 8.09 -26.23 -4.63
C4 ADE L . 8.13 -24.91 -4.45
C1 PEG M . 15.01 -31.53 16.23
O1 PEG M . 14.07 -32.31 16.79
C2 PEG M . 14.65 -30.10 16.20
O2 PEG M . 15.84 -29.32 16.21
C3 PEG M . 16.05 -28.38 15.11
C4 PEG M . 17.48 -27.94 14.91
O4 PEG M . 17.59 -27.05 13.81
C ACT N . 27.18 -21.72 -14.33
O ACT N . 26.97 -22.11 -13.11
OXT ACT N . 28.39 -21.46 -14.64
CH3 ACT N . 26.06 -21.56 -15.33
NA NA O . -15.58 18.72 3.30
PA NAD P . 5.69 21.71 7.60
O1A NAD P . 5.40 20.51 8.44
O2A NAD P . 6.65 22.75 8.15
O5B NAD P . 6.23 21.22 6.21
C5B NAD P . 6.72 22.05 5.15
C4B NAD P . 7.90 21.37 4.51
O4B NAD P . 8.26 22.09 3.39
C3B NAD P . 9.06 21.34 5.46
O3B NAD P . 9.44 20.02 5.80
C2B NAD P . 10.07 22.06 4.74
O2B NAD P . 11.45 21.53 4.93
C1B NAD P . 9.65 21.95 3.33
N9A NAD P . 10.21 22.98 2.46
C8A NAD P . 10.35 24.30 2.74
N7A NAD P . 10.87 24.90 1.63
C5A NAD P . 11.01 24.00 0.61
C6A NAD P . 11.51 23.98 -0.69
N6A NAD P . 11.97 25.26 -1.24
N1A NAD P . 11.49 22.86 -1.42
C2A NAD P . 11.02 21.69 -0.86
N3A NAD P . 10.61 21.63 0.42
C4A NAD P . 10.57 22.78 1.16
O3 NAD P . 4.31 22.50 7.25
PN NAD P . 2.90 21.80 6.94
O1N NAD P . 2.18 21.63 8.22
O2N NAD P . 3.16 20.54 6.15
O5D NAD P . 2.21 22.93 6.09
C5D NAD P . 2.53 23.25 4.74
C4D NAD P . 1.57 24.28 4.28
O4D NAD P . 0.26 23.62 4.21
C3D NAD P . 1.34 25.44 5.19
O3D NAD P . 1.16 26.60 4.36
C2D NAD P . 0.09 25.11 5.94
O2D NAD P . -0.53 26.26 6.46
C1D NAD P . -0.71 24.43 4.84
N1N NAD P . -1.88 23.60 5.21
C2N NAD P . -2.82 23.30 4.23
C3N NAD P . -3.80 22.35 4.46
C7N NAD P . -4.95 22.30 3.50
O7N NAD P . -6.03 21.91 3.90
N7N NAD P . -4.74 22.68 2.19
C4N NAD P . -3.82 21.57 5.66
C5N NAD P . -2.90 22.01 6.72
C6N NAD P . -1.92 22.97 6.45
O5' 3D1 Q . -5.83 27.08 5.38
C5' 3D1 Q . -5.40 25.68 5.50
C4' 3D1 Q . -6.26 25.16 6.56
O4' 3D1 Q . -7.60 24.87 6.01
C1' 3D1 Q . -8.16 23.82 6.73
N9 3D1 Q . -9.17 23.07 6.08
C4 3D1 Q . -10.52 23.28 6.30
N3 3D1 Q . -11.23 24.24 7.03
C2 3D1 Q . -12.51 24.19 7.03
N1 3D1 Q . -13.21 23.23 6.34
C6 3D1 Q . -12.61 22.29 5.65
N6 3D1 Q . -13.36 21.31 4.94
C5 3D1 Q . -11.19 22.30 5.59
N7 3D1 Q . -10.23 21.52 4.93
C8 3D1 Q . -9.02 22.01 5.25
C2' 3D1 Q . -6.91 22.91 6.91
C3' 3D1 Q . -5.77 23.87 7.08
O3' 3D1 Q . -5.36 24.16 8.46
C ACT R . -1.86 36.14 -9.19
O ACT R . -1.64 36.75 -10.29
OXT ACT R . -3.06 35.69 -9.06
CH3 ACT R . -0.77 36.00 -8.14
NA NA S . 21.06 -7.01 10.58
PA NAD T . 6.48 4.00 22.55
O1A NAD T . 6.33 4.61 23.94
O2A NAD T . 6.63 4.91 21.35
O5B NAD T . 5.25 2.99 22.29
C5B NAD T . 4.74 2.04 23.23
C4B NAD T . 3.24 2.09 23.05
O4B NAD T . 2.70 1.05 23.82
C3B NAD T . 2.61 3.34 23.58
O3B NAD T . 1.95 4.14 22.57
C2B NAD T . 1.73 2.89 24.62
O2B NAD T . 0.52 3.67 24.73
C1B NAD T . 1.46 1.47 24.28
N9A NAD T . 1.03 0.66 25.43
C8A NAD T . 1.56 0.65 26.71
N7A NAD T . 0.91 -0.31 27.45
C5A NAD T . -0.03 -0.92 26.61
C6A NAD T . -0.97 -1.94 26.77
N6A NAD T . -1.07 -2.56 28.08
N1A NAD T . -1.70 -2.32 25.73
C2A NAD T . -1.59 -1.71 24.51
N3A NAD T . -0.73 -0.69 24.30
C4A NAD T . 0.07 -0.31 25.35
O3 NAD T . 7.77 3.02 22.60
PN NAD T . 8.53 2.36 21.41
O1N NAD T . 9.63 3.29 21.01
O2N NAD T . 7.49 1.95 20.34
O5D NAD T . 9.25 1.12 22.06
C5D NAD T . 8.52 -0.03 22.42
C4D NAD T . 9.46 -1.08 22.97
O4D NAD T . 10.24 -1.53 21.82
C3D NAD T . 10.46 -0.60 24.00
O3D NAD T . 10.65 -1.68 24.87
C2D NAD T . 11.69 -0.34 23.18
O2D NAD T . 12.89 -0.32 23.97
C1D NAD T . 11.64 -1.46 22.19
N1N NAD T . 12.45 -1.34 20.96
C2N NAD T . 12.64 -2.50 20.23
C3N NAD T . 13.29 -2.44 18.98
C7N NAD T . 13.73 -3.73 18.35
O7N NAD T . 14.57 -3.73 17.48
N7N NAD T . 13.14 -4.95 18.80
C4N NAD T . 13.42 -1.19 18.24
C5N NAD T . 13.23 0.04 19.02
C6N NAD T . 12.75 -0.10 20.34
O5' 3D1 U . 17.00 -3.15 22.41
C5' 3D1 U . 16.13 -2.65 21.34
C4' 3D1 U . 17.15 -2.03 20.46
O4' 3D1 U . 17.71 -3.05 19.57
C1' 3D1 U . 18.29 -2.35 18.53
N9 3D1 U . 18.54 -3.14 17.38
C4 3D1 U . 19.83 -3.49 16.98
N3 3D1 U . 21.05 -3.26 17.59
C2 3D1 U . 22.09 -3.74 16.97
N1 3D1 U . 22.10 -4.40 15.76
C6 3D1 U . 20.93 -4.62 15.15
N6 3D1 U . 20.95 -5.29 13.91
C5 3D1 U . 19.75 -4.17 15.79
N7 3D1 U . 18.38 -4.21 15.47
C8 3D1 U . 17.64 -3.59 16.43
C2' 3D1 U . 17.05 -1.46 18.20
C3' 3D1 U . 16.48 -1.09 19.52
O3' 3D1 U . 16.79 0.25 19.96
C1 PEG V . 6.47 0.01 3.61
O1 PEG V . 5.14 -0.07 3.71
C2 PEG V . 7.24 -1.14 3.08
O2 PEG V . 7.73 -1.96 4.16
C3 PEG V . 7.28 -3.31 4.44
C4 PEG V . 8.10 -3.92 5.54
O4 PEG V . 8.96 -4.97 5.26
#